data_3S6G
#
_entry.id   3S6G
#
_cell.length_a   113.426
_cell.length_b   117.470
_cell.length_c   149.297
_cell.angle_alpha   90.00
_cell.angle_beta   90.00
_cell.angle_gamma   90.00
#
_symmetry.space_group_name_H-M   'P 21 21 21'
#
loop_
_entity.id
_entity.type
_entity.pdbx_description
1 polymer 'N-acetylglutamate kinase / N-acetylglutamate synthase'
2 non-polymer 'MALONATE ION'
3 non-polymer 1,2-ETHANEDIOL
4 non-polymer 'SULFATE ION'
5 non-polymer 'COENZYME A'
6 water water
#
_entity_poly.entity_id   1
_entity_poly.type   'polypeptide(L)'
_entity_poly.pdbx_seq_one_letter_code
;(MSE)GSSHHHHHHSSGLVPRGSH(MSE)NPNAPGVRQTIVQLLSH(MSE)RDGKEIREYLHRFSGIDQERFAVIKVGGA
VIQDDLPGLASALAFLQTVGLTPVVVHGGGPQLDAALEAADIPTERVDGLRVTRDEA(MSE)PIIRDTLTQANLALVDAI
RDAGGRAAAVPRGVFEADIVDADKLGRVGEPRHIHLDLVGSAARAGQAAILACLGETPDGTLVNINADVAVRALVHALQP
YKVVFLTGTGGLLDEDGDILSSINLATDFGDL(MSE)QADWVNGG(MSE)RLKLEEIKRLLDDLPLSSSVSITRPSELAR
ELFTHAGSGTLIRRGER(MSE)VATDDKSSLDLGRLDNLVKAAFGRPAVEGYWDRLRVDRAFVTESYRAAAITTRLDGWV
YLDKFAVLDDARGEGLGRTVWNR(MSE)VDYAPQLIWRSRTNNPVNGFYFEECDGAVRRDEWTVFWRGE(MSE)GPVEVA
DVVEKAFALPPTLEAP
;
_entity_poly.pdbx_strand_id   A,B,X,Y
#
loop_
_chem_comp.id
_chem_comp.type
_chem_comp.name
_chem_comp.formula
COA non-polymer 'COENZYME A' 'C21 H36 N7 O16 P3 S'
EDO non-polymer 1,2-ETHANEDIOL 'C2 H6 O2'
MLI non-polymer 'MALONATE ION' 'C3 H2 O4 -2'
SO4 non-polymer 'SULFATE ION' 'O4 S -2'
#
# COMPACT_ATOMS: atom_id res chain seq x y z
N ALA A 25 -2.10 -8.69 3.57
CA ALA A 25 -0.76 -9.26 3.44
C ALA A 25 -0.45 -9.73 2.02
N PRO A 26 -1.34 -10.54 1.41
CA PRO A 26 -1.14 -11.02 0.03
C PRO A 26 -0.90 -9.90 -0.98
N GLY A 27 -1.36 -8.68 -0.67
CA GLY A 27 -1.18 -7.55 -1.55
C GLY A 27 0.26 -7.08 -1.62
N VAL A 28 0.86 -6.85 -0.45
CA VAL A 28 2.26 -6.44 -0.37
C VAL A 28 3.21 -7.61 -0.68
N ARG A 29 2.84 -8.81 -0.25
CA ARG A 29 3.65 -10.04 -0.40
C ARG A 29 4.08 -10.32 -1.85
N GLN A 30 3.12 -10.20 -2.78
CA GLN A 30 3.39 -10.21 -4.23
C GLN A 30 4.46 -9.20 -4.72
N THR A 31 4.30 -7.92 -4.40
CA THR A 31 5.24 -6.93 -4.90
C THR A 31 6.63 -7.19 -4.32
N ILE A 32 6.71 -7.30 -3.01
CA ILE A 32 8.00 -7.57 -2.38
C ILE A 32 8.73 -8.72 -3.07
N VAL A 33 8.01 -9.82 -3.37
CA VAL A 33 8.58 -10.93 -4.12
C VAL A 33 9.01 -10.57 -5.55
N GLN A 34 8.22 -9.79 -6.29
CA GLN A 34 8.60 -9.43 -7.65
C GLN A 34 9.96 -8.77 -7.66
N LEU A 35 10.11 -7.74 -6.84
CA LEU A 35 11.42 -7.16 -6.62
C LEU A 35 12.43 -8.28 -6.38
N LEU A 36 12.26 -8.96 -5.25
CA LEU A 36 13.21 -9.96 -4.80
C LEU A 36 13.50 -11.04 -5.83
N SER A 37 12.58 -11.27 -6.75
CA SER A 37 12.79 -12.31 -7.75
C SER A 37 14.07 -12.07 -8.54
N HIS A 38 14.31 -10.81 -8.88
CA HIS A 38 15.40 -10.49 -9.79
C HIS A 38 16.64 -10.13 -9.03
N MSE A 39 16.65 -10.42 -7.73
CA MSE A 39 17.86 -10.27 -6.90
C MSE A 39 18.66 -11.56 -6.88
O MSE A 39 18.13 -12.63 -7.13
CB MSE A 39 17.47 -9.91 -5.46
CG MSE A 39 16.66 -8.63 -5.31
SE MSE A 39 17.60 -6.99 -5.82
CE MSE A 39 19.35 -7.35 -5.00
N ARG A 40 19.94 -11.45 -6.55
CA ARG A 40 20.79 -12.64 -6.50
C ARG A 40 20.30 -13.61 -5.44
N ASP A 41 19.89 -13.08 -4.31
CA ASP A 41 19.36 -13.90 -3.21
C ASP A 41 17.85 -13.83 -3.12
N GLY A 42 17.20 -13.54 -4.23
CA GLY A 42 15.75 -13.44 -4.23
C GLY A 42 15.03 -14.74 -3.87
N LYS A 43 15.47 -15.84 -4.48
CA LYS A 43 14.97 -17.17 -4.21
C LYS A 43 14.81 -17.43 -2.72
N GLU A 44 15.91 -17.47 -1.98
CA GLU A 44 15.82 -17.87 -0.59
C GLU A 44 14.94 -16.96 0.24
N ILE A 45 14.96 -15.66 -0.07
CA ILE A 45 14.11 -14.73 0.66
C ILE A 45 12.65 -14.99 0.30
N ARG A 46 12.35 -15.07 -0.99
CA ARG A 46 11.01 -15.45 -1.42
C ARG A 46 10.52 -16.69 -0.66
N GLU A 47 11.45 -17.55 -0.26
CA GLU A 47 11.06 -18.83 0.30
C GLU A 47 10.76 -18.73 1.77
N TYR A 48 11.50 -17.88 2.48
CA TYR A 48 11.16 -17.56 3.86
C TYR A 48 9.76 -16.95 3.94
N LEU A 49 9.46 -16.05 2.99
CA LEU A 49 8.20 -15.32 2.98
C LEU A 49 6.99 -16.23 2.84
N HIS A 50 7.02 -17.07 1.82
CA HIS A 50 5.97 -18.06 1.62
C HIS A 50 5.84 -18.96 2.83
N ARG A 51 6.95 -19.29 3.45
CA ARG A 51 6.92 -20.15 4.63
C ARG A 51 6.09 -19.51 5.73
N PHE A 52 6.23 -18.20 5.86
CA PHE A 52 5.57 -17.48 6.93
C PHE A 52 4.49 -16.53 6.41
N SER A 53 3.82 -16.93 5.34
CA SER A 53 2.80 -16.06 4.75
C SER A 53 1.49 -16.07 5.55
N GLY A 54 1.38 -16.97 6.51
CA GLY A 54 0.13 -17.09 7.22
C GLY A 54 0.18 -17.43 8.70
N ILE A 55 -0.47 -16.59 9.48
CA ILE A 55 -0.92 -16.91 10.84
C ILE A 55 0.04 -17.69 11.74
N ASP A 56 1.33 -17.42 11.60
CA ASP A 56 2.33 -17.93 12.51
C ASP A 56 3.56 -17.04 12.33
N GLN A 57 3.28 -15.79 12.01
CA GLN A 57 4.31 -14.84 11.65
C GLN A 57 5.32 -14.73 12.77
N GLU A 58 4.91 -14.99 14.00
CA GLU A 58 5.84 -14.89 15.12
C GLU A 58 6.70 -16.17 15.32
N ARG A 59 6.64 -17.11 14.39
CA ARG A 59 7.41 -18.34 14.56
C ARG A 59 8.58 -18.37 13.61
N PHE A 60 8.83 -17.20 13.00
CA PHE A 60 9.99 -16.99 12.15
C PHE A 60 11.30 -17.05 12.91
N ALA A 61 11.47 -16.19 13.91
CA ALA A 61 12.78 -16.07 14.55
C ALA A 61 12.72 -15.48 15.93
N VAL A 62 13.51 -16.05 16.85
CA VAL A 62 13.83 -15.37 18.09
C VAL A 62 15.24 -14.85 17.99
N ILE A 63 15.41 -13.54 18.16
CA ILE A 63 16.69 -12.87 18.00
C ILE A 63 17.14 -12.31 19.33
N LYS A 64 18.23 -12.85 19.84
CA LYS A 64 18.82 -12.39 21.08
C LYS A 64 19.93 -11.36 20.80
N VAL A 65 19.85 -10.20 21.43
CA VAL A 65 20.89 -9.22 21.26
C VAL A 65 21.63 -8.97 22.57
N GLY A 66 22.95 -9.15 22.52
CA GLY A 66 23.81 -8.84 23.66
C GLY A 66 23.78 -7.36 24.03
N GLY A 67 23.89 -7.09 25.34
CA GLY A 67 23.89 -5.72 25.85
C GLY A 67 24.76 -4.77 25.05
N ALA A 68 25.99 -5.18 24.75
CA ALA A 68 26.93 -4.35 24.01
C ALA A 68 26.27 -3.76 22.76
N VAL A 69 25.92 -4.63 21.82
CA VAL A 69 25.40 -4.20 20.53
C VAL A 69 24.43 -3.01 20.62
N ILE A 70 23.51 -3.00 21.59
CA ILE A 70 22.57 -1.88 21.70
C ILE A 70 23.32 -0.60 22.09
N GLN A 71 24.36 -0.77 22.89
CA GLN A 71 25.24 0.33 23.29
C GLN A 71 26.03 0.85 22.09
N ASP A 72 26.75 -0.05 21.44
CA ASP A 72 27.66 0.37 20.39
C ASP A 72 26.94 0.62 19.08
N ASP A 73 26.46 -0.46 18.44
CA ASP A 73 25.83 -0.33 17.13
C ASP A 73 24.30 -0.33 17.13
N LEU A 74 23.69 0.43 18.02
CA LEU A 74 22.24 0.61 18.01
C LEU A 74 21.74 0.88 16.57
N PRO A 75 22.34 1.88 15.91
CA PRO A 75 21.89 2.31 14.58
C PRO A 75 21.92 1.21 13.54
N GLY A 76 22.89 0.31 13.60
CA GLY A 76 22.99 -0.81 12.67
C GLY A 76 22.03 -1.94 13.03
N LEU A 77 22.03 -2.32 14.31
CA LEU A 77 21.06 -3.23 14.88
C LEU A 77 19.65 -2.91 14.37
N ALA A 78 19.25 -1.66 14.59
CA ALA A 78 17.94 -1.16 14.18
C ALA A 78 17.71 -1.35 12.68
N SER A 79 18.69 -1.02 11.86
CA SER A 79 18.54 -1.15 10.42
C SER A 79 18.41 -2.62 9.97
N ALA A 80 19.18 -3.51 10.60
CA ALA A 80 19.05 -4.95 10.36
C ALA A 80 17.63 -5.42 10.64
N LEU A 81 17.19 -5.28 11.89
CA LEU A 81 15.84 -5.66 12.27
C LEU A 81 14.77 -5.06 11.35
N ALA A 82 15.01 -3.84 10.89
CA ALA A 82 14.04 -3.13 10.08
C ALA A 82 14.10 -3.59 8.65
N PHE A 83 15.15 -4.31 8.30
CA PHE A 83 15.23 -4.87 6.95
C PHE A 83 14.34 -6.10 6.90
N LEU A 84 14.51 -6.96 7.89
CA LEU A 84 13.70 -8.16 8.02
C LEU A 84 12.25 -7.75 8.03
N GLN A 85 11.91 -6.72 8.79
CA GLN A 85 10.52 -6.33 8.91
C GLN A 85 10.01 -5.72 7.59
N THR A 86 10.85 -5.00 6.87
CA THR A 86 10.33 -4.43 5.63
C THR A 86 10.02 -5.49 4.57
N VAL A 87 10.70 -6.65 4.62
CA VAL A 87 10.38 -7.70 3.65
C VAL A 87 9.21 -8.58 4.06
N GLY A 88 8.75 -8.47 5.30
CA GLY A 88 7.61 -9.24 5.76
C GLY A 88 7.89 -10.22 6.89
N LEU A 89 9.13 -10.24 7.35
CA LEU A 89 9.54 -11.15 8.43
C LEU A 89 9.55 -10.49 9.81
N THR A 90 8.73 -11.00 10.73
CA THR A 90 8.64 -10.37 12.04
C THR A 90 9.40 -11.12 13.13
N PRO A 91 10.58 -10.61 13.48
CA PRO A 91 11.43 -11.23 14.49
C PRO A 91 10.83 -11.01 15.86
N VAL A 92 11.19 -11.86 16.81
CA VAL A 92 10.80 -11.64 18.18
C VAL A 92 12.12 -11.40 18.87
N VAL A 93 12.38 -10.15 19.23
CA VAL A 93 13.70 -9.72 19.73
C VAL A 93 13.76 -9.64 21.26
N VAL A 94 14.84 -10.16 21.84
CA VAL A 94 15.02 -10.14 23.29
C VAL A 94 16.34 -9.51 23.62
N HIS A 95 16.35 -8.61 24.59
CA HIS A 95 17.58 -7.92 24.98
C HIS A 95 17.68 -7.83 26.49
N GLY A 96 18.90 -7.74 26.99
CA GLY A 96 19.13 -7.64 28.42
C GLY A 96 20.19 -6.59 28.76
N GLY A 97 20.03 -5.39 28.18
CA GLY A 97 20.96 -4.27 28.35
C GLY A 97 22.19 -4.45 29.21
N GLY A 98 22.99 -5.48 28.95
CA GLY A 98 24.14 -5.85 29.75
C GLY A 98 25.01 -4.75 30.36
N PRO A 99 26.05 -4.32 29.61
CA PRO A 99 27.04 -3.33 30.06
C PRO A 99 26.47 -2.00 30.59
N GLN A 100 25.49 -1.43 29.90
CA GLN A 100 24.92 -0.14 30.32
C GLN A 100 24.18 -0.27 31.65
N LEU A 101 23.78 -1.48 31.98
CA LEU A 101 23.14 -1.74 33.26
C LEU A 101 24.21 -1.91 34.34
N ASP A 102 25.21 -2.74 34.05
CA ASP A 102 26.34 -2.93 34.95
C ASP A 102 26.80 -1.59 35.50
N ALA A 103 27.02 -0.65 34.60
CA ALA A 103 27.43 0.70 34.99
C ALA A 103 26.36 1.41 35.82
N ALA A 104 25.10 1.29 35.40
CA ALA A 104 23.98 1.92 36.11
C ALA A 104 23.87 1.43 37.56
N LEU A 105 24.28 0.18 37.78
CA LEU A 105 24.28 -0.41 39.11
C LEU A 105 25.51 0.03 39.90
N GLU A 106 26.64 0.20 39.21
CA GLU A 106 27.80 0.87 39.78
C GLU A 106 27.45 2.32 40.10
N ALA A 107 26.44 2.85 39.41
CA ALA A 107 25.93 4.18 39.70
C ALA A 107 25.32 4.21 41.11
N ALA A 108 24.07 3.77 41.23
CA ALA A 108 23.36 3.79 42.51
C ALA A 108 24.08 2.98 43.58
N ASP A 109 25.02 2.15 43.13
CA ASP A 109 25.87 1.34 44.00
C ASP A 109 25.28 -0.04 44.31
N ILE A 110 25.90 -0.72 45.27
CA ILE A 110 25.53 -2.07 45.69
C ILE A 110 25.54 -3.10 44.54
N PRO A 111 26.63 -3.12 43.74
CA PRO A 111 26.75 -4.08 42.64
C PRO A 111 27.96 -5.00 42.80
N THR A 112 27.74 -6.31 42.94
CA THR A 112 28.84 -7.26 43.02
C THR A 112 28.31 -8.70 42.95
N GLU A 113 27.59 -9.08 44.00
CA GLU A 113 27.14 -10.46 44.26
C GLU A 113 26.89 -11.37 43.06
N ARG A 114 27.79 -12.32 42.85
CA ARG A 114 27.61 -13.38 41.86
C ARG A 114 27.76 -14.73 42.55
N VAL A 115 26.87 -15.02 43.49
CA VAL A 115 27.00 -16.22 44.32
C VAL A 115 27.03 -17.52 43.51
N ASP A 116 25.88 -18.18 43.38
CA ASP A 116 25.80 -19.50 42.78
C ASP A 116 26.57 -19.64 41.46
N GLY A 117 25.86 -19.44 40.35
CA GLY A 117 26.49 -19.45 39.04
C GLY A 117 26.03 -18.20 38.31
N LEU A 118 25.00 -17.57 38.85
CA LEU A 118 24.44 -16.35 38.29
C LEU A 118 24.70 -15.17 39.22
N ARG A 119 24.35 -13.98 38.74
CA ARG A 119 24.29 -12.79 39.57
C ARG A 119 23.14 -12.92 40.54
N VAL A 120 23.25 -12.24 41.69
CA VAL A 120 22.14 -12.15 42.63
C VAL A 120 21.67 -10.69 42.73
N THR A 121 20.38 -10.47 42.54
CA THR A 121 19.83 -9.12 42.50
C THR A 121 18.86 -8.86 43.65
N ARG A 122 19.30 -8.10 44.64
CA ARG A 122 18.49 -7.84 45.83
C ARG A 122 17.48 -6.71 45.61
N ASP A 123 16.53 -6.61 46.54
CA ASP A 123 15.43 -5.63 46.46
C ASP A 123 15.86 -4.22 46.06
N GLU A 124 17.10 -3.87 46.41
CA GLU A 124 17.63 -2.52 46.16
C GLU A 124 17.93 -2.27 44.69
N ALA A 125 18.31 -3.33 43.98
CA ALA A 125 18.81 -3.22 42.62
C ALA A 125 17.72 -3.31 41.56
N MSE A 126 16.49 -3.62 41.99
CA MSE A 126 15.39 -3.86 41.05
C MSE A 126 14.84 -2.59 40.38
O MSE A 126 14.85 -2.50 39.15
CB MSE A 126 14.25 -4.67 41.72
CG MSE A 126 13.28 -5.32 40.72
SE MSE A 126 14.01 -6.84 39.68
CE MSE A 126 13.33 -8.28 40.80
N PRO A 127 14.39 -1.61 41.16
CA PRO A 127 13.81 -0.44 40.51
C PRO A 127 14.66 0.15 39.37
N ILE A 128 15.95 -0.15 39.32
CA ILE A 128 16.78 0.41 38.26
C ILE A 128 17.20 -0.58 37.17
N ILE A 129 17.14 -1.87 37.48
CA ILE A 129 17.25 -2.86 36.41
C ILE A 129 16.06 -2.67 35.48
N ARG A 130 14.87 -2.55 36.07
CA ARG A 130 13.69 -2.19 35.31
C ARG A 130 13.96 -1.01 34.41
N ASP A 131 14.07 0.16 35.01
CA ASP A 131 14.16 1.39 34.24
C ASP A 131 15.24 1.35 33.16
N THR A 132 16.33 0.63 33.42
CA THR A 132 17.38 0.52 32.40
C THR A 132 16.91 -0.31 31.19
N LEU A 133 16.41 -1.51 31.47
CA LEU A 133 15.83 -2.39 30.44
C LEU A 133 14.62 -1.77 29.72
N THR A 134 13.64 -1.32 30.49
CA THR A 134 12.48 -0.65 29.93
C THR A 134 12.92 0.51 29.05
N GLN A 135 13.98 1.20 29.47
CA GLN A 135 14.52 2.31 28.70
C GLN A 135 15.13 1.89 27.36
N ALA A 136 16.05 0.92 27.39
CA ALA A 136 16.65 0.43 26.15
C ALA A 136 15.58 -0.11 25.21
N ASN A 137 14.58 -0.74 25.82
CA ASN A 137 13.43 -1.25 25.09
C ASN A 137 12.81 -0.22 24.13
N LEU A 138 12.61 0.98 24.65
CA LEU A 138 12.02 2.07 23.86
C LEU A 138 13.01 2.56 22.84
N ALA A 139 14.26 2.70 23.24
CA ALA A 139 15.26 3.21 22.32
C ALA A 139 15.31 2.28 21.11
N LEU A 140 15.26 0.98 21.38
CA LEU A 140 15.38 0.02 20.30
C LEU A 140 14.12 0.04 19.43
N VAL A 141 12.97 -0.05 20.06
CA VAL A 141 11.71 0.19 19.35
C VAL A 141 11.75 1.45 18.49
N ASP A 142 12.29 2.53 19.04
CA ASP A 142 12.27 3.79 18.33
C ASP A 142 13.30 3.84 17.21
N ALA A 143 14.50 3.29 17.45
CA ALA A 143 15.48 3.14 16.37
C ALA A 143 14.91 2.37 15.16
N ILE A 144 14.12 1.33 15.42
CA ILE A 144 13.59 0.49 14.34
C ILE A 144 12.60 1.31 13.53
N ARG A 145 11.67 1.96 14.24
CA ARG A 145 10.74 2.85 13.56
C ARG A 145 11.46 3.92 12.73
N ASP A 146 12.56 4.47 13.26
CA ASP A 146 13.34 5.49 12.58
C ASP A 146 14.02 4.95 11.35
N ALA A 147 14.50 3.72 11.45
CA ALA A 147 15.28 3.11 10.38
C ALA A 147 14.36 2.64 9.26
N GLY A 148 13.06 2.92 9.40
CA GLY A 148 12.06 2.53 8.40
C GLY A 148 11.39 1.20 8.68
N GLY A 149 11.48 0.72 9.92
CA GLY A 149 10.83 -0.52 10.32
C GLY A 149 9.62 -0.32 11.21
N ARG A 150 9.04 -1.43 11.67
CA ARG A 150 7.86 -1.40 12.53
C ARG A 150 8.15 -2.29 13.71
N ALA A 151 7.79 -1.83 14.91
CA ALA A 151 8.20 -2.52 16.12
C ALA A 151 7.33 -2.17 17.32
N ALA A 152 6.89 -3.19 18.05
CA ALA A 152 6.09 -3.00 19.25
C ALA A 152 6.95 -3.15 20.51
N ALA A 153 6.67 -2.32 21.51
CA ALA A 153 7.38 -2.35 22.78
C ALA A 153 6.69 -3.33 23.70
N VAL A 154 7.42 -4.36 24.12
CA VAL A 154 6.85 -5.37 24.98
C VAL A 154 7.78 -5.62 26.15
N PRO A 155 7.82 -4.71 27.10
CA PRO A 155 8.86 -4.76 28.12
C PRO A 155 8.43 -5.61 29.29
N ARG A 156 7.14 -5.90 29.36
CA ARG A 156 6.57 -6.64 30.47
C ARG A 156 5.35 -7.42 29.98
N GLY A 157 4.97 -8.45 30.71
CA GLY A 157 3.79 -9.23 30.39
C GLY A 157 4.03 -10.62 29.87
N VAL A 158 5.21 -10.87 29.30
CA VAL A 158 5.47 -12.14 28.62
C VAL A 158 6.04 -13.18 29.55
N PHE A 159 7.13 -12.84 30.25
CA PHE A 159 7.77 -13.80 31.16
C PHE A 159 7.08 -13.91 32.53
N GLU A 160 6.38 -15.01 32.76
CA GLU A 160 5.89 -15.32 34.09
C GLU A 160 6.94 -16.22 34.76
N ALA A 161 7.18 -16.02 36.06
CA ALA A 161 8.29 -16.69 36.71
C ALA A 161 8.03 -17.00 38.18
N ASP A 162 8.46 -18.17 38.62
CA ASP A 162 8.58 -18.45 40.04
C ASP A 162 9.88 -17.82 40.54
N ILE A 163 9.84 -17.16 41.68
CA ILE A 163 11.07 -16.59 42.23
C ILE A 163 12.02 -17.72 42.72
N VAL A 164 13.22 -17.77 42.15
CA VAL A 164 14.19 -18.83 42.40
C VAL A 164 14.55 -19.01 43.89
N ASP A 165 15.75 -18.59 44.28
CA ASP A 165 16.17 -18.69 45.68
C ASP A 165 15.90 -17.37 46.40
N ALA A 166 14.76 -17.31 47.07
CA ALA A 166 14.33 -16.09 47.76
C ALA A 166 15.52 -15.37 48.36
N ASP A 167 16.32 -16.08 49.16
CA ASP A 167 17.43 -15.46 49.89
C ASP A 167 18.74 -15.40 49.10
N LYS A 168 19.39 -16.56 48.95
CA LYS A 168 20.73 -16.61 48.36
C LYS A 168 20.92 -15.79 47.07
N LEU A 169 19.85 -15.66 46.28
CA LEU A 169 19.96 -14.91 45.02
C LEU A 169 19.02 -13.70 44.97
N GLY A 170 17.94 -13.76 45.75
CA GLY A 170 17.02 -12.62 45.84
C GLY A 170 15.91 -12.62 44.80
N ARG A 171 15.54 -11.42 44.37
CA ARG A 171 14.44 -11.25 43.41
C ARG A 171 14.85 -11.67 42.01
N VAL A 172 15.08 -12.96 41.83
CA VAL A 172 15.33 -13.53 40.51
C VAL A 172 14.34 -14.68 40.31
N GLY A 173 13.94 -14.91 39.06
CA GLY A 173 12.93 -15.92 38.81
C GLY A 173 13.28 -16.89 37.70
N GLU A 174 12.76 -18.10 37.81
CA GLU A 174 12.84 -19.07 36.73
C GLU A 174 11.50 -19.02 35.98
N PRO A 175 11.55 -18.78 34.67
CA PRO A 175 10.30 -18.71 33.90
C PRO A 175 9.42 -19.95 34.11
N ARG A 176 8.16 -19.71 34.45
CA ARG A 176 7.19 -20.76 34.71
C ARG A 176 6.21 -20.89 33.55
N HIS A 177 5.87 -19.76 32.94
CA HIS A 177 4.91 -19.77 31.84
C HIS A 177 5.18 -18.61 30.87
N ILE A 178 4.97 -18.85 29.58
CA ILE A 178 5.19 -17.80 28.60
C ILE A 178 3.89 -17.32 27.97
N HIS A 179 3.54 -16.08 28.25
CA HIS A 179 2.38 -15.44 27.65
C HIS A 179 2.73 -14.86 26.30
N LEU A 180 2.30 -15.53 25.23
CA LEU A 180 2.65 -15.08 23.90
C LEU A 180 1.62 -14.13 23.32
N ASP A 181 0.59 -13.81 24.09
CA ASP A 181 -0.54 -13.01 23.59
C ASP A 181 -0.10 -11.68 22.99
N LEU A 182 0.78 -10.99 23.70
CA LEU A 182 1.29 -9.71 23.23
C LEU A 182 2.16 -9.85 21.98
N VAL A 183 2.97 -10.92 21.96
CA VAL A 183 3.86 -11.18 20.84
C VAL A 183 3.06 -11.44 19.57
N GLY A 184 2.02 -12.26 19.69
CA GLY A 184 1.18 -12.58 18.55
C GLY A 184 0.43 -11.36 18.07
N SER A 185 0.13 -10.47 19.00
CA SER A 185 -0.60 -9.25 18.68
C SER A 185 0.31 -8.40 17.84
N ALA A 186 1.58 -8.38 18.20
CA ALA A 186 2.56 -7.62 17.43
C ALA A 186 2.76 -8.25 16.07
N ALA A 187 3.09 -9.54 16.06
CA ALA A 187 3.30 -10.24 14.80
C ALA A 187 2.12 -10.05 13.86
N ARG A 188 0.92 -10.37 14.35
CA ARG A 188 -0.31 -10.25 13.58
C ARG A 188 -0.42 -8.94 12.83
N ALA A 189 0.16 -7.88 13.41
CA ALA A 189 0.10 -6.54 12.81
C ALA A 189 1.31 -6.21 11.95
N GLY A 190 2.28 -7.12 11.90
CA GLY A 190 3.48 -6.89 11.12
C GLY A 190 4.54 -6.07 11.85
N GLN A 191 4.44 -6.00 13.18
CA GLN A 191 5.49 -5.37 14.01
C GLN A 191 6.41 -6.40 14.66
N ALA A 192 7.69 -6.06 14.75
CA ALA A 192 8.64 -6.89 15.48
C ALA A 192 8.44 -6.71 16.96
N ALA A 193 8.17 -7.79 17.68
CA ALA A 193 7.99 -7.70 19.12
C ALA A 193 9.34 -7.52 19.79
N ILE A 194 9.57 -6.37 20.42
CA ILE A 194 10.78 -6.14 21.19
C ILE A 194 10.54 -6.42 22.67
N LEU A 195 11.21 -7.45 23.21
CA LEU A 195 10.98 -7.95 24.58
C LEU A 195 12.17 -7.78 25.52
N ALA A 196 11.93 -7.11 26.64
CA ALA A 196 12.93 -7.00 27.70
C ALA A 196 12.82 -8.17 28.67
N CYS A 197 13.95 -8.56 29.27
CA CYS A 197 14.01 -9.63 30.26
C CYS A 197 13.50 -9.21 31.63
N LEU A 198 12.26 -8.74 31.68
CA LEU A 198 11.65 -8.42 32.95
C LEU A 198 10.57 -9.44 33.21
N GLY A 199 10.68 -10.09 34.37
CA GLY A 199 9.77 -11.16 34.75
C GLY A 199 8.73 -10.69 35.73
N GLU A 200 7.82 -11.58 36.07
CA GLU A 200 6.82 -11.32 37.09
C GLU A 200 6.23 -12.61 37.62
N THR A 201 6.17 -12.72 38.95
CA THR A 201 5.61 -13.90 39.59
C THR A 201 4.09 -13.96 39.40
N PRO A 202 3.47 -15.08 39.76
CA PRO A 202 2.00 -15.18 39.61
C PRO A 202 1.28 -14.27 40.58
N ASP A 203 1.95 -13.91 41.67
CA ASP A 203 1.44 -12.92 42.62
C ASP A 203 1.83 -11.50 42.19
N GLY A 204 2.10 -11.31 40.91
CA GLY A 204 2.36 -10.00 40.36
C GLY A 204 3.64 -9.31 40.82
N THR A 205 4.56 -10.08 41.37
CA THR A 205 5.84 -9.53 41.85
C THR A 205 6.88 -9.46 40.73
N LEU A 206 7.12 -8.25 40.24
CA LEU A 206 8.13 -8.01 39.23
C LEU A 206 9.42 -8.68 39.64
N VAL A 207 10.08 -9.34 38.69
CA VAL A 207 11.29 -10.06 39.01
C VAL A 207 12.31 -10.05 37.86
N ASN A 208 13.56 -10.34 38.19
CA ASN A 208 14.64 -10.35 37.22
C ASN A 208 14.90 -11.75 36.67
N ILE A 209 14.85 -11.85 35.34
CA ILE A 209 15.00 -13.09 34.60
C ILE A 209 16.43 -13.15 34.04
N ASN A 210 17.08 -14.30 34.16
CA ASN A 210 18.35 -14.49 33.46
C ASN A 210 18.12 -14.53 31.95
N ALA A 211 18.97 -13.83 31.20
CA ALA A 211 18.78 -13.65 29.76
C ALA A 211 18.78 -14.95 28.93
N ASP A 212 19.51 -15.94 29.39
CA ASP A 212 19.66 -17.17 28.61
C ASP A 212 18.57 -18.17 28.94
N VAL A 213 18.14 -18.18 30.19
CA VAL A 213 16.98 -18.96 30.57
C VAL A 213 15.76 -18.32 29.93
N ALA A 214 15.87 -17.02 29.67
CA ALA A 214 14.80 -16.28 29.04
C ALA A 214 14.62 -16.71 27.58
N VAL A 215 15.73 -16.76 26.85
CA VAL A 215 15.70 -17.18 25.45
C VAL A 215 15.22 -18.63 25.35
N ARG A 216 15.77 -19.50 26.19
CA ARG A 216 15.39 -20.91 26.18
C ARG A 216 13.87 -21.08 26.34
N ALA A 217 13.29 -20.31 27.25
CA ALA A 217 11.87 -20.39 27.51
C ALA A 217 11.07 -19.92 26.30
N LEU A 218 11.49 -18.78 25.76
CA LEU A 218 10.81 -18.20 24.61
C LEU A 218 10.94 -19.12 23.39
N VAL A 219 12.15 -19.65 23.17
CA VAL A 219 12.36 -20.57 22.06
C VAL A 219 11.51 -21.83 22.18
N HIS A 220 11.43 -22.37 23.39
CA HIS A 220 10.59 -23.54 23.63
C HIS A 220 9.14 -23.27 23.21
N ALA A 221 8.65 -22.09 23.60
CA ALA A 221 7.27 -21.68 23.40
C ALA A 221 6.87 -21.36 21.95
N LEU A 222 7.77 -20.68 21.23
CA LEU A 222 7.52 -20.26 19.86
C LEU A 222 7.89 -21.32 18.85
N GLN A 223 8.83 -22.19 19.22
CA GLN A 223 9.30 -23.21 18.28
C GLN A 223 9.70 -22.55 16.96
N PRO A 224 10.59 -21.54 17.04
CA PRO A 224 10.94 -20.72 15.89
C PRO A 224 11.67 -21.52 14.84
N TYR A 225 11.71 -21.02 13.61
CA TYR A 225 12.55 -21.58 12.55
C TYR A 225 14.03 -21.16 12.73
N LYS A 226 14.22 -19.90 13.10
CA LYS A 226 15.56 -19.36 13.34
C LYS A 226 15.73 -18.93 14.77
N VAL A 227 16.89 -19.23 15.33
CA VAL A 227 17.32 -18.58 16.58
C VAL A 227 18.62 -17.86 16.31
N VAL A 228 18.60 -16.56 16.43
CA VAL A 228 19.77 -15.74 16.10
C VAL A 228 20.40 -15.09 17.32
N PHE A 229 21.71 -15.10 17.39
CA PHE A 229 22.44 -14.37 18.40
C PHE A 229 23.30 -13.28 17.74
N LEU A 230 22.83 -12.04 17.84
CA LEU A 230 23.60 -10.90 17.38
C LEU A 230 24.67 -10.52 18.40
N THR A 231 25.92 -10.48 17.94
CA THR A 231 27.05 -10.06 18.76
C THR A 231 27.85 -9.04 17.96
N GLY A 232 28.84 -8.43 18.60
CA GLY A 232 29.69 -7.44 17.96
C GLY A 232 30.86 -8.09 17.26
N THR A 233 31.35 -9.18 17.86
CA THR A 233 32.42 -10.00 17.29
C THR A 233 31.88 -11.01 16.26
N GLY A 234 30.56 -11.08 16.18
CA GLY A 234 29.83 -11.84 15.18
C GLY A 234 30.44 -13.06 14.50
N GLY A 235 30.44 -14.20 15.19
CA GLY A 235 30.83 -15.45 14.55
C GLY A 235 31.81 -16.21 15.41
N LEU A 236 31.60 -17.51 15.53
CA LEU A 236 32.49 -18.36 16.32
C LEU A 236 33.82 -18.66 15.59
N LEU A 237 34.84 -19.04 16.33
CA LEU A 237 36.19 -19.18 15.76
C LEU A 237 36.72 -20.61 15.85
N ASP A 238 37.46 -21.07 14.84
CA ASP A 238 38.06 -22.40 14.92
C ASP A 238 39.44 -22.37 15.54
N GLU A 239 40.18 -23.47 15.42
CA GLU A 239 41.53 -23.51 15.95
C GLU A 239 42.41 -22.40 15.35
N ASP A 240 42.48 -22.36 14.02
CA ASP A 240 43.36 -21.42 13.32
C ASP A 240 42.92 -19.94 13.37
N GLY A 241 41.89 -19.65 14.15
CA GLY A 241 41.42 -18.29 14.31
C GLY A 241 40.46 -17.83 13.23
N ASP A 242 40.14 -18.72 12.29
CA ASP A 242 39.19 -18.38 11.23
C ASP A 242 37.77 -18.56 11.72
N ILE A 243 36.84 -17.88 11.07
CA ILE A 243 35.43 -18.05 11.39
C ILE A 243 35.00 -19.50 11.18
N LEU A 244 34.35 -20.05 12.19
CA LEU A 244 33.80 -21.39 12.13
C LEU A 244 32.43 -21.27 11.46
N SER A 245 32.35 -21.65 10.19
CA SER A 245 31.19 -21.33 9.37
C SER A 245 29.92 -22.17 9.60
N SER A 246 30.07 -23.45 9.90
CA SER A 246 28.89 -24.25 10.27
C SER A 246 29.25 -25.39 11.20
N ILE A 247 28.31 -25.75 12.05
CA ILE A 247 28.44 -26.91 12.92
C ILE A 247 27.26 -27.84 12.72
N ASN A 248 27.55 -29.10 12.42
CA ASN A 248 26.55 -30.16 12.32
C ASN A 248 26.66 -30.99 13.59
N LEU A 249 25.85 -30.65 14.58
CA LEU A 249 26.03 -31.18 15.94
C LEU A 249 26.04 -32.71 16.06
N ALA A 250 25.25 -33.40 15.25
CA ALA A 250 25.23 -34.87 15.35
C ALA A 250 26.63 -35.46 15.24
N THR A 251 27.48 -34.83 14.43
CA THR A 251 28.84 -35.30 14.16
C THR A 251 29.93 -34.47 14.83
N ASP A 252 29.68 -33.19 15.07
CA ASP A 252 30.72 -32.30 15.60
C ASP A 252 30.68 -32.11 17.12
N PHE A 253 29.50 -32.18 17.72
CA PHE A 253 29.39 -31.78 19.12
C PHE A 253 30.43 -32.44 20.04
N GLY A 254 30.61 -33.73 19.92
CA GLY A 254 31.49 -34.46 20.84
C GLY A 254 32.91 -33.96 20.73
N ASP A 255 33.45 -33.98 19.50
CA ASP A 255 34.80 -33.49 19.23
C ASP A 255 35.04 -32.09 19.85
N LEU A 256 34.27 -31.11 19.39
CA LEU A 256 34.28 -29.75 19.93
C LEU A 256 34.38 -29.70 21.47
N MSE A 257 33.80 -30.69 22.12
CA MSE A 257 33.65 -30.65 23.58
C MSE A 257 34.91 -31.15 24.26
O MSE A 257 35.11 -30.95 25.44
CB MSE A 257 32.44 -31.49 24.01
CG MSE A 257 31.58 -30.84 25.07
SE MSE A 257 30.93 -29.06 24.63
CE MSE A 257 29.83 -28.83 26.20
N GLN A 258 35.76 -31.82 23.48
CA GLN A 258 36.94 -32.43 24.03
C GLN A 258 38.22 -31.84 23.46
N ALA A 259 38.07 -30.90 22.53
CA ALA A 259 39.22 -30.23 21.93
C ALA A 259 39.84 -29.19 22.88
N ASP A 260 41.17 -29.20 22.97
CA ASP A 260 41.88 -28.27 23.83
C ASP A 260 41.52 -26.80 23.53
N TRP A 261 41.51 -26.45 22.25
CA TRP A 261 41.32 -25.06 21.83
C TRP A 261 39.95 -24.52 22.21
N VAL A 262 38.91 -25.34 22.02
CA VAL A 262 37.57 -24.95 22.45
C VAL A 262 37.62 -24.65 23.94
N ASN A 263 37.46 -23.37 24.28
CA ASN A 263 37.60 -22.90 25.64
C ASN A 263 36.30 -23.05 26.45
N GLY A 264 36.29 -22.48 27.65
CA GLY A 264 35.15 -22.58 28.54
C GLY A 264 33.94 -21.73 28.18
N GLY A 265 34.18 -20.50 27.75
CA GLY A 265 33.10 -19.61 27.37
C GLY A 265 32.35 -20.15 26.16
N MSE A 266 33.11 -20.64 25.19
CA MSE A 266 32.53 -21.19 23.97
C MSE A 266 31.88 -22.53 24.27
O MSE A 266 30.76 -22.77 23.85
CB MSE A 266 33.59 -21.28 22.87
CG MSE A 266 33.10 -21.88 21.55
SE MSE A 266 34.48 -22.02 20.16
CE MSE A 266 33.78 -23.46 19.08
N ARG A 267 32.57 -23.42 24.98
CA ARG A 267 31.97 -24.69 25.42
C ARG A 267 30.58 -24.44 26.02
N LEU A 268 30.46 -23.36 26.79
CA LEU A 268 29.20 -23.03 27.45
C LEU A 268 28.09 -22.72 26.46
N LYS A 269 28.46 -22.00 25.40
CA LYS A 269 27.53 -21.62 24.35
C LYS A 269 27.07 -22.85 23.60
N LEU A 270 27.98 -23.78 23.30
CA LEU A 270 27.60 -24.97 22.56
C LEU A 270 26.59 -25.79 23.37
N GLU A 271 26.93 -26.10 24.62
CA GLU A 271 26.00 -26.75 25.54
C GLU A 271 24.58 -26.16 25.42
N GLU A 272 24.50 -24.84 25.47
CA GLU A 272 23.22 -24.15 25.51
C GLU A 272 22.51 -24.23 24.16
N ILE A 273 23.28 -24.03 23.09
CA ILE A 273 22.74 -24.08 21.74
C ILE A 273 22.27 -25.49 21.38
N LYS A 274 22.98 -26.50 21.87
CA LYS A 274 22.53 -27.86 21.65
C LYS A 274 21.21 -28.11 22.37
N ARG A 275 21.05 -27.62 23.60
CA ARG A 275 19.75 -27.70 24.26
C ARG A 275 18.64 -27.01 23.45
N LEU A 276 18.87 -25.77 23.04
CA LEU A 276 17.87 -25.12 22.22
C LEU A 276 17.45 -26.05 21.08
N LEU A 277 18.43 -26.56 20.35
CA LEU A 277 18.16 -27.25 19.08
C LEU A 277 17.56 -28.64 19.24
N ASP A 278 17.79 -29.26 20.39
CA ASP A 278 17.27 -30.60 20.66
C ASP A 278 15.80 -30.49 20.91
N ASP A 279 15.35 -29.28 21.19
CA ASP A 279 13.94 -29.02 21.49
C ASP A 279 13.23 -28.30 20.34
N LEU A 280 13.86 -28.23 19.18
CA LEU A 280 13.17 -27.68 18.00
C LEU A 280 13.07 -28.70 16.89
N PRO A 281 12.18 -28.46 15.92
CA PRO A 281 12.18 -29.32 14.73
C PRO A 281 13.53 -29.35 13.99
N LEU A 282 13.74 -30.42 13.23
CA LEU A 282 14.94 -30.58 12.43
C LEU A 282 15.25 -29.40 11.52
N SER A 283 14.23 -28.70 11.03
CA SER A 283 14.46 -27.66 10.03
C SER A 283 14.94 -26.34 10.64
N SER A 284 14.87 -26.27 11.97
CA SER A 284 15.34 -25.10 12.71
C SER A 284 16.84 -25.01 12.72
N SER A 285 17.37 -23.82 12.95
CA SER A 285 18.83 -23.59 13.03
C SER A 285 19.15 -22.34 13.81
N VAL A 286 20.29 -22.36 14.49
CA VAL A 286 20.82 -21.22 15.21
C VAL A 286 21.91 -20.49 14.42
N SER A 287 21.84 -19.17 14.37
CA SER A 287 22.86 -18.39 13.69
C SER A 287 23.49 -17.46 14.69
N ILE A 288 24.82 -17.42 14.72
CA ILE A 288 25.49 -16.41 15.54
C ILE A 288 26.29 -15.45 14.66
N THR A 289 25.97 -14.15 14.72
CA THR A 289 26.42 -13.19 13.73
C THR A 289 26.39 -11.72 14.18
N ARG A 290 26.89 -10.83 13.33
CA ARG A 290 26.89 -9.40 13.59
C ARG A 290 25.65 -8.80 12.92
N PRO A 291 25.08 -7.76 13.54
CA PRO A 291 23.86 -7.12 12.99
C PRO A 291 24.04 -6.76 11.52
N SER A 292 25.20 -6.22 11.17
CA SER A 292 25.47 -5.79 9.79
C SER A 292 25.46 -6.94 8.78
N GLU A 293 25.55 -8.18 9.28
CA GLU A 293 25.69 -9.35 8.43
C GLU A 293 24.47 -10.27 8.51
N LEU A 294 23.39 -9.80 9.13
CA LEU A 294 22.21 -10.65 9.35
C LEU A 294 21.60 -11.12 8.05
N ALA A 295 21.40 -10.19 7.12
CA ALA A 295 20.82 -10.52 5.83
C ALA A 295 21.64 -11.63 5.17
N ARG A 296 22.93 -11.38 4.93
CA ARG A 296 23.79 -12.41 4.34
C ARG A 296 23.75 -13.75 5.09
N GLU A 297 23.55 -13.73 6.41
CA GLU A 297 23.51 -14.98 7.17
C GLU A 297 22.24 -15.81 6.93
N LEU A 298 21.07 -15.17 6.97
CA LEU A 298 19.80 -15.85 6.74
C LEU A 298 19.52 -16.19 5.27
N PHE A 299 20.01 -15.38 4.34
CA PHE A 299 19.52 -15.48 2.98
C PHE A 299 20.57 -15.87 1.95
N THR A 300 21.80 -16.09 2.39
CA THR A 300 22.78 -16.72 1.51
C THR A 300 23.33 -17.93 2.23
N HIS A 301 24.03 -18.76 1.47
CA HIS A 301 24.73 -19.87 2.06
C HIS A 301 26.22 -19.51 2.09
N ALA A 302 26.42 -18.22 2.33
CA ALA A 302 27.68 -17.64 2.77
C ALA A 302 27.40 -16.92 4.08
N GLY A 303 28.05 -15.77 4.27
CA GLY A 303 27.89 -14.99 5.48
C GLY A 303 28.98 -15.25 6.49
N SER A 304 29.38 -14.18 7.19
CA SER A 304 30.46 -14.24 8.16
C SER A 304 30.06 -14.96 9.48
N GLY A 305 28.80 -15.36 9.60
CA GLY A 305 28.37 -16.00 10.82
C GLY A 305 28.69 -17.49 10.93
N THR A 306 28.39 -18.04 12.10
CA THR A 306 28.36 -19.48 12.30
C THR A 306 26.92 -20.00 12.24
N LEU A 307 26.67 -21.01 11.41
CA LEU A 307 25.38 -21.69 11.33
C LEU A 307 25.43 -22.98 12.16
N ILE A 308 24.41 -23.27 12.93
CA ILE A 308 24.45 -24.47 13.77
C ILE A 308 23.16 -25.27 13.59
N ARG A 309 23.30 -26.55 13.22
CA ARG A 309 22.15 -27.44 13.11
C ARG A 309 22.28 -28.66 14.01
N ARG A 310 21.14 -29.28 14.37
CA ARG A 310 21.16 -30.53 15.12
C ARG A 310 21.86 -31.54 14.25
N GLY A 311 21.55 -31.45 12.96
CA GLY A 311 22.24 -32.21 11.94
C GLY A 311 21.95 -33.69 11.85
N GLU A 312 22.92 -34.40 11.29
CA GLU A 312 22.73 -35.74 10.79
C GLU A 312 23.96 -36.52 11.15
N ARG A 313 23.75 -37.74 11.64
CA ARG A 313 24.86 -38.67 11.89
C ARG A 313 25.49 -39.14 10.56
N MSE A 314 26.66 -39.75 10.66
CA MSE A 314 27.43 -40.07 9.47
C MSE A 314 28.34 -41.26 9.68
O MSE A 314 29.19 -41.25 10.56
CB MSE A 314 28.29 -38.88 9.05
CG MSE A 314 29.12 -39.18 7.80
SE MSE A 314 30.52 -37.87 7.42
CE MSE A 314 32.04 -38.87 8.09
N VAL A 315 28.18 -42.27 8.85
CA VAL A 315 29.09 -43.41 8.87
C VAL A 315 30.39 -43.09 8.11
N ALA A 316 31.51 -43.62 8.62
CA ALA A 316 32.72 -43.75 7.82
C ALA A 316 33.13 -45.22 7.85
N THR A 317 33.12 -45.88 6.69
CA THR A 317 33.29 -47.33 6.65
C THR A 317 34.15 -47.84 5.48
N ASP A 318 34.86 -48.95 5.68
CA ASP A 318 35.49 -49.66 4.55
C ASP A 318 34.60 -50.77 3.97
N ASP A 319 33.38 -50.85 4.47
CA ASP A 319 32.54 -52.03 4.28
C ASP A 319 31.39 -51.78 3.31
N LYS A 320 31.65 -52.00 2.02
CA LYS A 320 30.61 -51.84 1.01
C LYS A 320 29.27 -52.53 1.31
N SER A 321 29.28 -53.62 2.07
CA SER A 321 28.05 -54.38 2.25
C SER A 321 27.13 -53.69 3.26
N SER A 322 27.72 -52.81 4.06
CA SER A 322 26.96 -52.04 5.04
C SER A 322 26.32 -50.78 4.44
N LEU A 323 26.53 -50.52 3.16
CA LEU A 323 25.97 -49.34 2.51
C LEU A 323 24.77 -49.67 1.61
N ASP A 324 23.80 -48.76 1.57
CA ASP A 324 22.69 -48.87 0.66
C ASP A 324 23.06 -48.31 -0.73
N LEU A 325 23.57 -49.17 -1.59
CA LEU A 325 24.02 -48.70 -2.90
C LEU A 325 22.87 -48.14 -3.76
N GLY A 326 21.72 -48.80 -3.78
CA GLY A 326 20.54 -48.24 -4.41
C GLY A 326 20.36 -46.76 -4.07
N ARG A 327 20.40 -46.42 -2.78
CA ARG A 327 20.32 -45.03 -2.37
C ARG A 327 21.49 -44.21 -2.90
N LEU A 328 22.69 -44.77 -2.92
CA LEU A 328 23.85 -43.98 -3.38
C LEU A 328 23.76 -43.71 -4.87
N ASP A 329 23.29 -44.71 -5.60
CA ASP A 329 23.00 -44.53 -7.01
C ASP A 329 21.98 -43.41 -7.25
N ASN A 330 21.00 -43.31 -6.40
CA ASN A 330 20.04 -42.24 -6.54
C ASN A 330 20.61 -40.89 -6.15
N LEU A 331 21.53 -40.91 -5.17
CA LEU A 331 22.22 -39.68 -4.81
C LEU A 331 23.01 -39.18 -6.01
N VAL A 332 23.75 -40.11 -6.63
CA VAL A 332 24.56 -39.83 -7.80
C VAL A 332 23.72 -39.34 -8.97
N LYS A 333 22.59 -39.96 -9.21
CA LYS A 333 21.71 -39.53 -10.31
C LYS A 333 21.17 -38.08 -10.13
N ALA A 334 20.82 -37.70 -8.90
CA ALA A 334 20.36 -36.34 -8.64
C ALA A 334 21.48 -35.31 -8.59
N ALA A 335 22.61 -35.69 -7.98
CA ALA A 335 23.76 -34.81 -7.86
C ALA A 335 24.26 -34.39 -9.24
N PHE A 336 24.75 -35.36 -9.99
CA PHE A 336 25.15 -35.17 -11.37
C PHE A 336 23.92 -35.64 -12.06
N GLY A 337 23.75 -35.44 -13.36
CA GLY A 337 22.43 -35.74 -13.90
C GLY A 337 22.17 -37.16 -14.40
N ARG A 338 23.11 -38.06 -14.21
CA ARG A 338 23.02 -39.38 -14.80
C ARG A 338 23.37 -40.41 -13.75
N PRO A 339 22.91 -41.65 -13.93
CA PRO A 339 23.26 -42.76 -13.03
C PRO A 339 24.60 -43.37 -13.41
N ALA A 340 25.22 -44.05 -12.44
CA ALA A 340 26.46 -44.76 -12.70
C ALA A 340 26.26 -45.77 -13.83
N VAL A 341 27.30 -45.98 -14.61
CA VAL A 341 27.27 -46.95 -15.70
C VAL A 341 27.01 -48.31 -15.11
N GLU A 342 26.49 -49.18 -15.94
CA GLU A 342 26.16 -50.53 -15.52
C GLU A 342 27.39 -51.22 -14.91
N GLY A 343 27.21 -51.76 -13.71
CA GLY A 343 28.23 -52.58 -13.10
C GLY A 343 29.18 -51.83 -12.19
N TYR A 344 28.96 -50.51 -12.07
CA TYR A 344 29.89 -49.66 -11.34
C TYR A 344 29.98 -50.03 -9.85
N TRP A 345 28.84 -50.11 -9.18
CA TRP A 345 28.81 -50.45 -7.76
C TRP A 345 29.20 -51.90 -7.46
N ASP A 346 28.94 -52.82 -8.39
CA ASP A 346 29.40 -54.20 -8.27
C ASP A 346 30.94 -54.23 -8.29
N ARG A 347 31.52 -53.64 -9.32
CA ARG A 347 32.96 -53.60 -9.50
C ARG A 347 33.67 -52.76 -8.40
N LEU A 348 32.96 -51.80 -7.81
CA LEU A 348 33.63 -50.83 -6.93
C LEU A 348 34.46 -51.45 -5.81
N ARG A 349 35.67 -50.92 -5.62
CA ARG A 349 36.45 -51.36 -4.47
C ARG A 349 36.65 -50.22 -3.50
N VAL A 350 35.82 -50.20 -2.46
CA VAL A 350 35.78 -49.06 -1.56
C VAL A 350 37.01 -49.04 -0.66
N ASP A 351 37.73 -47.92 -0.72
CA ASP A 351 38.83 -47.63 0.18
C ASP A 351 38.23 -47.09 1.49
N ARG A 352 37.45 -46.01 1.39
CA ARG A 352 36.73 -45.49 2.54
C ARG A 352 35.51 -44.73 2.09
N ALA A 353 34.42 -44.87 2.82
CA ALA A 353 33.16 -44.22 2.45
C ALA A 353 32.61 -43.36 3.57
N PHE A 354 32.35 -42.10 3.23
CA PHE A 354 31.74 -41.18 4.17
C PHE A 354 30.34 -40.89 3.70
N VAL A 355 29.37 -41.57 4.30
CA VAL A 355 27.97 -41.36 3.93
C VAL A 355 27.13 -40.83 5.06
N THR A 356 26.40 -39.78 4.74
CA THR A 356 25.54 -39.08 5.69
C THR A 356 24.20 -39.82 5.86
N GLU A 357 23.71 -39.87 7.09
CA GLU A 357 22.57 -40.74 7.39
C GLU A 357 21.44 -40.70 6.35
N SER A 358 21.14 -39.52 5.85
CA SER A 358 20.05 -39.36 4.88
C SER A 358 20.46 -39.58 3.43
N TYR A 359 21.72 -39.94 3.18
CA TYR A 359 22.24 -40.11 1.83
C TYR A 359 22.02 -38.92 0.88
N ARG A 360 22.22 -37.71 1.40
CA ARG A 360 22.18 -36.49 0.59
C ARG A 360 23.59 -35.89 0.40
N ALA A 361 24.56 -36.44 1.14
CA ALA A 361 25.97 -36.15 0.95
C ALA A 361 26.81 -37.45 1.09
N ALA A 362 27.72 -37.67 0.17
CA ALA A 362 28.59 -38.81 0.30
C ALA A 362 29.90 -38.56 -0.42
N ALA A 363 30.99 -39.01 0.19
CA ALA A 363 32.29 -39.07 -0.47
C ALA A 363 32.80 -40.49 -0.43
N ILE A 364 33.18 -40.99 -1.59
CA ILE A 364 33.71 -42.33 -1.71
C ILE A 364 35.10 -42.35 -2.31
N THR A 365 35.99 -42.89 -1.52
CA THR A 365 37.38 -42.89 -1.80
C THR A 365 37.78 -44.27 -2.33
N THR A 366 38.64 -44.29 -3.36
CA THR A 366 39.25 -45.54 -3.81
C THR A 366 40.76 -45.44 -3.84
N ARG A 367 41.39 -46.44 -4.41
CA ARG A 367 42.85 -46.47 -4.43
C ARG A 367 43.37 -46.40 -5.88
N LEU A 368 44.23 -45.43 -6.16
CA LEU A 368 44.76 -45.23 -7.51
C LEU A 368 46.25 -45.46 -7.53
N ASP A 369 46.67 -46.66 -7.92
CA ASP A 369 48.09 -46.99 -7.92
C ASP A 369 48.64 -46.73 -6.50
N GLY A 370 47.83 -47.05 -5.49
CA GLY A 370 48.20 -46.79 -4.11
C GLY A 370 47.79 -45.43 -3.51
N TRP A 371 47.68 -44.38 -4.32
CA TRP A 371 47.25 -43.05 -3.84
C TRP A 371 45.78 -43.10 -3.42
N VAL A 372 45.37 -42.27 -2.47
CA VAL A 372 43.94 -42.12 -2.19
C VAL A 372 43.28 -41.26 -3.27
N TYR A 373 42.27 -41.81 -3.92
CA TYR A 373 41.64 -41.16 -5.03
C TYR A 373 40.14 -40.99 -4.72
N LEU A 374 39.65 -39.76 -4.65
CA LEU A 374 38.24 -39.52 -4.41
C LEU A 374 37.46 -39.87 -5.68
N ASP A 375 36.64 -40.93 -5.61
CA ASP A 375 35.93 -41.38 -6.80
C ASP A 375 34.54 -40.76 -6.94
N LYS A 376 33.90 -40.48 -5.80
CA LYS A 376 32.61 -39.83 -5.78
C LYS A 376 32.55 -38.76 -4.69
N PHE A 377 32.09 -37.57 -5.05
CA PHE A 377 31.67 -36.58 -4.07
C PHE A 377 30.30 -36.09 -4.50
N ALA A 378 29.26 -36.53 -3.82
CA ALA A 378 27.90 -36.23 -4.27
C ALA A 378 27.14 -35.56 -3.13
N VAL A 379 26.65 -34.36 -3.42
CA VAL A 379 25.96 -33.51 -2.45
C VAL A 379 24.76 -32.85 -3.15
N LEU A 380 23.57 -33.12 -2.64
CA LEU A 380 22.40 -32.42 -3.12
C LEU A 380 22.42 -30.96 -2.68
N ASP A 381 21.76 -30.10 -3.46
CA ASP A 381 21.76 -28.67 -3.18
C ASP A 381 21.29 -28.34 -1.77
N ASP A 382 20.27 -29.01 -1.28
CA ASP A 382 19.80 -28.64 0.06
C ASP A 382 20.84 -29.01 1.14
N ALA A 383 21.40 -30.22 1.04
CA ALA A 383 22.47 -30.68 1.92
C ALA A 383 23.68 -29.72 1.91
N ARG A 384 24.09 -29.29 0.72
CA ARG A 384 25.14 -28.27 0.58
CA ARG A 384 25.14 -28.27 0.59
C ARG A 384 24.83 -27.03 1.42
N GLY A 385 23.65 -26.46 1.22
CA GLY A 385 23.25 -25.28 1.96
C GLY A 385 23.15 -25.51 3.46
N GLU A 386 22.95 -26.76 3.89
CA GLU A 386 22.96 -27.07 5.33
C GLU A 386 24.37 -27.24 5.90
N GLY A 387 25.38 -27.28 5.05
CA GLY A 387 26.74 -27.49 5.50
C GLY A 387 27.11 -28.96 5.72
N LEU A 388 26.40 -29.86 5.04
CA LEU A 388 26.66 -31.28 5.08
C LEU A 388 27.75 -31.69 4.08
N GLY A 389 27.72 -31.11 2.89
CA GLY A 389 28.88 -31.15 2.01
C GLY A 389 30.19 -30.82 2.75
N ARG A 390 30.19 -29.80 3.60
CA ARG A 390 31.43 -29.52 4.34
C ARG A 390 31.69 -30.56 5.40
N THR A 391 30.65 -31.08 6.05
CA THR A 391 30.81 -32.09 7.07
C THR A 391 31.47 -33.36 6.50
N VAL A 392 30.95 -33.82 5.35
CA VAL A 392 31.52 -34.97 4.66
C VAL A 392 32.93 -34.67 4.14
N TRP A 393 33.05 -33.63 3.35
CA TRP A 393 34.32 -33.27 2.77
C TRP A 393 35.42 -33.10 3.83
N ASN A 394 35.09 -32.47 4.95
CA ASN A 394 36.11 -32.23 5.96
C ASN A 394 36.56 -33.50 6.65
N ARG A 395 35.61 -34.39 6.93
CA ARG A 395 35.94 -35.65 7.57
C ARG A 395 36.80 -36.47 6.62
N MSE A 396 36.39 -36.48 5.36
CA MSE A 396 37.12 -37.18 4.32
C MSE A 396 38.57 -36.70 4.17
O MSE A 396 39.48 -37.54 4.20
CB MSE A 396 36.37 -37.11 2.99
CG MSE A 396 37.00 -37.97 1.88
SE MSE A 396 38.26 -36.99 0.81
CE MSE A 396 36.99 -35.77 -0.04
N VAL A 397 38.81 -35.39 4.04
CA VAL A 397 40.19 -34.89 3.88
C VAL A 397 41.06 -35.00 5.15
N ASP A 398 40.42 -35.00 6.30
CA ASP A 398 41.07 -35.30 7.56
C ASP A 398 41.69 -36.71 7.44
N TYR A 399 40.92 -37.64 6.89
CA TYR A 399 41.39 -39.00 6.65
C TYR A 399 42.38 -39.16 5.50
N ALA A 400 42.22 -38.38 4.44
CA ALA A 400 43.16 -38.45 3.31
C ALA A 400 43.88 -37.11 3.02
N PRO A 401 44.87 -36.78 3.86
CA PRO A 401 45.74 -35.61 3.71
C PRO A 401 46.35 -35.50 2.31
N GLN A 402 46.67 -36.64 1.71
CA GLN A 402 47.09 -36.67 0.32
C GLN A 402 45.97 -37.30 -0.47
N LEU A 403 45.48 -36.57 -1.45
CA LEU A 403 44.29 -36.96 -2.17
C LEU A 403 44.43 -36.51 -3.62
N ILE A 404 44.03 -37.38 -4.55
CA ILE A 404 43.88 -36.97 -5.94
C ILE A 404 42.41 -37.12 -6.36
N TRP A 405 41.93 -36.24 -7.24
CA TRP A 405 40.59 -36.44 -7.79
C TRP A 405 40.40 -35.74 -9.10
N ARG A 406 39.33 -36.09 -9.81
CA ARG A 406 39.02 -35.35 -11.03
C ARG A 406 37.58 -34.88 -11.06
N SER A 407 37.27 -34.08 -12.06
CA SER A 407 36.04 -33.31 -12.08
C SER A 407 35.89 -32.78 -13.49
N ARG A 408 34.68 -32.82 -14.02
CA ARG A 408 34.44 -32.32 -15.36
C ARG A 408 34.64 -30.80 -15.38
N THR A 409 35.01 -30.29 -16.53
CA THR A 409 35.44 -28.90 -16.61
C THR A 409 34.30 -27.92 -16.40
N ASN A 410 33.11 -28.28 -16.86
CA ASN A 410 31.94 -27.40 -16.70
C ASN A 410 31.18 -27.75 -15.44
N ASN A 411 31.89 -28.17 -14.41
CA ASN A 411 31.27 -28.53 -13.17
C ASN A 411 31.33 -27.34 -12.21
N PRO A 412 30.18 -26.89 -11.70
CA PRO A 412 30.13 -25.67 -10.88
C PRO A 412 30.71 -25.90 -9.50
N VAL A 413 30.97 -27.15 -9.16
CA VAL A 413 31.60 -27.44 -7.89
C VAL A 413 33.12 -27.22 -8.01
N ASN A 414 33.57 -26.90 -9.23
CA ASN A 414 35.00 -26.65 -9.50
C ASN A 414 35.60 -25.47 -8.76
N GLY A 415 34.83 -24.42 -8.54
CA GLY A 415 35.33 -23.29 -7.79
C GLY A 415 35.73 -23.66 -6.37
N PHE A 416 34.89 -24.48 -5.76
CA PHE A 416 35.17 -25.03 -4.45
C PHE A 416 36.37 -25.98 -4.50
N TYR A 417 36.41 -26.82 -5.54
CA TYR A 417 37.53 -27.74 -5.69
C TYR A 417 38.86 -26.95 -5.74
N PHE A 418 38.91 -25.91 -6.58
CA PHE A 418 40.06 -25.01 -6.62
C PHE A 418 40.41 -24.41 -5.27
N GLU A 419 39.44 -23.86 -4.56
CA GLU A 419 39.66 -23.40 -3.20
C GLU A 419 40.24 -24.45 -2.23
N GLU A 420 40.06 -25.73 -2.56
CA GLU A 420 40.50 -26.79 -1.65
C GLU A 420 41.81 -27.45 -2.09
N CYS A 421 42.18 -27.28 -3.36
CA CYS A 421 43.32 -27.98 -3.89
C CYS A 421 44.67 -27.36 -3.52
N ASP A 422 45.76 -28.06 -3.84
CA ASP A 422 47.12 -27.57 -3.71
C ASP A 422 47.67 -27.45 -5.12
N GLY A 423 46.97 -28.07 -6.06
CA GLY A 423 47.33 -27.97 -7.45
C GLY A 423 46.25 -28.55 -8.34
N ALA A 424 46.40 -28.30 -9.63
CA ALA A 424 45.39 -28.70 -10.58
C ALA A 424 46.01 -28.67 -11.95
N VAL A 425 45.66 -29.64 -12.80
CA VAL A 425 45.99 -29.58 -14.20
C VAL A 425 44.68 -29.59 -14.96
N ARG A 426 44.52 -28.66 -15.90
CA ARG A 426 43.25 -28.53 -16.64
C ARG A 426 43.33 -28.93 -18.09
N ARG A 427 42.42 -29.80 -18.50
CA ARG A 427 42.27 -30.13 -19.92
C ARG A 427 40.83 -29.85 -20.42
N ASP A 428 40.55 -30.20 -21.67
CA ASP A 428 39.28 -29.80 -22.27
C ASP A 428 38.10 -30.40 -21.55
N GLU A 429 38.10 -31.73 -21.42
CA GLU A 429 36.98 -32.42 -20.82
C GLU A 429 37.12 -32.51 -19.30
N TRP A 430 38.32 -32.75 -18.82
CA TRP A 430 38.54 -33.03 -17.39
C TRP A 430 39.60 -32.12 -16.78
N THR A 431 39.62 -32.07 -15.45
CA THR A 431 40.58 -31.28 -14.68
C THR A 431 40.94 -32.16 -13.51
N VAL A 432 42.24 -32.37 -13.29
CA VAL A 432 42.69 -33.19 -12.17
C VAL A 432 43.22 -32.31 -11.06
N PHE A 433 42.77 -32.58 -9.84
CA PHE A 433 43.14 -31.79 -8.68
C PHE A 433 43.87 -32.68 -7.74
N TRP A 434 44.74 -32.11 -6.93
CA TRP A 434 45.31 -32.87 -5.82
C TRP A 434 45.48 -32.00 -4.58
N ARG A 435 45.48 -32.62 -3.41
CA ARG A 435 45.88 -31.93 -2.20
C ARG A 435 47.01 -32.73 -1.59
N GLY A 436 47.95 -32.04 -0.96
CA GLY A 436 49.05 -32.70 -0.29
C GLY A 436 50.41 -32.23 -0.77
N GLU A 437 51.44 -32.43 0.08
CA GLU A 437 52.83 -32.10 -0.24
C GLU A 437 53.39 -33.06 -1.29
N MSE A 438 53.51 -32.63 -2.54
CA MSE A 438 53.89 -33.58 -3.58
C MSE A 438 54.82 -33.10 -4.70
O MSE A 438 54.57 -32.10 -5.36
CB MSE A 438 52.66 -34.26 -4.16
CG MSE A 438 52.05 -35.24 -3.19
SE MSE A 438 50.41 -35.95 -3.82
CE MSE A 438 51.02 -36.29 -5.63
N GLY A 439 55.90 -33.86 -4.92
CA GLY A 439 56.89 -33.54 -5.91
C GLY A 439 56.41 -33.69 -7.35
N PRO A 440 56.88 -32.77 -8.23
CA PRO A 440 56.54 -32.68 -9.65
C PRO A 440 56.51 -34.04 -10.34
N VAL A 441 57.55 -34.85 -10.13
CA VAL A 441 57.61 -36.17 -10.72
C VAL A 441 56.44 -37.07 -10.32
N GLU A 442 56.10 -37.05 -9.03
CA GLU A 442 55.01 -37.86 -8.49
C GLU A 442 53.68 -37.48 -9.12
N VAL A 443 53.27 -36.25 -8.89
CA VAL A 443 52.01 -35.71 -9.38
C VAL A 443 51.84 -36.01 -10.86
N ALA A 444 52.83 -35.62 -11.66
CA ALA A 444 52.77 -35.86 -13.10
C ALA A 444 52.29 -37.28 -13.42
N ASP A 445 52.84 -38.23 -12.67
CA ASP A 445 52.57 -39.63 -12.87
C ASP A 445 51.10 -39.97 -12.61
N VAL A 446 50.67 -39.84 -11.36
CA VAL A 446 49.30 -40.16 -10.98
C VAL A 446 48.26 -39.35 -11.78
N VAL A 447 48.53 -38.06 -12.01
CA VAL A 447 47.69 -37.19 -12.84
C VAL A 447 47.48 -37.78 -14.24
N GLU A 448 48.56 -38.16 -14.92
CA GLU A 448 48.41 -38.86 -16.18
C GLU A 448 47.42 -40.05 -16.07
N LYS A 449 47.53 -40.83 -15.00
CA LYS A 449 46.63 -41.97 -14.75
C LYS A 449 45.17 -41.55 -14.57
N ALA A 450 44.93 -40.58 -13.69
CA ALA A 450 43.58 -40.10 -13.45
C ALA A 450 42.89 -39.60 -14.72
N PHE A 451 43.65 -38.98 -15.63
CA PHE A 451 43.04 -38.49 -16.86
C PHE A 451 42.60 -39.68 -17.70
N ALA A 452 43.27 -40.81 -17.49
CA ALA A 452 43.10 -41.98 -18.34
C ALA A 452 41.92 -42.87 -17.90
N LEU A 453 41.56 -42.77 -16.63
CA LEU A 453 40.44 -43.51 -16.06
C LEU A 453 39.20 -43.37 -16.91
N PRO A 454 38.38 -44.42 -16.94
CA PRO A 454 37.17 -44.36 -17.76
C PRO A 454 36.06 -43.65 -17.01
N PRO A 455 35.06 -43.14 -17.74
CA PRO A 455 33.99 -42.40 -17.06
C PRO A 455 33.12 -43.34 -16.24
N THR A 456 32.76 -42.95 -15.03
CA THR A 456 31.97 -43.76 -14.12
C THR A 456 30.45 -43.63 -14.29
N LEU A 457 29.99 -42.53 -14.89
CA LEU A 457 28.56 -42.33 -15.09
C LEU A 457 28.23 -42.43 -16.57
N GLU A 458 27.03 -42.87 -16.91
CA GLU A 458 26.68 -42.92 -18.33
C GLU A 458 26.64 -41.51 -18.89
N ALA A 459 26.93 -41.41 -20.17
CA ALA A 459 27.20 -40.11 -20.79
C ALA A 459 25.98 -39.18 -20.80
N PRO A 460 26.24 -37.87 -20.93
CA PRO A 460 25.19 -36.83 -20.98
C PRO A 460 24.21 -37.05 -22.11
N ALA B 25 -1.19 7.97 3.98
CA ALA B 25 -1.56 9.36 4.26
C ALA B 25 -1.95 10.15 3.01
N PRO B 26 -1.11 10.08 1.95
CA PRO B 26 -1.42 10.75 0.68
C PRO B 26 -2.65 10.16 0.00
N GLY B 27 -3.14 9.03 0.54
CA GLY B 27 -4.37 8.43 0.08
C GLY B 27 -5.41 8.48 1.18
N VAL B 28 -5.53 9.64 1.82
CA VAL B 28 -6.42 9.81 2.97
C VAL B 28 -6.95 11.23 3.15
N ARG B 29 -6.04 12.21 3.15
CA ARG B 29 -6.40 13.59 3.51
C ARG B 29 -7.24 14.34 2.47
N GLN B 30 -6.62 14.72 1.36
CA GLN B 30 -7.25 15.64 0.41
C GLN B 30 -8.52 15.10 -0.26
N THR B 31 -8.77 13.79 -0.18
CA THR B 31 -10.02 13.26 -0.70
C THR B 31 -11.14 13.45 0.32
N ILE B 32 -10.78 13.47 1.59
CA ILE B 32 -11.75 13.70 2.66
C ILE B 32 -12.05 15.19 2.76
N VAL B 33 -11.09 15.99 2.35
CA VAL B 33 -11.27 17.44 2.32
C VAL B 33 -11.90 17.90 1.00
N GLN B 34 -11.72 17.11 -0.06
CA GLN B 34 -12.29 17.41 -1.37
C GLN B 34 -13.77 17.07 -1.44
N LEU B 35 -14.18 16.08 -0.66
CA LEU B 35 -15.60 15.80 -0.50
C LEU B 35 -16.25 16.95 0.25
N LEU B 36 -15.57 17.44 1.29
CA LEU B 36 -16.05 18.57 2.07
C LEU B 36 -15.71 19.88 1.39
N SER B 37 -14.94 19.80 0.30
CA SER B 37 -14.44 20.98 -0.40
C SER B 37 -15.57 21.87 -0.88
N HIS B 38 -16.80 21.38 -0.80
CA HIS B 38 -17.98 22.16 -1.15
C HIS B 38 -19.29 21.36 -1.02
N MSE B 39 -19.86 21.32 0.20
CA MSE B 39 -21.11 20.59 0.42
C MSE B 39 -22.03 21.22 1.46
O MSE B 39 -22.22 22.44 1.49
CB MSE B 39 -20.84 19.13 0.80
CG MSE B 39 -20.21 18.31 -0.30
SE MSE B 39 -21.22 18.38 -1.97
CE MSE B 39 -19.76 18.01 -3.22
N ARG B 40 -22.60 20.37 2.32
CA ARG B 40 -23.61 20.76 3.30
C ARG B 40 -23.02 20.90 4.72
N ASP B 41 -23.20 19.86 5.54
CA ASP B 41 -22.60 19.82 6.88
C ASP B 41 -21.09 19.69 6.81
N GLY B 42 -20.51 20.07 5.68
CA GLY B 42 -19.09 19.96 5.44
C GLY B 42 -18.37 21.28 5.50
N LYS B 43 -19.11 22.37 5.64
CA LYS B 43 -18.51 23.66 5.89
C LYS B 43 -18.04 23.63 7.32
N GLU B 44 -18.74 22.81 8.13
CA GLU B 44 -18.48 22.73 9.56
C GLU B 44 -17.56 21.57 9.98
N ILE B 45 -17.55 20.48 9.22
CA ILE B 45 -16.61 19.39 9.48
C ILE B 45 -15.17 19.80 9.14
N ARG B 46 -14.96 20.32 7.95
CA ARG B 46 -13.66 20.83 7.56
C ARG B 46 -13.17 21.83 8.62
N GLU B 47 -14.11 22.48 9.28
CA GLU B 47 -13.81 23.39 10.38
C GLU B 47 -13.36 22.60 11.61
N TYR B 48 -13.95 21.44 11.83
CA TYR B 48 -13.62 20.62 13.00
C TYR B 48 -12.35 19.80 12.77
N LEU B 49 -12.14 19.36 11.54
CA LEU B 49 -10.92 18.67 11.18
C LEU B 49 -9.71 19.60 11.33
N HIS B 50 -9.90 20.90 11.13
CA HIS B 50 -8.78 21.84 11.28
C HIS B 50 -8.44 22.10 12.74
N ARG B 51 -9.47 22.37 13.54
CA ARG B 51 -9.28 22.57 14.97
C ARG B 51 -8.62 21.33 15.57
N PHE B 52 -9.02 20.16 15.07
CA PHE B 52 -8.60 18.91 15.66
C PHE B 52 -7.14 18.56 15.40
N SER B 53 -6.54 19.16 14.37
CA SER B 53 -5.11 19.03 14.14
C SER B 53 -4.32 19.91 15.13
N GLY B 54 -4.96 20.25 16.24
CA GLY B 54 -4.35 21.03 17.30
C GLY B 54 -3.84 20.14 18.41
N ILE B 55 -2.57 20.33 18.76
CA ILE B 55 -1.85 19.43 19.66
C ILE B 55 -2.28 17.97 19.50
N ASP B 56 -1.69 17.32 18.50
CA ASP B 56 -1.92 15.92 18.17
C ASP B 56 -1.19 14.98 19.13
N GLN B 57 -0.20 15.51 19.85
CA GLN B 57 0.66 14.71 20.72
C GLN B 57 -0.09 13.88 21.77
N GLU B 58 -1.43 13.92 21.68
CA GLU B 58 -2.34 13.13 22.53
C GLU B 58 -3.04 13.95 23.60
N ARG B 59 -2.97 15.27 23.43
CA ARG B 59 -3.82 16.16 24.20
C ARG B 59 -5.12 16.29 23.42
N PHE B 60 -5.34 15.35 22.49
CA PHE B 60 -6.58 15.32 21.73
C PHE B 60 -7.75 14.79 22.58
N ALA B 61 -7.79 13.48 22.82
CA ALA B 61 -8.98 12.85 23.41
C ALA B 61 -8.71 11.63 24.28
N VAL B 62 -9.19 11.67 25.51
CA VAL B 62 -9.28 10.46 26.32
C VAL B 62 -10.70 9.91 26.18
N ILE B 63 -10.80 8.64 25.80
CA ILE B 63 -12.08 8.03 25.49
C ILE B 63 -12.28 6.86 26.43
N LYS B 64 -13.09 7.03 27.46
CA LYS B 64 -13.43 5.93 28.35
C LYS B 64 -14.53 5.01 27.77
N VAL B 65 -14.34 3.70 27.87
CA VAL B 65 -15.31 2.74 27.33
C VAL B 65 -15.71 1.75 28.39
N GLY B 66 -17.02 1.63 28.61
CA GLY B 66 -17.53 0.72 29.61
C GLY B 66 -17.04 -0.69 29.37
N GLY B 67 -16.89 -1.46 30.44
CA GLY B 67 -16.51 -2.86 30.31
C GLY B 67 -17.42 -3.60 29.35
N ALA B 68 -18.70 -3.21 29.32
CA ALA B 68 -19.70 -3.92 28.55
C ALA B 68 -19.63 -3.63 27.04
N VAL B 69 -19.47 -2.37 26.68
CA VAL B 69 -19.52 -1.96 25.28
C VAL B 69 -18.52 -2.71 24.40
N ILE B 70 -17.68 -3.54 25.00
CA ILE B 70 -16.71 -4.31 24.22
C ILE B 70 -17.10 -5.78 24.05
N GLN B 71 -18.23 -6.18 24.62
CA GLN B 71 -18.83 -7.46 24.32
C GLN B 71 -19.92 -7.25 23.28
N ASP B 72 -20.83 -6.34 23.62
CA ASP B 72 -22.05 -6.07 22.88
C ASP B 72 -21.83 -5.44 21.52
N ASP B 73 -20.99 -4.40 21.49
CA ASP B 73 -20.84 -3.53 20.33
C ASP B 73 -19.37 -3.41 19.94
N LEU B 74 -18.68 -4.54 19.91
CA LEU B 74 -17.24 -4.56 19.67
C LEU B 74 -16.88 -4.14 18.25
N PRO B 75 -17.60 -4.66 17.25
CA PRO B 75 -17.28 -4.27 15.88
C PRO B 75 -17.60 -2.80 15.60
N GLY B 76 -18.71 -2.31 16.12
CA GLY B 76 -19.08 -0.91 15.96
C GLY B 76 -18.13 0.03 16.71
N LEU B 77 -17.69 -0.41 17.89
CA LEU B 77 -16.73 0.33 18.67
C LEU B 77 -15.43 0.49 17.89
N ALA B 78 -14.95 -0.64 17.38
CA ALA B 78 -13.76 -0.65 16.56
C ALA B 78 -13.82 0.33 15.39
N SER B 79 -14.82 0.16 14.51
CA SER B 79 -14.97 1.01 13.32
C SER B 79 -15.09 2.50 13.63
N ALA B 80 -15.74 2.82 14.75
CA ALA B 80 -15.83 4.20 15.21
C ALA B 80 -14.43 4.67 15.50
N LEU B 81 -13.74 3.93 16.35
CA LEU B 81 -12.36 4.24 16.72
C LEU B 81 -11.39 4.33 15.54
N ALA B 82 -11.61 3.53 14.51
CA ALA B 82 -10.73 3.52 13.36
C ALA B 82 -10.94 4.75 12.46
N PHE B 83 -12.19 5.17 12.34
CA PHE B 83 -12.53 6.35 11.55
C PHE B 83 -11.70 7.55 12.01
N LEU B 84 -11.54 7.68 13.32
CA LEU B 84 -10.80 8.78 13.89
C LEU B 84 -9.36 8.75 13.37
N GLN B 85 -8.78 7.56 13.27
CA GLN B 85 -7.46 7.40 12.65
C GLN B 85 -7.41 7.86 11.19
N THR B 86 -8.22 7.24 10.34
CA THR B 86 -8.16 7.53 8.92
C THR B 86 -8.25 9.03 8.67
N VAL B 87 -8.76 9.75 9.67
CA VAL B 87 -8.95 11.20 9.56
C VAL B 87 -7.83 12.03 10.22
N GLY B 88 -6.84 11.34 10.80
CA GLY B 88 -5.67 12.00 11.38
C GLY B 88 -5.52 11.84 12.89
N LEU B 89 -6.67 11.80 13.57
CA LEU B 89 -6.76 11.85 15.04
C LEU B 89 -6.29 10.61 15.81
N THR B 90 -5.71 10.85 16.98
CA THR B 90 -5.10 9.78 17.78
C THR B 90 -5.60 9.76 19.23
N PRO B 91 -6.79 9.21 19.44
CA PRO B 91 -7.39 9.10 20.77
C PRO B 91 -6.64 8.13 21.68
N VAL B 92 -6.52 8.48 22.96
CA VAL B 92 -6.06 7.53 23.96
C VAL B 92 -7.28 6.83 24.57
N VAL B 93 -7.34 5.51 24.47
CA VAL B 93 -8.51 4.76 24.94
C VAL B 93 -8.26 4.03 26.25
N VAL B 94 -9.18 4.17 27.20
CA VAL B 94 -9.10 3.47 28.47
C VAL B 94 -10.30 2.54 28.61
N HIS B 95 -10.05 1.28 28.94
CA HIS B 95 -11.15 0.33 28.99
C HIS B 95 -11.31 -0.33 30.36
N GLY B 96 -12.53 -0.76 30.63
CA GLY B 96 -12.87 -1.36 31.90
C GLY B 96 -13.03 -2.87 31.83
N GLY B 97 -13.34 -3.48 32.97
CA GLY B 97 -13.50 -4.92 33.05
C GLY B 97 -14.95 -5.34 32.98
N GLY B 98 -15.76 -4.81 33.91
CA GLY B 98 -17.20 -5.05 33.94
C GLY B 98 -17.63 -6.50 33.92
N PRO B 99 -18.57 -6.84 33.01
CA PRO B 99 -19.11 -8.17 32.76
C PRO B 99 -18.05 -9.24 32.60
N GLN B 100 -16.82 -8.82 32.27
CA GLN B 100 -15.70 -9.74 32.19
C GLN B 100 -15.21 -10.12 33.59
N LEU B 101 -14.74 -9.12 34.33
CA LEU B 101 -14.22 -9.36 35.68
C LEU B 101 -15.22 -10.06 36.60
N ASP B 102 -16.51 -9.83 36.38
CA ASP B 102 -17.53 -10.51 37.16
C ASP B 102 -17.53 -12.01 36.87
N ALA B 103 -17.96 -12.38 35.67
CA ALA B 103 -18.05 -13.78 35.29
C ALA B 103 -16.74 -14.52 35.55
N ALA B 104 -15.69 -14.12 34.85
CA ALA B 104 -14.40 -14.80 34.93
C ALA B 104 -13.87 -14.97 36.36
N LEU B 105 -14.29 -14.07 37.26
CA LEU B 105 -13.89 -14.15 38.66
C LEU B 105 -14.69 -15.21 39.41
N GLU B 106 -16.00 -14.98 39.52
CA GLU B 106 -16.90 -15.85 40.28
C GLU B 106 -16.75 -17.31 39.87
N ALA B 107 -16.28 -17.54 38.64
CA ALA B 107 -16.01 -18.88 38.16
C ALA B 107 -14.82 -19.49 38.92
N ALA B 108 -14.53 -18.93 40.08
CA ALA B 108 -13.48 -19.43 40.96
C ALA B 108 -13.79 -19.13 42.43
N ASP B 109 -13.82 -17.85 42.78
CA ASP B 109 -13.99 -17.44 44.18
C ASP B 109 -15.05 -16.35 44.35
N ILE B 110 -15.49 -16.16 45.59
CA ILE B 110 -16.50 -15.15 45.93
C ILE B 110 -15.89 -13.76 46.11
N PRO B 111 -16.25 -12.82 45.23
CA PRO B 111 -15.76 -11.45 45.35
C PRO B 111 -16.49 -10.71 46.47
N THR B 112 -16.01 -9.51 46.81
CA THR B 112 -16.66 -8.69 47.82
C THR B 112 -16.43 -7.21 47.52
N GLU B 113 -16.91 -6.33 48.39
CA GLU B 113 -16.80 -4.90 48.14
C GLU B 113 -16.85 -4.08 49.43
N ARG B 114 -15.81 -3.29 49.67
CA ARG B 114 -15.69 -2.54 50.92
C ARG B 114 -15.76 -1.02 50.70
N VAL B 115 -14.85 -0.49 49.91
CA VAL B 115 -14.86 0.93 49.61
C VAL B 115 -16.10 1.33 48.82
N ASP B 116 -16.39 2.63 48.81
CA ASP B 116 -17.55 3.19 48.12
C ASP B 116 -17.95 2.33 46.92
N GLY B 117 -16.95 2.01 46.10
CA GLY B 117 -17.08 1.01 45.07
C GLY B 117 -15.79 0.24 45.04
N LEU B 118 -14.89 0.65 44.14
CA LEU B 118 -13.54 0.10 44.03
C LEU B 118 -13.41 -1.39 44.39
N ARG B 119 -14.42 -2.17 44.03
CA ARG B 119 -14.47 -3.61 44.30
C ARG B 119 -13.57 -4.00 45.46
N VAL B 120 -12.66 -4.91 45.18
CA VAL B 120 -11.63 -5.32 46.13
C VAL B 120 -10.93 -6.51 45.54
N THR B 121 -9.63 -6.57 45.77
CA THR B 121 -8.82 -7.68 45.29
C THR B 121 -8.02 -8.23 46.46
N ARG B 122 -8.49 -9.33 47.03
CA ARG B 122 -7.85 -9.95 48.18
C ARG B 122 -6.34 -10.07 48.01
N ASP B 123 -5.92 -10.84 47.02
CA ASP B 123 -4.52 -10.98 46.65
C ASP B 123 -4.37 -12.10 45.62
N GLU B 124 -5.10 -13.18 45.84
CA GLU B 124 -5.08 -14.31 44.91
C GLU B 124 -6.12 -14.13 43.81
N ALA B 125 -6.80 -12.99 43.81
CA ALA B 125 -7.79 -12.66 42.79
C ALA B 125 -7.16 -11.85 41.67
N MSE B 126 -5.86 -11.63 41.78
CA MSE B 126 -5.13 -10.79 40.85
C MSE B 126 -4.86 -11.48 39.51
O MSE B 126 -5.26 -10.97 38.46
CB MSE B 126 -3.82 -10.29 41.48
CG MSE B 126 -3.19 -9.11 40.76
SE MSE B 126 -3.87 -7.39 41.36
CE MSE B 126 -5.70 -7.47 40.73
N PRO B 127 -4.16 -12.63 39.53
CA PRO B 127 -3.88 -13.42 38.31
C PRO B 127 -5.02 -13.43 37.29
N ILE B 128 -6.25 -13.40 37.77
CA ILE B 128 -7.42 -13.41 36.91
C ILE B 128 -7.63 -12.03 36.27
N ILE B 129 -7.47 -11.00 37.08
CA ILE B 129 -7.62 -9.63 36.62
C ILE B 129 -6.65 -9.37 35.46
N ARG B 130 -5.38 -9.66 35.70
CA ARG B 130 -4.32 -9.46 34.71
C ARG B 130 -4.68 -10.06 33.37
N ASP B 131 -4.90 -11.37 33.36
CA ASP B 131 -5.19 -12.10 32.13
C ASP B 131 -6.51 -11.67 31.47
N THR B 132 -7.49 -11.25 32.28
CA THR B 132 -8.79 -10.82 31.76
C THR B 132 -8.78 -9.40 31.17
N LEU B 133 -8.15 -8.48 31.88
CA LEU B 133 -7.93 -7.15 31.33
C LEU B 133 -7.10 -7.26 30.04
N THR B 134 -6.01 -8.01 30.11
CA THR B 134 -5.19 -8.30 28.93
C THR B 134 -6.01 -8.88 27.77
N GLN B 135 -6.87 -9.87 28.04
CA GLN B 135 -7.68 -10.46 26.97
C GLN B 135 -8.45 -9.36 26.28
N ALA B 136 -9.38 -8.75 27.01
CA ALA B 136 -10.21 -7.63 26.52
C ALA B 136 -9.44 -6.53 25.79
N ASN B 137 -8.29 -6.14 26.36
CA ASN B 137 -7.36 -5.20 25.73
C ASN B 137 -6.93 -5.65 24.34
N LEU B 138 -6.46 -6.89 24.25
CA LEU B 138 -6.02 -7.42 22.96
C LEU B 138 -7.20 -7.62 22.03
N ALA B 139 -8.31 -8.05 22.60
CA ALA B 139 -9.53 -8.19 21.82
C ALA B 139 -9.90 -6.85 21.20
N LEU B 140 -9.82 -5.79 21.99
CA LEU B 140 -10.12 -4.46 21.48
C LEU B 140 -9.06 -4.05 20.44
N VAL B 141 -7.78 -4.18 20.79
CA VAL B 141 -6.72 -3.84 19.85
C VAL B 141 -6.88 -4.56 18.51
N ASP B 142 -7.17 -5.86 18.55
CA ASP B 142 -7.38 -6.63 17.33
C ASP B 142 -8.59 -6.13 16.52
N ALA B 143 -9.72 -5.92 17.21
CA ALA B 143 -10.96 -5.53 16.55
C ALA B 143 -10.83 -4.20 15.79
N ILE B 144 -10.09 -3.27 16.37
CA ILE B 144 -9.81 -1.98 15.73
C ILE B 144 -8.96 -2.16 14.48
N ARG B 145 -7.89 -2.95 14.61
CA ARG B 145 -7.02 -3.28 13.48
C ARG B 145 -7.83 -3.97 12.36
N ASP B 146 -8.65 -4.94 12.74
CA ASP B 146 -9.48 -5.67 11.78
C ASP B 146 -10.43 -4.71 11.07
N ALA B 147 -10.85 -3.68 11.77
CA ALA B 147 -11.77 -2.69 11.24
C ALA B 147 -11.07 -1.60 10.42
N GLY B 148 -9.75 -1.70 10.29
CA GLY B 148 -9.00 -0.78 9.46
C GLY B 148 -8.13 0.24 10.18
N GLY B 149 -8.21 0.27 11.51
CA GLY B 149 -7.46 1.24 12.30
C GLY B 149 -6.11 0.76 12.78
N ARG B 150 -5.50 1.55 13.65
CA ARG B 150 -4.18 1.26 14.19
C ARG B 150 -4.22 1.37 15.71
N ALA B 151 -3.96 0.27 16.40
CA ALA B 151 -4.02 0.28 17.86
C ALA B 151 -2.83 -0.41 18.49
N ALA B 152 -2.36 0.16 19.60
CA ALA B 152 -1.32 -0.45 20.41
C ALA B 152 -1.92 -0.98 21.70
N ALA B 153 -1.55 -2.19 22.07
CA ALA B 153 -1.96 -2.73 23.35
C ALA B 153 -1.10 -2.09 24.44
N VAL B 154 -1.73 -1.49 25.43
CA VAL B 154 -0.98 -0.92 26.53
C VAL B 154 -1.62 -1.37 27.81
N PRO B 155 -1.63 -2.69 28.02
CA PRO B 155 -2.37 -3.34 29.08
C PRO B 155 -1.72 -3.01 30.39
N ARG B 156 -0.50 -2.48 30.33
CA ARG B 156 0.24 -2.10 31.52
C ARG B 156 1.41 -1.15 31.26
N GLY B 157 1.93 -0.53 32.32
CA GLY B 157 3.11 0.31 32.20
C GLY B 157 2.84 1.80 32.10
N VAL B 158 1.63 2.21 32.44
CA VAL B 158 1.24 3.61 32.39
C VAL B 158 0.86 4.11 33.76
N PHE B 159 0.05 3.34 34.48
CA PHE B 159 -0.33 3.75 35.83
C PHE B 159 0.66 3.26 36.86
N GLU B 160 1.20 4.20 37.63
CA GLU B 160 2.00 3.86 38.82
C GLU B 160 1.16 4.22 40.06
N ALA B 161 0.94 3.24 40.92
CA ALA B 161 -0.05 3.39 41.99
C ALA B 161 0.52 3.15 43.38
N ASP B 162 -0.30 3.45 44.39
CA ASP B 162 0.01 3.20 45.80
C ASP B 162 -1.01 2.20 46.36
N ILE B 163 -0.56 1.28 47.20
CA ILE B 163 -1.48 0.37 47.85
C ILE B 163 -2.27 1.13 48.92
N VAL B 164 -3.58 0.90 48.98
CA VAL B 164 -4.43 1.55 49.99
C VAL B 164 -4.83 0.57 51.10
N ASP B 165 -4.48 0.90 52.35
CA ASP B 165 -4.46 -0.07 53.46
C ASP B 165 -4.70 -1.53 53.04
N ALA B 166 -3.60 -2.20 52.66
CA ALA B 166 -3.63 -3.56 52.13
C ALA B 166 -4.60 -4.51 52.84
N ASP B 167 -4.48 -4.62 54.16
CA ASP B 167 -5.21 -5.67 54.89
C ASP B 167 -6.73 -5.63 54.74
N LYS B 168 -7.26 -4.48 54.32
CA LYS B 168 -8.71 -4.35 54.13
C LYS B 168 -9.15 -4.37 52.66
N LEU B 169 -8.35 -3.76 51.79
CA LEU B 169 -8.71 -3.66 50.37
C LEU B 169 -7.91 -4.62 49.50
N GLY B 170 -6.67 -4.90 49.91
CA GLY B 170 -5.86 -5.90 49.24
C GLY B 170 -4.83 -5.36 48.27
N ARG B 171 -5.10 -5.52 46.98
CA ARG B 171 -4.20 -5.04 45.95
C ARG B 171 -4.92 -4.10 44.98
N VAL B 172 -5.49 -3.04 45.54
CA VAL B 172 -6.13 -1.98 44.76
C VAL B 172 -5.34 -0.70 45.01
N GLY B 173 -4.98 0.00 43.94
CA GLY B 173 -4.07 1.12 44.04
C GLY B 173 -4.59 2.48 43.59
N GLU B 174 -3.97 3.52 44.13
CA GLU B 174 -4.26 4.90 43.76
C GLU B 174 -3.11 5.47 42.96
N PRO B 175 -3.38 5.94 41.73
CA PRO B 175 -2.40 6.54 40.83
C PRO B 175 -1.50 7.57 41.51
N ARG B 176 -0.20 7.27 41.58
CA ARG B 176 0.81 8.17 42.11
C ARG B 176 1.43 9.00 40.98
N HIS B 177 1.92 8.32 39.95
CA HIS B 177 2.42 8.97 38.73
C HIS B 177 1.85 8.33 37.46
N ILE B 178 1.89 9.07 36.36
CA ILE B 178 1.49 8.56 35.05
C ILE B 178 2.66 8.63 34.06
N HIS B 179 3.12 7.46 33.61
CA HIS B 179 4.17 7.39 32.60
C HIS B 179 3.53 7.36 31.21
N LEU B 180 3.87 8.34 30.39
CA LEU B 180 3.28 8.46 29.08
C LEU B 180 4.23 8.00 27.97
N ASP B 181 5.21 7.20 28.34
CA ASP B 181 6.22 6.81 27.37
C ASP B 181 5.61 5.94 26.30
N LEU B 182 4.88 4.90 26.72
CA LEU B 182 4.28 3.97 25.77
C LEU B 182 3.09 4.62 25.04
N VAL B 183 2.51 5.66 25.63
CA VAL B 183 1.39 6.34 24.98
C VAL B 183 1.89 7.22 23.84
N GLY B 184 3.03 7.88 24.04
CA GLY B 184 3.64 8.63 22.96
C GLY B 184 4.37 7.76 21.94
N SER B 185 4.59 6.48 22.28
CA SER B 185 5.19 5.54 21.33
C SER B 185 4.11 5.01 20.41
N ALA B 186 2.91 5.59 20.55
CA ALA B 186 1.83 5.27 19.64
C ALA B 186 1.48 6.55 18.93
N ALA B 187 1.38 7.63 19.68
CA ALA B 187 1.17 8.96 19.10
C ALA B 187 2.20 9.20 18.00
N ARG B 188 3.41 8.71 18.22
CA ARG B 188 4.50 8.84 17.25
C ARG B 188 4.32 7.85 16.12
N ALA B 189 3.63 6.75 16.41
CA ALA B 189 3.46 5.68 15.44
C ALA B 189 2.14 5.83 14.69
N GLY B 190 1.30 6.74 15.17
CA GLY B 190 -0.03 6.94 14.61
C GLY B 190 -1.02 5.86 15.00
N GLN B 191 -0.70 5.08 16.03
CA GLN B 191 -1.65 4.10 16.55
C GLN B 191 -2.39 4.64 17.80
N ALA B 192 -3.49 3.97 18.14
CA ALA B 192 -4.37 4.45 19.19
C ALA B 192 -4.10 3.68 20.46
N ALA B 193 -3.57 4.35 21.47
CA ALA B 193 -3.23 3.68 22.72
C ALA B 193 -4.46 3.07 23.40
N ILE B 194 -4.50 1.75 23.49
CA ILE B 194 -5.59 1.05 24.19
C ILE B 194 -5.14 0.62 25.58
N LEU B 195 -5.60 1.35 26.59
CA LEU B 195 -5.09 1.23 27.94
C LEU B 195 -5.95 0.36 28.85
N ALA B 196 -5.31 -0.56 29.57
CA ALA B 196 -5.99 -1.36 30.57
C ALA B 196 -5.73 -0.75 31.95
N CYS B 197 -6.78 -0.68 32.78
CA CYS B 197 -6.64 -0.10 34.11
C CYS B 197 -5.83 -0.99 35.06
N LEU B 198 -4.69 -1.46 34.56
CA LEU B 198 -3.73 -2.20 35.37
C LEU B 198 -2.55 -1.30 35.72
N GLY B 199 -2.12 -1.39 36.98
CA GLY B 199 -1.01 -0.58 37.46
C GLY B 199 0.08 -1.36 38.17
N GLU B 200 1.03 -0.62 38.74
CA GLU B 200 2.17 -1.19 39.44
C GLU B 200 2.64 -0.26 40.56
N THR B 201 2.79 -0.78 41.78
CA THR B 201 3.37 0.00 42.87
C THR B 201 4.83 0.30 42.57
N PRO B 202 5.43 1.24 43.30
CA PRO B 202 6.82 1.61 43.02
C PRO B 202 7.83 0.44 42.97
N ASP B 203 7.48 -0.73 43.50
CA ASP B 203 8.37 -1.89 43.40
C ASP B 203 7.85 -2.97 42.44
N GLY B 204 7.25 -2.53 41.33
CA GLY B 204 6.83 -3.43 40.27
C GLY B 204 5.63 -4.29 40.57
N THR B 205 5.19 -4.30 41.84
CA THR B 205 4.03 -5.12 42.25
C THR B 205 2.79 -4.74 41.47
N LEU B 206 2.33 -5.66 40.63
CA LEU B 206 1.14 -5.43 39.84
C LEU B 206 -0.03 -5.13 40.75
N VAL B 207 -0.87 -4.18 40.35
CA VAL B 207 -1.97 -3.72 41.18
C VAL B 207 -3.19 -3.42 40.31
N ASN B 208 -4.35 -3.43 40.95
CA ASN B 208 -5.62 -3.12 40.30
C ASN B 208 -6.00 -1.66 40.57
N ILE B 209 -6.28 -0.92 39.51
CA ILE B 209 -6.69 0.46 39.65
C ILE B 209 -8.13 0.62 39.19
N ASN B 210 -8.84 1.57 39.79
CA ASN B 210 -10.26 1.77 39.49
C ASN B 210 -10.53 2.67 38.28
N ALA B 211 -11.43 2.19 37.41
CA ALA B 211 -11.80 2.86 36.16
C ALA B 211 -11.66 4.38 36.11
N ASP B 212 -12.63 5.11 36.65
CA ASP B 212 -12.68 6.57 36.45
C ASP B 212 -11.73 7.36 37.35
N VAL B 213 -11.20 6.71 38.38
CA VAL B 213 -10.05 7.25 39.09
C VAL B 213 -8.87 7.29 38.12
N ALA B 214 -8.79 6.27 37.27
CA ALA B 214 -7.74 6.15 36.26
C ALA B 214 -7.93 7.15 35.13
N VAL B 215 -9.19 7.43 34.80
CA VAL B 215 -9.55 8.46 33.83
C VAL B 215 -9.20 9.87 34.35
N ARG B 216 -9.56 10.12 35.60
CA ARG B 216 -9.21 11.36 36.25
C ARG B 216 -7.72 11.65 36.08
N ALA B 217 -6.88 10.66 36.39
CA ALA B 217 -5.44 10.81 36.27
C ALA B 217 -4.99 11.00 34.82
N LEU B 218 -5.46 10.13 33.93
CA LEU B 218 -5.13 10.27 32.52
C LEU B 218 -5.46 11.66 32.00
N VAL B 219 -6.67 12.15 32.28
CA VAL B 219 -7.06 13.51 31.88
C VAL B 219 -6.15 14.58 32.52
N HIS B 220 -5.83 14.41 33.80
CA HIS B 220 -4.97 15.38 34.46
C HIS B 220 -3.58 15.46 33.83
N ALA B 221 -3.10 14.34 33.30
CA ALA B 221 -1.77 14.29 32.74
C ALA B 221 -1.73 14.73 31.27
N LEU B 222 -2.77 14.37 30.52
CA LEU B 222 -2.81 14.67 29.10
C LEU B 222 -3.54 15.96 28.74
N GLN B 223 -4.42 16.41 29.65
CA GLN B 223 -5.22 17.62 29.46
C GLN B 223 -5.93 17.69 28.10
N PRO B 224 -6.68 16.64 27.77
CA PRO B 224 -7.32 16.49 26.45
C PRO B 224 -8.18 17.68 26.07
N TYR B 225 -8.29 17.88 24.78
CA TYR B 225 -9.26 18.80 24.23
C TYR B 225 -10.65 18.20 24.42
N LYS B 226 -10.74 16.88 24.34
CA LYS B 226 -12.00 16.17 24.40
C LYS B 226 -11.90 14.97 25.32
N VAL B 227 -12.95 14.74 26.11
CA VAL B 227 -13.06 13.55 26.94
C VAL B 227 -14.42 12.91 26.62
N VAL B 228 -14.39 11.68 26.12
CA VAL B 228 -15.57 10.99 25.61
C VAL B 228 -15.90 9.73 26.41
N PHE B 229 -17.14 9.62 26.88
CA PHE B 229 -17.62 8.39 27.48
C PHE B 229 -18.52 7.61 26.51
N LEU B 230 -18.12 6.38 26.16
CA LEU B 230 -18.95 5.49 25.34
C LEU B 230 -19.76 4.51 26.17
N THR B 231 -21.05 4.44 25.89
CA THR B 231 -21.95 3.51 26.55
C THR B 231 -23.01 3.00 25.58
N GLY B 232 -23.68 1.92 25.96
CA GLY B 232 -24.83 1.42 25.22
C GLY B 232 -25.97 2.43 25.24
N THR B 233 -26.15 3.10 26.37
CA THR B 233 -27.12 4.20 26.48
C THR B 233 -26.51 5.47 25.90
N GLY B 234 -26.84 5.74 24.64
CA GLY B 234 -26.16 6.76 23.84
C GLY B 234 -26.18 8.19 24.37
N GLY B 235 -26.19 8.34 25.69
CA GLY B 235 -26.19 9.66 26.30
C GLY B 235 -26.92 9.75 27.63
N LEU B 236 -27.43 10.96 27.90
CA LEU B 236 -28.13 11.30 29.14
C LEU B 236 -29.57 11.78 28.87
N LEU B 237 -30.56 11.16 29.51
CA LEU B 237 -31.95 11.52 29.23
C LEU B 237 -32.35 12.76 30.01
N ASP B 238 -33.37 13.47 29.50
CA ASP B 238 -33.94 14.64 30.19
C ASP B 238 -35.30 14.32 30.82
N GLU B 239 -36.02 15.35 31.26
CA GLU B 239 -37.28 15.17 32.00
C GLU B 239 -38.26 14.29 31.24
N ASP B 240 -38.39 14.53 29.94
CA ASP B 240 -39.32 13.76 29.11
C ASP B 240 -38.78 12.37 28.80
N GLY B 241 -37.46 12.25 28.63
CA GLY B 241 -36.85 10.96 28.37
C GLY B 241 -36.13 10.88 27.03
N ASP B 242 -35.82 12.06 26.49
CA ASP B 242 -35.02 12.19 25.27
C ASP B 242 -33.55 12.30 25.63
N ILE B 243 -32.67 12.05 24.67
CA ILE B 243 -31.26 12.36 24.85
C ILE B 243 -31.10 13.87 25.06
N LEU B 244 -30.87 14.27 26.31
CA LEU B 244 -30.46 15.64 26.66
C LEU B 244 -29.15 15.97 25.98
N SER B 245 -29.21 16.80 24.93
CA SER B 245 -28.09 16.97 24.01
C SER B 245 -26.92 17.80 24.56
N SER B 246 -27.16 18.54 25.63
CA SER B 246 -26.10 19.39 26.17
C SER B 246 -26.33 19.88 27.60
N ILE B 247 -25.23 20.20 28.25
CA ILE B 247 -25.25 20.72 29.60
C ILE B 247 -24.21 21.83 29.69
N ASN B 248 -24.68 23.03 30.02
CA ASN B 248 -23.82 24.20 30.25
C ASN B 248 -23.66 24.32 31.76
N LEU B 249 -22.52 23.85 32.28
CA LEU B 249 -22.32 23.83 33.73
C LEU B 249 -22.57 25.17 34.44
N ALA B 250 -21.99 26.25 33.92
CA ALA B 250 -22.13 27.56 34.56
C ALA B 250 -23.58 27.88 34.91
N THR B 251 -24.50 27.48 34.02
CA THR B 251 -25.91 27.81 34.18
C THR B 251 -26.83 26.62 34.51
N ASP B 252 -26.35 25.39 34.31
CA ASP B 252 -27.20 24.20 34.46
C ASP B 252 -26.94 23.34 35.69
N PHE B 253 -25.73 23.39 36.25
CA PHE B 253 -25.30 22.45 37.29
C PHE B 253 -26.19 22.43 38.55
N GLY B 254 -26.23 23.56 39.26
CA GLY B 254 -27.10 23.70 40.41
C GLY B 254 -28.50 23.25 40.04
N ASP B 255 -29.04 23.84 38.98
CA ASP B 255 -30.34 23.44 38.46
C ASP B 255 -30.50 21.92 38.35
N LEU B 256 -29.42 21.23 37.93
CA LEU B 256 -29.48 19.78 37.71
C LEU B 256 -29.22 18.95 38.95
N MSE B 257 -28.40 19.46 39.87
CA MSE B 257 -28.26 18.80 41.15
C MSE B 257 -29.51 18.99 42.02
O MSE B 257 -29.99 18.03 42.64
CB MSE B 257 -26.99 19.26 41.85
CG MSE B 257 -25.72 18.86 41.12
SE MSE B 257 -25.65 16.95 40.65
CE MSE B 257 -24.52 16.30 42.09
N GLN B 258 -30.04 20.20 42.06
CA GLN B 258 -31.30 20.48 42.76
C GLN B 258 -32.52 20.01 41.97
N ALA B 259 -32.31 19.03 41.10
CA ALA B 259 -33.34 18.57 40.19
C ALA B 259 -34.03 17.32 40.73
N ASP B 260 -35.28 17.15 40.34
CA ASP B 260 -36.09 16.02 40.80
C ASP B 260 -35.87 14.78 39.93
N TRP B 261 -36.31 14.87 38.67
CA TRP B 261 -36.18 13.76 37.72
C TRP B 261 -34.73 13.38 37.40
N VAL B 262 -33.79 13.94 38.17
CA VAL B 262 -32.40 13.52 38.10
C VAL B 262 -32.13 12.52 39.22
N ASN B 263 -32.28 11.23 38.89
CA ASN B 263 -32.06 10.16 39.85
C ASN B 263 -30.60 10.13 40.30
N GLY B 264 -30.38 9.81 41.58
CA GLY B 264 -29.06 9.81 42.15
C GLY B 264 -27.99 9.22 41.27
N GLY B 265 -28.38 8.25 40.44
CA GLY B 265 -27.45 7.57 39.54
C GLY B 265 -26.87 8.48 38.48
N MSE B 266 -27.68 9.45 38.04
CA MSE B 266 -27.22 10.48 37.11
C MSE B 266 -26.27 11.46 37.81
O MSE B 266 -25.35 11.99 37.18
CB MSE B 266 -28.42 11.23 36.52
CG MSE B 266 -28.07 12.33 35.53
SE MSE B 266 -29.51 12.73 34.27
CE MSE B 266 -28.62 14.12 33.23
N ARG B 267 -26.47 11.67 39.10
CA ARG B 267 -25.68 12.64 39.86
C ARG B 267 -24.22 12.23 40.07
N LEU B 268 -23.95 10.94 40.14
CA LEU B 268 -22.56 10.50 40.22
C LEU B 268 -21.83 11.14 39.04
N LYS B 269 -22.39 10.94 37.85
CA LYS B 269 -21.71 11.25 36.59
C LYS B 269 -21.48 12.75 36.37
N LEU B 270 -22.42 13.57 36.80
CA LEU B 270 -22.24 15.01 36.70
C LEU B 270 -21.13 15.49 37.66
N GLU B 271 -21.19 15.03 38.90
CA GLU B 271 -20.14 15.39 39.84
C GLU B 271 -18.82 15.05 39.17
N GLU B 272 -18.65 13.78 38.83
CA GLU B 272 -17.44 13.29 38.19
C GLU B 272 -17.03 14.17 37.01
N ILE B 273 -17.94 14.36 36.07
CA ILE B 273 -17.70 15.18 34.89
C ILE B 273 -17.35 16.64 35.19
N LYS B 274 -18.09 17.28 36.08
CA LYS B 274 -17.70 18.62 36.50
C LYS B 274 -16.26 18.57 37.02
N ARG B 275 -15.98 17.63 37.91
CA ARG B 275 -14.61 17.44 38.43
C ARG B 275 -13.55 17.46 37.30
N LEU B 276 -13.71 16.56 36.34
CA LEU B 276 -12.77 16.42 35.23
C LEU B 276 -12.62 17.70 34.42
N LEU B 277 -13.75 18.39 34.19
CA LEU B 277 -13.75 19.61 33.37
C LEU B 277 -13.14 20.81 34.12
N ASP B 278 -13.24 20.82 35.44
CA ASP B 278 -12.61 21.88 36.21
C ASP B 278 -11.08 21.75 36.14
N ASP B 279 -10.61 20.53 35.89
CA ASP B 279 -9.18 20.31 35.75
C ASP B 279 -8.73 20.49 34.31
N LEU B 280 -9.53 21.21 33.54
CA LEU B 280 -9.27 21.38 32.11
C LEU B 280 -9.48 22.84 31.68
N PRO B 281 -8.84 23.24 30.58
CA PRO B 281 -9.10 24.58 30.05
C PRO B 281 -10.54 24.72 29.56
N LEU B 282 -11.04 25.95 29.53
CA LEU B 282 -12.46 26.22 29.21
C LEU B 282 -12.84 25.69 27.82
N SER B 283 -11.85 25.46 26.99
CA SER B 283 -12.13 25.02 25.63
C SER B 283 -12.40 23.51 25.51
N SER B 284 -12.08 22.75 26.55
CA SER B 284 -12.29 21.30 26.57
C SER B 284 -13.77 20.93 26.72
N SER B 285 -14.10 19.65 26.55
CA SER B 285 -15.47 19.20 26.80
C SER B 285 -15.62 17.68 26.97
N VAL B 286 -16.65 17.27 27.70
CA VAL B 286 -17.03 15.86 27.83
C VAL B 286 -18.15 15.47 26.85
N SER B 287 -18.16 14.24 26.39
CA SER B 287 -19.13 13.82 25.40
C SER B 287 -19.50 12.40 25.70
N ILE B 288 -20.77 12.18 26.04
CA ILE B 288 -21.24 10.83 26.29
C ILE B 288 -22.30 10.34 25.27
N THR B 289 -21.86 9.48 24.34
CA THR B 289 -22.73 8.91 23.33
C THR B 289 -22.43 7.44 23.03
N ARG B 290 -22.95 6.97 21.90
CA ARG B 290 -22.81 5.60 21.44
C ARG B 290 -21.78 5.58 20.32
N PRO B 291 -21.02 4.48 20.20
CA PRO B 291 -19.98 4.46 19.18
C PRO B 291 -20.52 4.78 17.79
N SER B 292 -21.72 4.33 17.48
CA SER B 292 -22.25 4.52 16.14
C SER B 292 -22.39 6.00 15.78
N GLU B 293 -22.55 6.84 16.80
CA GLU B 293 -22.85 8.25 16.59
C GLU B 293 -21.70 9.16 16.95
N LEU B 294 -20.59 8.57 17.38
CA LEU B 294 -19.44 9.33 17.85
C LEU B 294 -19.00 10.40 16.87
N ALA B 295 -19.01 10.08 15.59
CA ALA B 295 -18.54 11.00 14.56
C ALA B 295 -19.48 12.20 14.40
N ARG B 296 -20.77 11.94 14.28
CA ARG B 296 -21.77 13.01 14.28
C ARG B 296 -21.49 13.95 15.45
N GLU B 297 -21.26 13.34 16.62
CA GLU B 297 -21.03 14.05 17.87
C GLU B 297 -19.76 14.90 17.88
N LEU B 298 -18.74 14.49 17.13
CA LEU B 298 -17.47 15.20 17.13
C LEU B 298 -17.30 16.18 15.97
N PHE B 299 -17.92 15.87 14.84
CA PHE B 299 -17.66 16.63 13.63
C PHE B 299 -18.80 17.52 13.13
N THR B 300 -19.94 17.50 13.83
CA THR B 300 -21.07 18.38 13.49
C THR B 300 -21.38 19.30 14.65
N HIS B 301 -22.01 20.44 14.36
CA HIS B 301 -22.48 21.39 15.38
C HIS B 301 -23.58 20.80 16.25
N ALA B 302 -24.45 20.00 15.64
CA ALA B 302 -25.61 19.45 16.35
C ALA B 302 -25.25 18.24 17.21
N GLY B 303 -24.17 17.57 16.83
CA GLY B 303 -23.75 16.35 17.50
C GLY B 303 -24.79 15.24 17.49
N SER B 304 -24.57 14.26 18.35
CA SER B 304 -25.50 13.15 18.57
C SER B 304 -25.18 12.49 19.92
N GLY B 305 -25.79 13.01 20.98
CA GLY B 305 -25.45 12.60 22.33
C GLY B 305 -25.35 13.79 23.27
N THR B 306 -24.79 13.55 24.45
CA THR B 306 -24.72 14.57 25.49
C THR B 306 -23.37 15.27 25.54
N LEU B 307 -23.35 16.56 25.20
CA LEU B 307 -22.13 17.35 25.26
C LEU B 307 -22.12 18.16 26.54
N ILE B 308 -21.04 18.09 27.32
CA ILE B 308 -20.93 18.89 28.54
C ILE B 308 -19.68 19.77 28.56
N ARG B 309 -19.87 21.03 28.95
CA ARG B 309 -18.82 22.01 28.97
C ARG B 309 -18.93 22.85 30.25
N ARG B 310 -17.80 23.35 30.75
CA ARG B 310 -17.84 24.24 31.89
C ARG B 310 -18.79 25.39 31.56
N GLY B 311 -18.71 25.89 30.33
CA GLY B 311 -19.70 26.83 29.80
C GLY B 311 -19.44 28.32 29.97
N GLU B 312 -20.51 29.05 30.32
CA GLU B 312 -20.44 30.48 30.57
C GLU B 312 -21.81 31.02 30.96
N ARG B 313 -21.83 32.05 31.79
CA ARG B 313 -23.07 32.57 32.35
C ARG B 313 -23.87 33.41 31.36
N MSE B 314 -25.12 33.70 31.68
CA MSE B 314 -25.93 34.56 30.83
C MSE B 314 -26.85 35.46 31.62
O MSE B 314 -27.25 35.13 32.75
CB MSE B 314 -26.74 33.74 29.82
CG MSE B 314 -27.60 32.67 30.45
SE MSE B 314 -29.17 32.29 29.39
CE MSE B 314 -30.15 33.95 29.68
N VAL B 315 -27.21 36.57 31.02
CA VAL B 315 -28.11 37.54 31.63
C VAL B 315 -29.55 37.35 31.13
N ALA B 316 -30.51 37.45 32.03
CA ALA B 316 -31.92 37.51 31.66
C ALA B 316 -32.52 38.76 32.29
N THR B 317 -32.80 39.75 31.45
CA THR B 317 -33.29 41.03 31.94
C THR B 317 -34.41 41.56 31.03
N ASP B 318 -35.26 42.43 31.57
CA ASP B 318 -36.29 43.12 30.77
C ASP B 318 -35.98 44.62 30.68
N ASP B 319 -34.76 44.99 31.06
CA ASP B 319 -34.30 46.36 30.91
C ASP B 319 -33.35 46.45 29.71
N LYS B 320 -33.76 47.22 28.70
CA LYS B 320 -33.00 47.38 27.47
C LYS B 320 -31.79 48.30 27.66
N SER B 321 -31.77 49.02 28.78
CA SER B 321 -30.66 49.92 29.10
C SER B 321 -29.42 49.16 29.57
N SER B 322 -29.60 47.87 29.89
CA SER B 322 -28.53 47.06 30.47
C SER B 322 -27.81 46.19 29.45
N LEU B 323 -28.19 46.33 28.19
CA LEU B 323 -27.63 45.52 27.12
C LEU B 323 -26.72 46.37 26.26
N ASP B 324 -25.68 45.75 25.73
CA ASP B 324 -24.88 46.42 24.72
C ASP B 324 -25.55 46.28 23.36
N LEU B 325 -26.25 47.34 22.93
CA LEU B 325 -26.90 47.33 21.63
C LEU B 325 -25.86 47.26 20.50
N GLY B 326 -24.69 47.85 20.72
CA GLY B 326 -23.62 47.72 19.77
C GLY B 326 -23.18 46.27 19.60
N ARG B 327 -23.02 45.57 20.71
CA ARG B 327 -22.57 44.18 20.68
C ARG B 327 -23.62 43.24 20.04
N LEU B 328 -24.88 43.42 20.43
CA LEU B 328 -25.98 42.65 19.85
C LEU B 328 -26.06 42.88 18.35
N ASP B 329 -25.88 44.13 17.92
CA ASP B 329 -26.01 44.46 16.50
C ASP B 329 -24.89 43.86 15.64
N ASN B 330 -23.70 43.66 16.23
CA ASN B 330 -22.58 43.03 15.53
C ASN B 330 -22.71 41.51 15.47
N LEU B 331 -23.51 40.96 16.38
CA LEU B 331 -23.77 39.53 16.48
C LEU B 331 -24.90 39.12 15.53
N VAL B 332 -25.90 39.99 15.42
CA VAL B 332 -26.99 39.84 14.47
C VAL B 332 -26.44 39.92 13.07
N LYS B 333 -25.46 40.80 12.86
CA LYS B 333 -24.90 40.99 11.54
C LYS B 333 -23.97 39.84 11.21
N ALA B 334 -23.45 39.19 12.24
CA ALA B 334 -22.53 38.07 12.05
C ALA B 334 -23.29 36.77 11.95
N ALA B 335 -24.45 36.74 12.61
CA ALA B 335 -25.31 35.55 12.61
C ALA B 335 -26.10 35.41 11.31
N PHE B 336 -26.78 36.49 10.91
CA PHE B 336 -27.36 36.61 9.58
C PHE B 336 -26.41 37.50 8.77
N GLY B 337 -26.47 37.42 7.45
CA GLY B 337 -25.49 38.13 6.64
C GLY B 337 -25.74 39.63 6.60
N ARG B 338 -26.64 40.10 7.44
CA ARG B 338 -27.12 41.48 7.35
C ARG B 338 -27.39 42.09 8.73
N PRO B 339 -27.22 43.41 8.84
CA PRO B 339 -27.45 44.17 10.08
C PRO B 339 -28.88 44.69 10.20
N ALA B 340 -29.32 44.92 11.44
CA ALA B 340 -30.64 45.48 11.67
C ALA B 340 -30.81 46.80 10.91
N VAL B 341 -32.03 47.04 10.42
CA VAL B 341 -32.31 48.28 9.69
C VAL B 341 -32.11 49.51 10.58
N GLU B 342 -31.90 50.67 9.97
CA GLU B 342 -31.61 51.85 10.76
C GLU B 342 -32.76 52.14 11.70
N GLY B 343 -32.43 52.30 12.98
CA GLY B 343 -33.39 52.71 13.98
C GLY B 343 -34.24 51.58 14.51
N TYR B 344 -33.72 50.36 14.42
CA TYR B 344 -34.42 49.22 14.98
C TYR B 344 -34.08 49.13 16.45
N TRP B 345 -32.78 49.04 16.75
CA TRP B 345 -32.37 48.93 18.14
C TRP B 345 -32.84 50.15 18.92
N ASP B 346 -33.06 51.24 18.20
CA ASP B 346 -33.60 52.44 18.81
C ASP B 346 -35.00 52.20 19.38
N ARG B 347 -35.89 51.67 18.54
CA ARG B 347 -37.30 51.61 18.86
C ARG B 347 -37.78 50.22 19.32
N LEU B 348 -36.82 49.30 19.49
CA LEU B 348 -37.14 47.96 19.97
C LEU B 348 -37.67 48.04 21.40
N ARG B 349 -38.86 47.48 21.64
CA ARG B 349 -39.42 47.46 22.99
C ARG B 349 -39.37 46.05 23.58
N VAL B 350 -38.20 45.71 24.10
CA VAL B 350 -37.94 44.45 24.76
C VAL B 350 -39.04 44.04 25.74
N ASP B 351 -39.32 42.74 25.75
CA ASP B 351 -40.18 42.12 26.75
C ASP B 351 -39.21 41.38 27.66
N ARG B 352 -38.39 40.54 27.04
CA ARG B 352 -37.32 39.80 27.71
C ARG B 352 -36.16 39.69 26.74
N ALA B 353 -34.96 39.82 27.26
CA ALA B 353 -33.76 39.55 26.47
C ALA B 353 -32.92 38.54 27.23
N PHE B 354 -32.48 37.51 26.54
CA PHE B 354 -31.60 36.50 27.11
C PHE B 354 -30.29 36.52 26.35
N VAL B 355 -29.25 36.98 27.02
CA VAL B 355 -27.94 37.13 26.39
C VAL B 355 -26.87 36.36 27.16
N THR B 356 -26.17 35.47 26.46
CA THR B 356 -24.98 34.79 26.99
C THR B 356 -23.93 35.87 27.23
N GLU B 357 -23.11 35.73 28.27
CA GLU B 357 -22.22 36.82 28.69
C GLU B 357 -21.06 37.12 27.74
N SER B 358 -20.85 36.28 26.74
CA SER B 358 -19.91 36.61 25.67
C SER B 358 -20.62 37.36 24.54
N TYR B 359 -21.95 37.28 24.52
CA TYR B 359 -22.77 37.91 23.48
C TYR B 359 -22.65 37.16 22.16
N ARG B 360 -22.41 35.85 22.23
CA ARG B 360 -22.34 35.04 21.03
C ARG B 360 -23.66 34.26 20.80
N ALA B 361 -24.60 34.45 21.72
CA ALA B 361 -25.96 33.90 21.57
C ALA B 361 -26.96 34.77 22.31
N ALA B 362 -28.13 34.97 21.70
CA ALA B 362 -29.13 35.86 22.27
C ALA B 362 -30.53 35.55 21.76
N ALA B 363 -31.50 35.71 22.65
CA ALA B 363 -32.90 35.64 22.27
C ALA B 363 -33.56 36.87 22.80
N ILE B 364 -34.14 37.65 21.90
CA ILE B 364 -34.88 38.83 22.29
C ILE B 364 -36.37 38.66 21.98
N THR B 365 -37.20 39.06 22.92
CA THR B 365 -38.62 38.84 22.80
C THR B 365 -39.41 40.16 22.97
N THR B 366 -40.31 40.42 22.03
CA THR B 366 -41.18 41.58 22.14
C THR B 366 -42.61 41.09 22.45
N ARG B 367 -43.55 42.01 22.44
CA ARG B 367 -44.93 41.67 22.74
C ARG B 367 -45.75 42.01 21.49
N LEU B 368 -46.43 41.02 20.93
CA LEU B 368 -47.24 41.24 19.74
C LEU B 368 -48.72 41.08 20.05
N ASP B 369 -49.46 42.19 20.08
CA ASP B 369 -50.87 42.12 20.39
C ASP B 369 -51.11 41.20 21.59
N GLY B 370 -50.28 41.33 22.61
CA GLY B 370 -50.44 40.61 23.85
C GLY B 370 -49.75 39.26 23.88
N TRP B 371 -49.20 38.84 22.75
CA TRP B 371 -48.47 37.58 22.70
C TRP B 371 -47.00 37.81 22.96
N VAL B 372 -46.35 36.83 23.56
CA VAL B 372 -44.91 36.84 23.64
C VAL B 372 -44.44 36.51 22.24
N TYR B 373 -43.48 37.26 21.72
CA TYR B 373 -43.05 37.10 20.34
C TYR B 373 -41.54 37.03 20.23
N LEU B 374 -41.03 35.92 19.71
CA LEU B 374 -39.59 35.79 19.51
C LEU B 374 -39.19 36.66 18.34
N ASP B 375 -38.47 37.74 18.65
CA ASP B 375 -38.12 38.74 17.65
C ASP B 375 -36.76 38.50 17.00
N LYS B 376 -35.76 38.23 17.82
CA LYS B 376 -34.42 37.93 17.33
C LYS B 376 -33.96 36.69 18.02
N PHE B 377 -33.37 35.77 17.27
CA PHE B 377 -32.65 34.67 17.87
C PHE B 377 -31.38 34.57 17.06
N ALA B 378 -30.24 34.82 17.71
CA ALA B 378 -28.97 34.85 16.98
C ALA B 378 -27.84 34.07 17.68
N VAL B 379 -27.22 33.15 16.95
CA VAL B 379 -26.14 32.36 17.50
C VAL B 379 -25.04 32.23 16.46
N LEU B 380 -23.81 32.59 16.84
CA LEU B 380 -22.67 32.32 15.98
C LEU B 380 -22.48 30.81 15.95
N ASP B 381 -21.94 30.29 14.85
CA ASP B 381 -21.84 28.84 14.69
C ASP B 381 -21.03 28.25 15.83
N ASP B 382 -19.93 28.92 16.17
CA ASP B 382 -19.10 28.52 17.30
C ASP B 382 -19.99 28.20 18.47
N ALA B 383 -20.71 29.20 18.95
CA ALA B 383 -21.67 29.01 20.04
C ALA B 383 -22.72 27.92 19.74
N ARG B 384 -23.14 27.78 18.48
CA ARG B 384 -24.05 26.70 18.11
C ARG B 384 -23.37 25.38 18.45
N GLY B 385 -22.16 25.18 17.95
CA GLY B 385 -21.39 23.98 18.22
C GLY B 385 -21.28 23.61 19.69
N GLU B 386 -21.12 24.61 20.55
CA GLU B 386 -20.87 24.39 21.97
C GLU B 386 -22.09 24.48 22.89
N GLY B 387 -23.28 24.42 22.32
CA GLY B 387 -24.51 24.31 23.10
C GLY B 387 -25.04 25.54 23.81
N LEU B 388 -24.55 26.72 23.41
CA LEU B 388 -24.99 28.00 23.99
C LEU B 388 -26.30 28.49 23.39
N GLY B 389 -26.52 28.16 22.12
CA GLY B 389 -27.78 28.47 21.47
C GLY B 389 -28.92 27.75 22.17
N ARG B 390 -28.67 26.50 22.58
CA ARG B 390 -29.67 25.71 23.27
C ARG B 390 -29.99 26.30 24.66
N THR B 391 -28.94 26.57 25.43
CA THR B 391 -29.08 27.20 26.73
C THR B 391 -29.96 28.45 26.68
N VAL B 392 -29.62 29.35 25.77
CA VAL B 392 -30.37 30.59 25.59
C VAL B 392 -31.80 30.30 25.14
N TRP B 393 -31.96 29.32 24.26
CA TRP B 393 -33.27 29.02 23.74
C TRP B 393 -34.20 28.40 24.81
N ASN B 394 -33.63 27.62 25.71
CA ASN B 394 -34.40 26.94 26.74
C ASN B 394 -34.93 27.82 27.87
N ARG B 395 -34.09 28.73 28.37
CA ARG B 395 -34.51 29.66 29.40
C ARG B 395 -35.62 30.52 28.82
N MSE B 396 -35.44 30.90 27.56
CA MSE B 396 -36.40 31.71 26.84
C MSE B 396 -37.79 31.05 26.79
O MSE B 396 -38.76 31.62 27.27
CB MSE B 396 -35.87 32.02 25.45
CG MSE B 396 -36.66 33.05 24.66
SE MSE B 396 -38.16 32.30 23.66
CE MSE B 396 -37.22 31.13 22.39
N VAL B 397 -37.87 29.84 26.23
CA VAL B 397 -39.14 29.12 26.16
C VAL B 397 -39.67 28.67 27.52
N ASP B 398 -38.79 28.64 28.53
CA ASP B 398 -39.27 28.39 29.88
C ASP B 398 -39.95 29.64 30.42
N TYR B 399 -39.40 30.79 30.05
CA TYR B 399 -40.04 32.06 30.38
C TYR B 399 -41.35 32.20 29.60
N ALA B 400 -41.33 31.79 28.34
CA ALA B 400 -42.50 31.90 27.47
C ALA B 400 -43.00 30.53 26.99
N PRO B 401 -43.87 29.91 27.80
CA PRO B 401 -44.44 28.60 27.47
C PRO B 401 -45.33 28.68 26.23
N GLN B 402 -45.77 29.88 25.89
CA GLN B 402 -46.58 30.12 24.71
C GLN B 402 -45.92 31.23 23.87
N LEU B 403 -45.26 30.81 22.79
CA LEU B 403 -44.52 31.72 21.94
C LEU B 403 -45.05 31.72 20.51
N ILE B 404 -44.90 32.86 19.84
CA ILE B 404 -45.11 32.96 18.40
C ILE B 404 -43.77 33.42 17.81
N TRP B 405 -43.54 33.16 16.54
CA TRP B 405 -42.35 33.66 15.87
C TRP B 405 -42.29 33.27 14.42
N ARG B 406 -41.41 33.93 13.68
CA ARG B 406 -41.26 33.60 12.27
C ARG B 406 -39.81 33.42 11.87
N SER B 407 -39.62 32.98 10.63
CA SER B 407 -38.32 32.65 10.11
C SER B 407 -38.42 32.56 8.60
N ARG B 408 -37.33 32.83 7.89
CA ARG B 408 -37.39 32.77 6.43
C ARG B 408 -37.54 31.32 6.02
N THR B 409 -38.39 31.08 5.03
CA THR B 409 -38.75 29.73 4.64
C THR B 409 -37.52 28.89 4.26
N ASN B 410 -36.43 29.57 3.91
CA ASN B 410 -35.23 28.87 3.49
C ASN B 410 -34.06 29.01 4.50
N ASN B 411 -34.41 29.19 5.78
CA ASN B 411 -33.42 29.24 6.85
C ASN B 411 -33.19 27.85 7.50
N PRO B 412 -31.93 27.39 7.52
CA PRO B 412 -31.59 26.06 8.07
C PRO B 412 -32.00 25.84 9.54
N VAL B 413 -32.17 26.92 10.31
CA VAL B 413 -32.68 26.77 11.68
C VAL B 413 -34.14 26.28 11.72
N ASN B 414 -34.80 26.30 10.56
CA ASN B 414 -36.16 25.86 10.50
C ASN B 414 -36.30 24.42 10.95
N GLY B 415 -35.21 23.68 10.85
CA GLY B 415 -35.22 22.29 11.26
C GLY B 415 -35.36 22.25 12.76
N PHE B 416 -34.49 22.99 13.43
CA PHE B 416 -34.58 23.14 14.86
C PHE B 416 -35.98 23.63 15.27
N TYR B 417 -36.48 24.65 14.59
CA TYR B 417 -37.73 25.30 14.98
C TYR B 417 -38.88 24.33 14.92
N PHE B 418 -38.91 23.52 13.87
CA PHE B 418 -39.91 22.47 13.74
C PHE B 418 -39.83 21.48 14.90
N GLU B 419 -38.63 21.02 15.26
CA GLU B 419 -38.48 20.12 16.41
C GLU B 419 -38.99 20.76 17.69
N GLU B 420 -39.00 22.09 17.75
CA GLU B 420 -39.34 22.80 18.98
C GLU B 420 -40.75 23.44 18.96
N CYS B 421 -41.47 23.30 17.85
CA CYS B 421 -42.77 23.96 17.71
C CYS B 421 -43.93 23.05 18.06
N ASP B 422 -45.07 23.66 18.37
CA ASP B 422 -46.30 22.89 18.52
C ASP B 422 -47.17 23.02 17.27
N GLY B 423 -46.74 23.86 16.33
CA GLY B 423 -47.50 24.15 15.12
C GLY B 423 -46.87 25.20 14.21
N ALA B 424 -47.18 25.13 12.91
CA ALA B 424 -46.56 26.01 11.92
C ALA B 424 -47.40 26.31 10.70
N VAL B 425 -47.10 27.43 10.07
CA VAL B 425 -47.76 27.82 8.83
C VAL B 425 -46.70 28.33 7.86
N ARG B 426 -46.60 27.79 6.65
CA ARG B 426 -45.54 28.26 5.76
C ARG B 426 -45.95 28.83 4.40
N ARG B 427 -45.65 30.13 4.19
CA ARG B 427 -45.74 30.79 2.89
C ARG B 427 -44.38 30.85 2.18
N ASP B 428 -44.35 31.39 0.96
CA ASP B 428 -43.14 31.38 0.13
C ASP B 428 -41.94 32.08 0.77
N GLU B 429 -42.18 33.13 1.52
CA GLU B 429 -41.08 33.92 2.06
C GLU B 429 -40.90 33.70 3.56
N TRP B 430 -42.02 33.63 4.28
CA TRP B 430 -41.98 33.49 5.73
C TRP B 430 -42.62 32.20 6.22
N THR B 431 -42.23 31.80 7.41
CA THR B 431 -42.88 30.71 8.10
C THR B 431 -43.17 31.13 9.51
N VAL B 432 -44.43 31.03 9.93
CA VAL B 432 -44.76 31.33 11.33
C VAL B 432 -44.82 30.05 12.16
N PHE B 433 -44.21 30.08 13.34
CA PHE B 433 -44.20 28.96 14.27
C PHE B 433 -44.94 29.34 15.56
N TRP B 434 -45.38 28.36 16.31
CA TRP B 434 -45.79 28.62 17.70
C TRP B 434 -45.49 27.46 18.62
N ARG B 435 -45.37 27.77 19.92
CA ARG B 435 -45.39 26.77 20.98
C ARG B 435 -46.56 27.07 21.89
N GLY B 436 -46.99 26.08 22.67
CA GLY B 436 -48.14 26.23 23.53
C GLY B 436 -49.27 25.29 23.14
N GLU B 437 -50.38 25.34 23.87
CA GLU B 437 -51.46 24.40 23.61
C GLU B 437 -52.54 24.92 22.67
N MSE B 438 -52.25 26.02 22.00
CA MSE B 438 -53.19 26.62 21.06
C MSE B 438 -53.42 25.70 19.86
O MSE B 438 -52.53 24.96 19.45
CB MSE B 438 -52.69 27.98 20.55
CG MSE B 438 -52.34 29.00 21.62
SE MSE B 438 -50.47 28.89 22.21
CE MSE B 438 -49.61 29.85 20.74
N GLY B 439 -54.64 25.76 19.31
CA GLY B 439 -54.92 25.15 18.03
C GLY B 439 -54.92 26.26 16.99
N PRO B 440 -55.16 25.90 15.72
CA PRO B 440 -55.21 26.89 14.63
C PRO B 440 -56.21 28.03 14.86
N VAL B 441 -57.23 27.79 15.69
CA VAL B 441 -58.23 28.83 15.96
C VAL B 441 -57.68 29.98 16.81
N GLU B 442 -57.02 29.62 17.91
CA GLU B 442 -56.49 30.59 18.85
C GLU B 442 -55.34 31.42 18.33
N VAL B 443 -54.63 30.92 17.33
CA VAL B 443 -53.47 31.67 16.83
C VAL B 443 -53.65 32.22 15.43
N ALA B 444 -54.75 31.87 14.78
CA ALA B 444 -54.96 32.26 13.39
C ALA B 444 -54.66 33.73 13.11
N ASP B 445 -55.07 34.62 14.03
CA ASP B 445 -54.93 36.06 13.80
C ASP B 445 -53.50 36.54 13.97
N VAL B 446 -52.85 36.12 15.05
CA VAL B 446 -51.52 36.62 15.34
C VAL B 446 -50.50 36.11 14.33
N VAL B 447 -50.73 34.90 13.83
CA VAL B 447 -49.94 34.38 12.73
C VAL B 447 -50.08 35.34 11.55
N GLU B 448 -51.30 35.75 11.27
CA GLU B 448 -51.54 36.68 10.17
C GLU B 448 -50.85 38.04 10.34
N LYS B 449 -50.75 38.54 11.57
CA LYS B 449 -50.03 39.78 11.88
C LYS B 449 -48.52 39.55 11.75
N ALA B 450 -48.10 38.34 12.11
CA ALA B 450 -46.69 37.99 12.01
C ALA B 450 -46.21 37.88 10.56
N PHE B 451 -47.02 37.31 9.67
CA PHE B 451 -46.67 37.32 8.26
C PHE B 451 -46.55 38.74 7.70
N ALA B 452 -47.14 39.71 8.39
CA ALA B 452 -47.28 41.07 7.87
C ALA B 452 -46.36 42.08 8.57
N LEU B 453 -45.71 41.65 9.64
CA LEU B 453 -44.65 42.44 10.25
C LEU B 453 -43.57 42.72 9.20
N PRO B 454 -42.91 43.90 9.29
CA PRO B 454 -41.85 44.37 8.39
C PRO B 454 -40.47 43.78 8.72
N PRO B 455 -39.57 43.71 7.71
CA PRO B 455 -38.24 43.12 7.93
C PRO B 455 -37.47 43.92 8.97
N THR B 456 -36.66 43.26 9.79
CA THR B 456 -35.85 44.01 10.74
C THR B 456 -34.36 43.96 10.36
N LEU B 457 -34.06 43.49 9.16
CA LEU B 457 -32.70 43.41 8.66
C LEU B 457 -32.56 44.04 7.28
N GLU B 458 -31.38 44.57 6.96
CA GLU B 458 -31.11 45.07 5.62
C GLU B 458 -31.43 44.03 4.56
N ALA B 459 -31.10 44.35 3.32
CA ALA B 459 -31.34 43.46 2.17
C ALA B 459 -30.62 42.11 2.30
N ALA C 25 3.45 5.31 -3.83
CA ALA C 25 4.61 6.14 -4.14
C ALA C 25 5.60 6.27 -2.97
N PRO C 26 5.08 6.50 -1.74
CA PRO C 26 5.96 6.63 -0.57
C PRO C 26 6.61 5.31 -0.15
N GLY C 27 5.81 4.25 -0.06
CA GLY C 27 6.31 2.95 0.36
C GLY C 27 7.27 2.30 -0.63
N VAL C 28 7.04 2.51 -1.92
CA VAL C 28 7.86 1.86 -2.95
C VAL C 28 9.32 2.35 -2.91
N ARG C 29 9.53 3.58 -3.39
CA ARG C 29 10.86 4.18 -3.46
C ARG C 29 11.68 3.90 -2.20
N GLN C 30 11.18 4.39 -1.07
CA GLN C 30 11.86 4.29 0.21
C GLN C 30 12.32 2.85 0.54
N THR C 31 11.41 1.88 0.40
CA THR C 31 11.73 0.51 0.81
C THR C 31 12.57 -0.26 -0.20
N ILE C 32 12.80 0.30 -1.38
CA ILE C 32 13.78 -0.29 -2.29
C ILE C 32 15.16 0.21 -1.89
N VAL C 33 15.20 1.39 -1.29
CA VAL C 33 16.45 2.00 -0.87
C VAL C 33 17.04 1.28 0.34
N GLN C 34 16.40 1.38 1.50
CA GLN C 34 16.91 0.71 2.68
C GLN C 34 16.67 -0.78 2.54
N LEU C 35 16.26 -1.16 1.34
CA LEU C 35 16.25 -2.55 0.93
C LEU C 35 17.65 -2.89 0.49
N LEU C 36 17.81 -3.04 -0.83
CA LEU C 36 19.03 -3.55 -1.45
C LEU C 36 20.37 -3.23 -0.77
N SER C 37 20.46 -2.13 -0.04
CA SER C 37 21.70 -1.83 0.67
C SER C 37 22.03 -2.88 1.73
N HIS C 38 21.20 -3.93 1.81
CA HIS C 38 21.42 -5.11 2.65
C HIS C 38 21.47 -6.38 1.77
N MSE C 39 21.22 -6.20 0.47
CA MSE C 39 21.26 -7.32 -0.48
C MSE C 39 22.69 -7.55 -0.97
O MSE C 39 23.57 -6.72 -0.72
CB MSE C 39 20.39 -7.05 -1.72
CG MSE C 39 18.89 -6.86 -1.50
SE MSE C 39 17.91 -8.37 -0.75
CE MSE C 39 17.98 -9.72 -2.16
N ARG C 40 22.89 -8.63 -1.70
CA ARG C 40 24.23 -9.03 -2.07
C ARG C 40 24.80 -8.01 -3.02
N ASP C 41 24.09 -7.77 -4.11
CA ASP C 41 24.55 -6.87 -5.15
C ASP C 41 23.97 -5.48 -4.98
N GLY C 42 23.51 -5.18 -3.78
CA GLY C 42 22.81 -3.94 -3.53
C GLY C 42 23.67 -2.72 -3.76
N LYS C 43 24.91 -2.76 -3.28
CA LYS C 43 25.82 -1.63 -3.47
C LYS C 43 26.02 -1.41 -4.96
N GLU C 44 26.53 -2.44 -5.63
CA GLU C 44 26.77 -2.39 -7.08
C GLU C 44 25.56 -1.87 -7.85
N ILE C 45 24.36 -2.26 -7.41
CA ILE C 45 23.10 -1.84 -8.04
C ILE C 45 22.72 -0.37 -7.81
N ARG C 46 22.83 0.12 -6.57
CA ARG C 46 22.57 1.53 -6.28
C ARG C 46 23.51 2.36 -7.14
N GLU C 47 24.73 1.88 -7.27
CA GLU C 47 25.72 2.63 -7.97
C GLU C 47 25.43 2.70 -9.47
N TYR C 48 24.88 1.63 -10.03
CA TYR C 48 24.53 1.70 -11.45
C TYR C 48 23.31 2.57 -11.67
N LEU C 49 22.34 2.45 -10.76
CA LEU C 49 21.12 3.28 -10.80
C LEU C 49 21.50 4.75 -10.76
N HIS C 50 22.19 5.15 -9.69
CA HIS C 50 22.57 6.54 -9.48
C HIS C 50 23.29 7.10 -10.70
N ARG C 51 24.16 6.31 -11.32
CA ARG C 51 24.87 6.73 -12.52
C ARG C 51 23.96 6.80 -13.74
N PHE C 52 23.21 5.73 -13.99
CA PHE C 52 22.36 5.60 -15.18
C PHE C 52 21.48 6.86 -15.33
N SER C 53 21.21 7.55 -14.22
CA SER C 53 20.50 8.85 -14.23
C SER C 53 20.98 9.92 -15.23
N GLY C 54 21.17 9.51 -16.49
CA GLY C 54 21.24 10.40 -17.63
C GLY C 54 19.82 10.34 -18.17
N ILE C 55 18.91 10.88 -17.39
CA ILE C 55 17.49 10.62 -17.58
C ILE C 55 17.01 11.12 -18.94
N ASP C 56 17.30 12.39 -19.19
CA ASP C 56 16.64 13.19 -20.22
C ASP C 56 15.25 12.65 -20.57
N GLN C 57 14.53 12.18 -19.55
CA GLN C 57 13.21 11.61 -19.71
C GLN C 57 13.32 10.13 -20.12
N GLU C 58 13.12 9.87 -21.41
CA GLU C 58 13.15 8.52 -21.95
C GLU C 58 14.44 8.17 -22.65
N ARG C 59 15.56 8.51 -22.02
CA ARG C 59 16.89 8.23 -22.55
C ARG C 59 17.51 7.03 -21.89
N PHE C 60 16.76 6.43 -20.98
CA PHE C 60 17.24 5.29 -20.23
C PHE C 60 17.55 4.13 -21.18
N ALA C 61 16.51 3.51 -21.71
CA ALA C 61 16.70 2.27 -22.46
C ALA C 61 15.56 2.03 -23.43
N VAL C 62 15.94 1.72 -24.66
CA VAL C 62 15.07 1.07 -25.63
C VAL C 62 15.21 -0.46 -25.57
N ILE C 63 14.11 -1.15 -25.35
CA ILE C 63 14.16 -2.60 -25.30
C ILE C 63 13.32 -3.23 -26.40
N LYS C 64 13.98 -3.95 -27.29
CA LYS C 64 13.32 -4.77 -28.30
C LYS C 64 13.01 -6.11 -27.69
N VAL C 65 11.81 -6.61 -27.96
CA VAL C 65 11.48 -7.98 -27.63
C VAL C 65 10.58 -8.58 -28.70
N GLY C 66 10.97 -9.73 -29.24
CA GLY C 66 10.12 -10.43 -30.18
C GLY C 66 8.80 -10.95 -29.60
N GLY C 67 7.84 -11.19 -30.49
CA GLY C 67 6.55 -11.78 -30.13
C GLY C 67 6.69 -13.17 -29.51
N ALA C 68 7.69 -13.93 -29.94
CA ALA C 68 7.87 -15.28 -29.38
C ALA C 68 8.13 -15.23 -27.86
N VAL C 69 8.71 -14.14 -27.38
CA VAL C 69 8.88 -13.96 -25.93
C VAL C 69 7.55 -13.58 -25.25
N ILE C 70 6.79 -12.65 -25.83
CA ILE C 70 5.50 -12.27 -25.22
C ILE C 70 4.54 -13.47 -25.18
N GLN C 71 4.90 -14.51 -25.90
CA GLN C 71 4.02 -15.67 -26.09
C GLN C 71 4.50 -16.88 -25.26
N ASP C 72 5.79 -16.95 -25.04
CA ASP C 72 6.38 -18.11 -24.37
C ASP C 72 6.88 -17.83 -22.95
N ASP C 73 6.79 -16.57 -22.50
CA ASP C 73 7.42 -16.17 -21.25
C ASP C 73 6.89 -14.80 -20.84
N LEU C 74 5.57 -14.65 -20.84
CA LEU C 74 4.99 -13.32 -20.59
C LEU C 74 5.12 -12.88 -19.13
N PRO C 75 4.84 -13.78 -18.18
CA PRO C 75 5.11 -13.44 -16.78
C PRO C 75 6.53 -12.95 -16.57
N GLY C 76 7.51 -13.73 -17.02
CA GLY C 76 8.91 -13.34 -16.88
C GLY C 76 9.21 -12.00 -17.50
N LEU C 77 8.79 -11.81 -18.75
CA LEU C 77 9.06 -10.56 -19.42
C LEU C 77 8.53 -9.45 -18.53
N ALA C 78 7.24 -9.50 -18.28
CA ALA C 78 6.57 -8.44 -17.52
C ALA C 78 7.27 -8.13 -16.18
N SER C 79 7.75 -9.16 -15.51
CA SER C 79 8.39 -8.95 -14.23
C SER C 79 9.66 -8.13 -14.41
N ALA C 80 10.47 -8.55 -15.38
CA ALA C 80 11.75 -7.92 -15.63
C ALA C 80 11.58 -6.44 -15.90
N LEU C 81 10.65 -6.13 -16.80
CA LEU C 81 10.29 -4.74 -17.08
C LEU C 81 9.75 -4.01 -15.84
N ALA C 82 8.92 -4.69 -15.05
CA ALA C 82 8.32 -4.07 -13.87
C ALA C 82 9.42 -3.70 -12.90
N PHE C 83 10.40 -4.58 -12.76
CA PHE C 83 11.56 -4.32 -11.91
C PHE C 83 12.30 -3.04 -12.31
N LEU C 84 12.70 -2.94 -13.58
CA LEU C 84 13.35 -1.75 -14.06
C LEU C 84 12.63 -0.51 -13.59
N GLN C 85 11.31 -0.50 -13.78
CA GLN C 85 10.61 0.75 -13.58
C GLN C 85 10.36 1.02 -12.10
N THR C 86 10.37 -0.01 -11.26
CA THR C 86 10.18 0.25 -9.83
C THR C 86 11.51 0.63 -9.21
N VAL C 87 12.57 0.56 -10.02
CA VAL C 87 13.90 0.87 -9.52
C VAL C 87 14.44 2.20 -10.10
N GLY C 88 13.55 2.99 -10.67
CA GLY C 88 13.89 4.31 -11.18
C GLY C 88 13.80 4.47 -12.69
N LEU C 89 14.03 3.37 -13.40
CA LEU C 89 14.19 3.45 -14.85
C LEU C 89 12.86 3.48 -15.59
N THR C 90 12.92 3.85 -16.86
CA THR C 90 11.75 4.07 -17.69
C THR C 90 12.01 3.51 -19.08
N PRO C 91 11.93 2.19 -19.22
CA PRO C 91 12.23 1.63 -20.53
C PRO C 91 11.16 1.99 -21.55
N VAL C 92 11.60 2.34 -22.76
CA VAL C 92 10.74 2.38 -23.93
C VAL C 92 10.82 0.99 -24.59
N VAL C 93 9.70 0.26 -24.64
CA VAL C 93 9.71 -1.09 -25.20
C VAL C 93 9.09 -1.14 -26.59
N VAL C 94 9.72 -1.90 -27.48
CA VAL C 94 9.19 -2.07 -28.83
C VAL C 94 9.03 -3.56 -29.08
N HIS C 95 7.87 -3.98 -29.55
CA HIS C 95 7.61 -5.42 -29.66
C HIS C 95 7.08 -5.79 -31.03
N GLY C 96 7.42 -7.00 -31.45
CA GLY C 96 6.83 -7.59 -32.64
C GLY C 96 5.73 -8.56 -32.24
N GLY C 97 5.39 -9.46 -33.15
CA GLY C 97 4.33 -10.42 -32.87
C GLY C 97 4.24 -11.46 -33.97
N GLY C 98 5.40 -11.98 -34.36
CA GLY C 98 5.52 -12.96 -35.42
C GLY C 98 4.67 -14.19 -35.18
N PRO C 99 5.05 -14.98 -34.18
CA PRO C 99 4.22 -16.13 -33.87
C PRO C 99 2.75 -15.72 -33.80
N GLN C 100 2.45 -14.62 -33.12
CA GLN C 100 1.07 -14.16 -33.01
C GLN C 100 0.34 -13.98 -34.35
N LEU C 101 0.95 -13.27 -35.29
CA LEU C 101 0.24 -13.01 -36.53
C LEU C 101 0.42 -14.08 -37.60
N ASP C 102 1.30 -15.04 -37.34
CA ASP C 102 1.35 -16.22 -38.17
C ASP C 102 0.11 -17.08 -37.88
N ALA C 103 -0.17 -17.29 -36.60
CA ALA C 103 -1.36 -18.01 -36.18
C ALA C 103 -2.67 -17.32 -36.61
N ALA C 104 -2.82 -16.05 -36.25
CA ALA C 104 -4.10 -15.36 -36.40
C ALA C 104 -4.45 -15.10 -37.87
N LEU C 105 -3.41 -15.12 -38.68
CA LEU C 105 -3.49 -14.79 -40.08
C LEU C 105 -3.80 -16.04 -40.96
N GLU C 106 -3.36 -17.20 -40.50
CA GLU C 106 -3.68 -18.46 -41.15
C GLU C 106 -5.10 -18.85 -40.77
N ALA C 107 -5.45 -18.53 -39.53
CA ALA C 107 -6.79 -18.78 -39.02
C ALA C 107 -7.86 -17.97 -39.78
N ALA C 108 -7.50 -16.77 -40.23
CA ALA C 108 -8.36 -15.97 -41.09
C ALA C 108 -8.08 -16.20 -42.56
N ASP C 109 -7.48 -17.35 -42.87
CA ASP C 109 -7.27 -17.80 -44.25
C ASP C 109 -6.67 -16.74 -45.17
N ILE C 110 -5.56 -16.15 -44.74
CA ILE C 110 -4.85 -15.15 -45.54
C ILE C 110 -3.39 -15.58 -45.70
N PRO C 111 -2.94 -15.77 -46.96
CA PRO C 111 -1.57 -16.26 -47.12
C PRO C 111 -0.57 -15.12 -46.98
N THR C 112 0.65 -15.45 -46.55
CA THR C 112 1.72 -14.47 -46.39
C THR C 112 2.69 -14.59 -47.56
N GLU C 113 3.13 -13.47 -48.11
CA GLU C 113 4.08 -13.46 -49.22
C GLU C 113 5.37 -12.76 -48.82
N ARG C 114 6.40 -13.55 -48.52
CA ARG C 114 7.70 -12.99 -48.22
C ARG C 114 8.47 -12.77 -49.52
N VAL C 115 8.02 -11.78 -50.29
CA VAL C 115 8.73 -11.33 -51.47
C VAL C 115 9.94 -10.52 -51.02
N ASP C 116 10.83 -10.20 -51.96
CA ASP C 116 12.14 -9.58 -51.67
C ASP C 116 12.14 -8.53 -50.57
N GLY C 117 12.03 -9.00 -49.33
CA GLY C 117 12.02 -8.15 -48.17
C GLY C 117 11.96 -9.03 -46.95
N LEU C 118 10.75 -9.26 -46.45
CA LEU C 118 10.54 -10.10 -45.29
C LEU C 118 9.10 -10.52 -45.19
N ARG C 119 8.26 -9.91 -46.04
CA ARG C 119 6.85 -10.25 -46.11
C ARG C 119 6.01 -9.08 -46.59
N VAL C 120 5.33 -9.26 -47.72
CA VAL C 120 4.36 -8.28 -48.18
C VAL C 120 3.08 -8.35 -47.34
N THR C 121 2.42 -7.21 -47.18
CA THR C 121 1.21 -7.17 -46.39
C THR C 121 0.10 -6.44 -47.15
N ARG C 122 -0.80 -7.20 -47.77
CA ARG C 122 -1.86 -6.62 -48.57
C ARG C 122 -3.05 -6.16 -47.72
N ASP C 123 -3.86 -5.24 -48.25
CA ASP C 123 -5.00 -4.67 -47.54
C ASP C 123 -5.80 -5.65 -46.67
N GLU C 124 -5.99 -6.86 -47.18
CA GLU C 124 -6.80 -7.87 -46.50
C GLU C 124 -6.14 -8.35 -45.21
N ALA C 125 -4.83 -8.17 -45.10
CA ALA C 125 -4.09 -8.61 -43.93
C ALA C 125 -4.08 -7.57 -42.79
N MSE C 126 -4.26 -6.30 -43.13
CA MSE C 126 -4.15 -5.22 -42.15
C MSE C 126 -5.03 -5.37 -40.89
O MSE C 126 -4.51 -5.33 -39.77
CB MSE C 126 -4.38 -3.85 -42.80
CG MSE C 126 -3.12 -3.27 -43.45
SE MSE C 126 -1.60 -2.97 -42.23
CE MSE C 126 -0.34 -4.13 -43.14
N PRO C 127 -6.34 -5.53 -41.06
CA PRO C 127 -7.19 -5.68 -39.88
C PRO C 127 -6.62 -6.71 -38.94
N ILE C 128 -6.13 -7.81 -39.48
CA ILE C 128 -5.58 -8.87 -38.66
C ILE C 128 -4.32 -8.41 -37.96
N ILE C 129 -3.48 -7.73 -38.73
CA ILE C 129 -2.22 -7.23 -38.21
C ILE C 129 -2.45 -6.21 -37.11
N ARG C 130 -3.29 -5.22 -37.40
CA ARG C 130 -3.70 -4.24 -36.41
C ARG C 130 -4.21 -4.87 -35.10
N ASP C 131 -5.14 -5.83 -35.19
CA ASP C 131 -5.71 -6.45 -33.98
C ASP C 131 -4.71 -7.36 -33.25
N THR C 132 -3.93 -8.12 -33.99
CA THR C 132 -2.97 -9.01 -33.36
C THR C 132 -1.88 -8.23 -32.62
N LEU C 133 -1.40 -7.15 -33.23
CA LEU C 133 -0.37 -6.35 -32.59
C LEU C 133 -0.98 -5.56 -31.44
N THR C 134 -2.25 -5.19 -31.58
CA THR C 134 -2.92 -4.48 -30.49
C THR C 134 -3.19 -5.37 -29.29
N GLN C 135 -3.75 -6.57 -29.52
CA GLN C 135 -3.85 -7.60 -28.46
C GLN C 135 -2.55 -7.76 -27.70
N ALA C 136 -1.47 -8.02 -28.43
CA ALA C 136 -0.20 -8.38 -27.81
C ALA C 136 0.35 -7.21 -26.99
N ASN C 137 0.20 -6.01 -27.55
CA ASN C 137 0.48 -4.78 -26.83
C ASN C 137 -0.19 -4.77 -25.47
N LEU C 138 -1.52 -4.92 -25.49
CA LEU C 138 -2.30 -4.85 -24.27
C LEU C 138 -1.93 -5.96 -23.32
N ALA C 139 -1.66 -7.13 -23.84
CA ALA C 139 -1.32 -8.24 -22.97
C ALA C 139 -0.10 -7.82 -22.15
N LEU C 140 0.88 -7.23 -22.82
CA LEU C 140 2.18 -6.98 -22.20
C LEU C 140 2.06 -5.85 -21.19
N VAL C 141 1.29 -4.82 -21.56
CA VAL C 141 0.95 -3.75 -20.64
C VAL C 141 0.27 -4.32 -19.39
N ASP C 142 -0.77 -5.12 -19.60
CA ASP C 142 -1.52 -5.69 -18.49
C ASP C 142 -0.64 -6.56 -17.60
N ALA C 143 0.15 -7.43 -18.20
CA ALA C 143 1.09 -8.26 -17.46
C ALA C 143 2.08 -7.44 -16.59
N ILE C 144 2.62 -6.36 -17.14
CA ILE C 144 3.48 -5.43 -16.39
C ILE C 144 2.77 -4.84 -15.16
N ARG C 145 1.58 -4.29 -15.36
CA ARG C 145 0.78 -3.84 -14.23
C ARG C 145 0.52 -4.95 -13.20
N ASP C 146 0.28 -6.17 -13.67
CA ASP C 146 0.08 -7.31 -12.75
C ASP C 146 1.35 -7.58 -11.96
N ALA C 147 2.51 -7.30 -12.54
CA ALA C 147 3.77 -7.48 -11.82
C ALA C 147 4.07 -6.33 -10.84
N GLY C 148 3.23 -5.31 -10.83
CA GLY C 148 3.44 -4.21 -9.91
C GLY C 148 4.00 -2.99 -10.61
N GLY C 149 4.12 -3.08 -11.93
CA GLY C 149 4.71 -2.00 -12.68
C GLY C 149 3.74 -0.93 -13.15
N ARG C 150 4.23 -0.10 -14.06
CA ARG C 150 3.41 0.95 -14.63
C ARG C 150 3.79 1.00 -16.10
N ALA C 151 2.80 1.04 -16.96
CA ALA C 151 3.04 0.80 -18.38
C ALA C 151 1.98 1.46 -19.17
N ALA C 152 2.34 2.02 -20.31
CA ALA C 152 1.35 2.63 -21.16
C ALA C 152 1.25 1.88 -22.48
N ALA C 153 0.02 1.63 -22.92
CA ALA C 153 -0.22 1.02 -24.21
C ALA C 153 0.00 2.08 -25.28
N VAL C 154 0.98 1.86 -26.16
CA VAL C 154 1.15 2.78 -27.30
C VAL C 154 1.28 2.00 -28.60
N PRO C 155 0.18 1.39 -29.04
CA PRO C 155 0.21 0.60 -30.27
C PRO C 155 0.30 1.49 -31.49
N ARG C 156 -0.17 2.72 -31.38
CA ARG C 156 -0.19 3.66 -32.50
C ARG C 156 0.27 5.06 -32.06
N GLY C 157 0.68 5.88 -33.03
CA GLY C 157 0.91 7.30 -32.82
C GLY C 157 2.34 7.81 -32.79
N VAL C 158 3.31 6.91 -33.00
CA VAL C 158 4.72 7.26 -32.87
C VAL C 158 5.46 7.20 -34.22
N PHE C 159 5.35 6.09 -34.93
CA PHE C 159 5.98 5.99 -36.24
C PHE C 159 5.07 6.57 -37.31
N GLU C 160 5.55 7.63 -37.95
CA GLU C 160 4.94 8.12 -39.17
C GLU C 160 5.81 7.61 -40.29
N ALA C 161 5.20 6.95 -41.26
CA ALA C 161 5.97 6.28 -42.28
C ALA C 161 5.50 6.58 -43.69
N ASP C 162 6.39 6.35 -44.64
CA ASP C 162 6.05 6.40 -46.05
C ASP C 162 5.77 4.98 -46.52
N ILE C 163 4.86 4.88 -47.48
CA ILE C 163 4.41 3.58 -47.94
C ILE C 163 5.15 3.23 -49.22
N VAL C 164 6.48 3.11 -49.14
CA VAL C 164 7.32 3.05 -50.35
C VAL C 164 7.50 1.65 -50.95
N ASP C 165 6.53 1.20 -51.74
CA ASP C 165 6.46 -0.22 -52.09
C ASP C 165 5.09 -0.68 -52.59
N ALA C 166 4.15 0.25 -52.74
CA ALA C 166 2.71 -0.10 -52.79
C ALA C 166 2.40 -1.39 -53.54
N ASP C 167 2.87 -1.50 -54.78
CA ASP C 167 2.61 -2.68 -55.59
C ASP C 167 3.50 -3.87 -55.20
N LYS C 168 4.73 -3.58 -54.81
CA LYS C 168 5.72 -4.62 -54.49
C LYS C 168 5.57 -5.26 -53.10
N LEU C 169 5.32 -4.46 -52.06
CA LEU C 169 5.21 -5.00 -50.71
C LEU C 169 3.94 -4.58 -49.99
N GLY C 170 2.95 -4.14 -50.76
CA GLY C 170 1.70 -3.71 -50.18
C GLY C 170 1.85 -2.59 -49.18
N ARG C 171 1.45 -2.84 -47.94
CA ARG C 171 1.21 -1.78 -46.96
C ARG C 171 2.32 -1.69 -45.87
N VAL C 172 3.55 -2.06 -46.28
CA VAL C 172 4.73 -1.97 -45.44
C VAL C 172 5.29 -0.55 -45.48
N GLY C 173 5.76 -0.03 -44.37
CA GLY C 173 6.22 1.35 -44.34
C GLY C 173 7.60 1.60 -43.78
N GLU C 174 8.21 2.69 -44.26
CA GLU C 174 9.54 3.12 -43.83
C GLU C 174 9.44 4.32 -42.89
N PRO C 175 9.82 4.16 -41.61
CA PRO C 175 9.66 5.25 -40.64
C PRO C 175 10.34 6.56 -41.08
N ARG C 176 9.54 7.57 -41.39
CA ARG C 176 10.07 8.85 -41.87
C ARG C 176 10.13 9.87 -40.75
N HIS C 177 9.34 9.68 -39.70
CA HIS C 177 9.43 10.56 -38.54
C HIS C 177 8.91 9.94 -37.25
N ILE C 178 9.56 10.28 -36.14
CA ILE C 178 9.21 9.75 -34.85
C ILE C 178 8.60 10.82 -33.97
N HIS C 179 7.31 10.66 -33.69
CA HIS C 179 6.59 11.51 -32.75
C HIS C 179 6.74 10.88 -31.38
N LEU C 180 7.45 11.58 -30.50
CA LEU C 180 7.72 11.04 -29.17
C LEU C 180 6.68 11.48 -28.15
N ASP C 181 5.73 12.30 -28.59
CA ASP C 181 4.75 12.87 -27.68
C ASP C 181 4.21 11.88 -26.66
N LEU C 182 3.64 10.78 -27.14
CA LEU C 182 3.11 9.73 -26.25
C LEU C 182 4.19 9.03 -25.42
N VAL C 183 5.41 8.96 -25.93
CA VAL C 183 6.49 8.37 -25.17
C VAL C 183 6.81 9.27 -24.00
N GLY C 184 6.89 10.57 -24.27
CA GLY C 184 7.26 11.55 -23.26
C GLY C 184 6.15 11.66 -22.24
N SER C 185 4.91 11.55 -22.71
CA SER C 185 3.74 11.61 -21.86
C SER C 185 3.72 10.47 -20.84
N ALA C 186 4.10 9.28 -21.29
CA ALA C 186 4.11 8.12 -20.43
C ALA C 186 5.24 8.23 -19.43
N ALA C 187 6.42 8.56 -19.91
CA ALA C 187 7.59 8.67 -19.07
C ALA C 187 7.38 9.64 -17.91
N ARG C 188 6.73 10.76 -18.18
CA ARG C 188 6.46 11.77 -17.16
C ARG C 188 5.60 11.17 -16.07
N ALA C 189 4.60 10.40 -16.49
CA ALA C 189 3.74 9.67 -15.56
C ALA C 189 4.45 8.44 -15.00
N GLY C 190 5.72 8.29 -15.36
CA GLY C 190 6.57 7.23 -14.84
C GLY C 190 6.20 5.84 -15.32
N GLN C 191 5.49 5.76 -16.45
CA GLN C 191 5.12 4.48 -17.06
C GLN C 191 6.15 4.03 -18.09
N ALA C 192 6.33 2.72 -18.19
CA ALA C 192 7.03 2.14 -19.32
C ALA C 192 6.19 2.34 -20.58
N ALA C 193 6.82 2.83 -21.65
CA ALA C 193 6.10 3.04 -22.89
C ALA C 193 6.16 1.76 -23.73
N ILE C 194 5.01 1.13 -23.95
CA ILE C 194 4.95 -0.10 -24.74
C ILE C 194 4.47 0.20 -26.14
N LEU C 195 5.40 0.09 -27.09
CA LEU C 195 5.15 0.46 -28.49
C LEU C 195 5.04 -0.75 -29.42
N ALA C 196 4.02 -0.77 -30.25
CA ALA C 196 3.90 -1.84 -31.24
C ALA C 196 4.38 -1.27 -32.56
N CYS C 197 4.60 -2.11 -33.55
CA CYS C 197 5.20 -1.63 -34.78
C CYS C 197 4.20 -1.28 -35.87
N LEU C 198 3.21 -0.48 -35.49
CA LEU C 198 2.24 0.08 -36.43
C LEU C 198 2.55 1.55 -36.63
N GLY C 199 2.61 1.95 -37.91
CA GLY C 199 2.83 3.32 -38.28
C GLY C 199 1.67 3.85 -39.11
N GLU C 200 1.72 5.15 -39.38
CA GLU C 200 0.64 5.89 -40.01
C GLU C 200 1.32 6.68 -41.11
N THR C 201 0.85 6.60 -42.34
CA THR C 201 1.37 7.50 -43.35
C THR C 201 1.02 8.96 -43.00
N PRO C 202 1.60 9.93 -43.73
CA PRO C 202 1.28 11.35 -43.49
C PRO C 202 -0.19 11.69 -43.73
N ASP C 203 -0.96 10.79 -44.35
CA ASP C 203 -2.37 11.06 -44.61
C ASP C 203 -3.30 10.31 -43.63
N GLY C 204 -2.72 9.52 -42.74
CA GLY C 204 -3.50 8.78 -41.78
C GLY C 204 -3.61 7.29 -42.01
N THR C 205 -3.24 6.83 -43.20
CA THR C 205 -3.26 5.40 -43.53
C THR C 205 -2.37 4.49 -42.66
N LEU C 206 -2.97 3.39 -42.20
CA LEU C 206 -2.30 2.45 -41.32
C LEU C 206 -1.27 1.56 -42.04
N VAL C 207 -0.13 1.33 -41.42
CA VAL C 207 0.99 0.75 -42.12
C VAL C 207 1.80 -0.17 -41.22
N ASN C 208 2.34 -1.22 -41.83
CA ASN C 208 3.10 -2.23 -41.10
C ASN C 208 4.58 -1.90 -41.19
N ILE C 209 5.22 -1.76 -40.04
CA ILE C 209 6.65 -1.48 -39.99
C ILE C 209 7.44 -2.71 -39.53
N ASN C 210 8.53 -3.04 -40.22
CA ASN C 210 9.35 -4.16 -39.79
C ASN C 210 10.11 -3.76 -38.52
N ALA C 211 10.30 -4.70 -37.60
CA ALA C 211 10.82 -4.37 -36.26
C ALA C 211 12.26 -3.84 -36.25
N ASP C 212 13.07 -4.23 -37.22
CA ASP C 212 14.43 -3.72 -37.31
C ASP C 212 14.46 -2.22 -37.56
N VAL C 213 13.90 -1.79 -38.68
CA VAL C 213 13.92 -0.37 -38.97
C VAL C 213 13.19 0.41 -37.88
N ALA C 214 12.12 -0.18 -37.33
CA ALA C 214 11.39 0.51 -36.29
C ALA C 214 12.30 0.80 -35.11
N VAL C 215 13.01 -0.20 -34.63
CA VAL C 215 14.00 0.00 -33.58
C VAL C 215 15.13 1.01 -33.98
N ARG C 216 15.73 0.83 -35.16
CA ARG C 216 16.74 1.78 -35.63
C ARG C 216 16.28 3.23 -35.45
N ALA C 217 15.02 3.51 -35.79
CA ALA C 217 14.50 4.87 -35.87
C ALA C 217 14.24 5.45 -34.49
N LEU C 218 13.72 4.60 -33.62
CA LEU C 218 13.45 5.00 -32.26
C LEU C 218 14.77 5.25 -31.53
N VAL C 219 15.69 4.29 -31.65
CA VAL C 219 17.03 4.44 -31.10
C VAL C 219 17.69 5.74 -31.58
N HIS C 220 17.44 6.12 -32.82
CA HIS C 220 18.02 7.34 -33.37
C HIS C 220 17.37 8.62 -32.85
N ALA C 221 16.09 8.55 -32.48
CA ALA C 221 15.39 9.74 -32.01
C ALA C 221 15.61 9.91 -30.51
N LEU C 222 15.74 8.81 -29.80
CA LEU C 222 15.89 8.87 -28.35
C LEU C 222 17.36 8.91 -27.91
N GLN C 223 18.28 8.49 -28.78
CA GLN C 223 19.68 8.33 -28.41
C GLN C 223 19.88 7.77 -27.00
N PRO C 224 19.35 6.57 -26.75
CA PRO C 224 19.40 6.00 -25.41
C PRO C 224 20.81 5.58 -24.98
N TYR C 225 21.00 5.51 -23.66
CA TYR C 225 22.18 4.99 -23.03
C TYR C 225 22.30 3.49 -23.28
N LYS C 226 21.18 2.78 -23.20
CA LYS C 226 21.15 1.31 -23.31
C LYS C 226 20.18 0.80 -24.38
N VAL C 227 20.64 -0.07 -25.26
CA VAL C 227 19.71 -0.85 -26.05
C VAL C 227 19.74 -2.30 -25.57
N VAL C 228 18.59 -2.95 -25.56
CA VAL C 228 18.48 -4.28 -24.98
C VAL C 228 17.62 -5.16 -25.88
N PHE C 229 18.16 -6.30 -26.27
CA PHE C 229 17.35 -7.26 -27.00
C PHE C 229 17.02 -8.41 -26.08
N LEU C 230 15.73 -8.56 -25.75
CA LEU C 230 15.28 -9.68 -24.94
C LEU C 230 14.92 -10.85 -25.84
N THR C 231 15.71 -11.91 -25.74
CA THR C 231 15.47 -13.14 -26.50
C THR C 231 15.24 -14.28 -25.53
N GLY C 232 14.69 -15.39 -26.00
CA GLY C 232 14.57 -16.59 -25.16
C GLY C 232 15.90 -17.30 -24.94
N THR C 233 16.75 -17.30 -25.97
CA THR C 233 18.08 -17.89 -25.90
C THR C 233 19.00 -17.16 -24.92
N GLY C 234 19.02 -15.83 -24.99
CA GLY C 234 19.71 -15.04 -23.99
C GLY C 234 21.21 -14.77 -24.16
N GLY C 235 21.63 -14.45 -25.38
CA GLY C 235 23.01 -14.10 -25.61
C GLY C 235 23.51 -14.67 -26.92
N LEU C 236 24.57 -14.07 -27.45
CA LEU C 236 25.31 -14.62 -28.59
C LEU C 236 26.28 -15.70 -28.09
N LEU C 237 26.52 -16.70 -28.91
CA LEU C 237 27.39 -17.79 -28.49
C LEU C 237 28.74 -17.69 -29.19
N ASP C 238 29.80 -18.09 -28.48
CA ASP C 238 31.16 -18.04 -29.04
C ASP C 238 31.41 -19.20 -30.01
N GLU C 239 32.66 -19.56 -30.23
CA GLU C 239 32.95 -20.64 -31.16
C GLU C 239 32.64 -22.01 -30.53
N ASP C 240 32.55 -22.04 -29.20
CA ASP C 240 32.47 -23.28 -28.47
C ASP C 240 31.05 -23.61 -28.02
N GLY C 241 30.12 -22.71 -28.31
CA GLY C 241 28.76 -22.87 -27.86
C GLY C 241 28.54 -22.32 -26.46
N ASP C 242 29.48 -21.52 -25.98
CA ASP C 242 29.30 -20.81 -24.73
C ASP C 242 28.79 -19.41 -25.01
N ILE C 243 28.12 -18.81 -24.02
CA ILE C 243 27.73 -17.42 -24.17
C ILE C 243 28.93 -16.50 -24.17
N LEU C 244 29.07 -15.79 -25.28
CA LEU C 244 30.13 -14.80 -25.48
C LEU C 244 29.83 -13.56 -24.66
N SER C 245 30.53 -13.40 -23.54
CA SER C 245 30.22 -12.40 -22.50
C SER C 245 30.13 -10.94 -22.96
N SER C 246 30.98 -10.58 -23.91
CA SER C 246 31.09 -9.20 -24.36
C SER C 246 31.88 -9.06 -25.67
N ILE C 247 31.62 -7.99 -26.40
CA ILE C 247 32.27 -7.72 -27.67
C ILE C 247 32.72 -6.28 -27.69
N ASN C 248 33.98 -6.06 -28.03
CA ASN C 248 34.58 -4.73 -28.15
C ASN C 248 34.79 -4.45 -29.64
N LEU C 249 33.83 -3.74 -30.22
CA LEU C 249 33.69 -3.68 -31.67
C LEU C 249 34.95 -3.10 -32.32
N ALA C 250 35.62 -2.21 -31.59
CA ALA C 250 36.80 -1.54 -32.11
C ALA C 250 37.94 -2.51 -32.38
N THR C 251 37.88 -3.69 -31.76
CA THR C 251 38.94 -4.66 -31.90
C THR C 251 38.40 -5.98 -32.39
N ASP C 252 37.15 -6.28 -32.06
CA ASP C 252 36.65 -7.63 -32.27
C ASP C 252 35.79 -7.75 -33.52
N PHE C 253 35.40 -6.63 -34.10
CA PHE C 253 34.43 -6.68 -35.17
C PHE C 253 34.99 -7.24 -36.49
N GLY C 254 36.14 -6.74 -36.93
CA GLY C 254 36.78 -7.30 -38.11
C GLY C 254 36.93 -8.82 -37.95
N ASP C 255 37.70 -9.23 -36.94
CA ASP C 255 37.86 -10.62 -36.59
C ASP C 255 36.56 -11.44 -36.66
N LEU C 256 35.45 -10.91 -36.14
CA LEU C 256 34.20 -11.67 -36.07
C LEU C 256 33.49 -11.87 -37.42
N MSE C 257 33.74 -10.97 -38.38
CA MSE C 257 33.12 -11.08 -39.70
C MSE C 257 33.93 -11.97 -40.65
O MSE C 257 33.37 -12.72 -41.46
CB MSE C 257 32.91 -9.70 -40.34
CG MSE C 257 32.10 -8.71 -39.50
SE MSE C 257 30.22 -9.14 -39.37
CE MSE C 257 29.68 -8.71 -41.19
N GLN C 258 35.25 -11.87 -40.56
CA GLN C 258 36.17 -12.68 -41.35
C GLN C 258 36.46 -13.98 -40.61
N ALA C 259 35.55 -14.38 -39.73
CA ALA C 259 35.68 -15.64 -39.02
C ALA C 259 34.72 -16.65 -39.59
N ASP C 260 35.26 -17.81 -39.95
CA ASP C 260 34.48 -18.86 -40.57
C ASP C 260 33.41 -19.35 -39.61
N TRP C 261 33.73 -19.37 -38.32
CA TRP C 261 32.85 -19.98 -37.32
C TRP C 261 31.53 -19.26 -37.04
N VAL C 262 31.42 -17.99 -37.45
CA VAL C 262 30.25 -17.20 -37.09
C VAL C 262 29.11 -17.38 -38.09
N ASN C 263 28.04 -18.01 -37.63
CA ASN C 263 26.88 -18.32 -38.48
C ASN C 263 26.27 -17.07 -39.13
N GLY C 264 25.70 -17.26 -40.33
CA GLY C 264 25.11 -16.18 -41.10
C GLY C 264 24.12 -15.26 -40.39
N GLY C 265 23.33 -15.82 -39.48
CA GLY C 265 22.32 -15.06 -38.76
C GLY C 265 22.93 -14.16 -37.70
N MSE C 266 23.89 -14.70 -36.97
CA MSE C 266 24.64 -13.89 -36.01
C MSE C 266 25.46 -12.80 -36.70
O MSE C 266 25.62 -11.70 -36.16
CB MSE C 266 25.55 -14.79 -35.18
CG MSE C 266 26.48 -14.01 -34.30
SE MSE C 266 27.55 -15.20 -33.22
CE MSE C 266 28.86 -13.89 -32.61
N ARG C 267 25.98 -13.09 -37.89
CA ARG C 267 26.63 -12.06 -38.69
C ARG C 267 25.70 -10.86 -38.93
N LEU C 268 24.47 -11.13 -39.34
CA LEU C 268 23.48 -10.06 -39.55
C LEU C 268 23.20 -9.26 -38.28
N LYS C 269 22.93 -9.95 -37.18
CA LYS C 269 22.67 -9.25 -35.90
C LYS C 269 23.86 -8.37 -35.50
N LEU C 270 25.07 -8.85 -35.80
CA LEU C 270 26.30 -8.15 -35.47
C LEU C 270 26.42 -6.86 -36.28
N GLU C 271 26.23 -6.98 -37.59
CA GLU C 271 26.24 -5.80 -38.44
C GLU C 271 25.12 -4.81 -38.10
N GLU C 272 24.03 -5.30 -37.54
CA GLU C 272 22.91 -4.42 -37.20
C GLU C 272 23.21 -3.67 -35.92
N ILE C 273 23.69 -4.38 -34.91
CA ILE C 273 24.12 -3.74 -33.68
C ILE C 273 25.23 -2.71 -33.91
N LYS C 274 26.11 -2.98 -34.86
CA LYS C 274 27.17 -2.04 -35.23
C LYS C 274 26.52 -0.75 -35.74
N ARG C 275 25.68 -0.92 -36.74
CA ARG C 275 24.89 0.18 -37.30
C ARG C 275 24.27 1.03 -36.19
N LEU C 276 23.59 0.39 -35.24
CA LEU C 276 22.95 1.11 -34.13
C LEU C 276 23.94 1.86 -33.27
N LEU C 277 24.95 1.16 -32.79
CA LEU C 277 25.95 1.79 -31.92
C LEU C 277 26.67 2.95 -32.62
N ASP C 278 26.99 2.77 -33.89
CA ASP C 278 27.60 3.85 -34.65
C ASP C 278 26.81 5.15 -34.56
N ASP C 279 25.49 5.05 -34.46
CA ASP C 279 24.67 6.25 -34.44
C ASP C 279 24.31 6.65 -33.00
N LEU C 280 25.21 6.35 -32.06
CA LEU C 280 25.01 6.71 -30.66
C LEU C 280 26.34 7.17 -30.08
N PRO C 281 26.28 7.90 -28.97
CA PRO C 281 27.49 8.33 -28.28
C PRO C 281 28.27 7.13 -27.84
N LEU C 282 29.54 7.34 -27.54
CA LEU C 282 30.44 6.29 -27.07
C LEU C 282 29.95 5.63 -25.77
N SER C 283 29.23 6.39 -24.95
CA SER C 283 28.76 5.86 -23.66
C SER C 283 27.65 4.80 -23.75
N SER C 284 27.00 4.69 -24.92
CA SER C 284 25.92 3.71 -25.08
C SER C 284 26.40 2.26 -25.24
N SER C 285 25.51 1.33 -24.95
CA SER C 285 25.76 -0.08 -25.15
C SER C 285 24.50 -0.85 -25.52
N VAL C 286 24.69 -1.96 -26.22
CA VAL C 286 23.64 -2.96 -26.43
C VAL C 286 23.88 -4.17 -25.52
N SER C 287 22.80 -4.70 -24.95
CA SER C 287 22.85 -5.96 -24.22
C SER C 287 21.94 -6.97 -24.89
N ILE C 288 22.27 -8.24 -24.74
CA ILE C 288 21.40 -9.26 -25.25
C ILE C 288 21.27 -10.31 -24.17
N THR C 289 20.05 -10.47 -23.67
CA THR C 289 19.77 -11.52 -22.69
C THR C 289 18.36 -11.99 -22.79
N ARG C 290 18.00 -12.77 -21.77
CA ARG C 290 16.63 -13.18 -21.54
C ARG C 290 16.12 -12.42 -20.32
N PRO C 291 14.81 -12.20 -20.28
CA PRO C 291 14.20 -11.48 -19.17
C PRO C 291 14.76 -11.85 -17.80
N SER C 292 14.85 -13.13 -17.50
CA SER C 292 15.26 -13.53 -16.16
C SER C 292 16.65 -13.05 -15.77
N GLU C 293 17.46 -12.71 -16.77
CA GLU C 293 18.83 -12.31 -16.55
C GLU C 293 19.03 -10.82 -16.67
N LEU C 294 18.01 -10.12 -17.14
CA LEU C 294 18.11 -8.69 -17.42
C LEU C 294 18.71 -7.90 -16.28
N ALA C 295 18.23 -8.13 -15.06
CA ALA C 295 18.77 -7.37 -13.94
C ALA C 295 20.28 -7.60 -13.74
N ARG C 296 20.72 -8.85 -13.64
CA ARG C 296 22.13 -9.13 -13.41
C ARG C 296 23.03 -8.58 -14.53
N GLU C 297 22.51 -8.56 -15.75
CA GLU C 297 23.27 -8.00 -16.88
C GLU C 297 23.41 -6.48 -16.83
N LEU C 298 22.39 -5.80 -16.30
CA LEU C 298 22.40 -4.35 -16.28
C LEU C 298 23.10 -3.78 -15.06
N PHE C 299 23.08 -4.52 -13.95
CA PHE C 299 23.50 -3.93 -12.68
C PHE C 299 24.68 -4.63 -12.02
N THR C 300 25.31 -5.55 -12.73
CA THR C 300 26.58 -6.10 -12.26
C THR C 300 27.67 -5.93 -13.33
N HIS C 301 28.92 -5.77 -12.89
CA HIS C 301 30.06 -5.69 -13.81
C HIS C 301 30.17 -7.05 -14.49
N ALA C 302 30.02 -8.09 -13.66
CA ALA C 302 29.84 -9.45 -14.11
C ALA C 302 28.98 -9.51 -15.38
N GLY C 303 27.79 -8.94 -15.31
CA GLY C 303 26.80 -9.05 -16.37
C GLY C 303 26.26 -10.46 -16.46
N SER C 304 25.55 -10.71 -17.55
CA SER C 304 25.08 -12.05 -17.91
C SER C 304 24.28 -11.92 -19.20
N GLY C 305 24.81 -12.47 -20.28
CA GLY C 305 24.34 -12.18 -21.60
C GLY C 305 25.50 -11.51 -22.31
N THR C 306 25.31 -11.18 -23.59
CA THR C 306 26.33 -10.53 -24.39
C THR C 306 26.23 -9.01 -24.31
N LEU C 307 27.35 -8.36 -24.02
CA LEU C 307 27.41 -6.90 -23.95
C LEU C 307 28.19 -6.37 -25.12
N ILE C 308 27.63 -5.45 -25.88
CA ILE C 308 28.33 -4.96 -27.06
C ILE C 308 28.54 -3.46 -26.98
N ARG C 309 29.77 -3.04 -27.26
CA ARG C 309 30.14 -1.62 -27.21
C ARG C 309 30.95 -1.26 -28.45
N ARG C 310 30.93 0.02 -28.86
CA ARG C 310 31.85 0.46 -29.91
C ARG C 310 33.30 0.30 -29.43
N GLY C 311 33.57 0.66 -28.18
CA GLY C 311 34.82 0.35 -27.51
C GLY C 311 36.02 1.21 -27.85
N GLU C 312 37.22 0.75 -27.45
CA GLU C 312 38.43 1.51 -27.75
C GLU C 312 39.50 0.66 -28.41
N ARG C 313 40.27 1.30 -29.28
CA ARG C 313 41.41 0.62 -29.89
C ARG C 313 42.34 0.21 -28.75
N MSE C 314 43.36 -0.56 -29.04
CA MSE C 314 44.27 -0.98 -27.99
C MSE C 314 45.68 -1.10 -28.51
O MSE C 314 45.88 -1.72 -29.54
CB MSE C 314 43.83 -2.34 -27.51
CG MSE C 314 44.46 -2.75 -26.22
SE MSE C 314 44.72 -4.61 -26.42
CE MSE C 314 42.98 -5.05 -27.16
N VAL C 315 46.65 -0.53 -27.79
CA VAL C 315 48.06 -0.62 -28.21
C VAL C 315 48.84 -1.87 -27.67
N ALA C 316 49.48 -2.58 -28.60
CA ALA C 316 50.48 -3.61 -28.31
C ALA C 316 51.85 -3.06 -28.66
N THR C 317 52.80 -3.14 -27.73
CA THR C 317 54.16 -2.68 -28.03
C THR C 317 55.22 -3.45 -27.23
N ASP C 318 56.47 -3.40 -27.69
CA ASP C 318 57.57 -3.90 -26.90
C ASP C 318 58.42 -2.77 -26.32
N ASP C 319 58.05 -1.52 -26.63
CA ASP C 319 58.87 -0.36 -26.27
C ASP C 319 58.34 0.37 -25.03
N LYS C 320 59.06 0.26 -23.92
CA LYS C 320 58.67 0.93 -22.68
C LYS C 320 58.56 2.44 -22.89
N SER C 321 59.44 3.00 -23.71
CA SER C 321 59.52 4.46 -23.85
C SER C 321 58.23 5.07 -24.41
N SER C 322 57.46 4.26 -25.13
CA SER C 322 56.24 4.74 -25.74
C SER C 322 55.06 4.47 -24.82
N LEU C 323 55.36 4.22 -23.55
CA LEU C 323 54.32 3.97 -22.60
C LEU C 323 54.27 5.12 -21.58
N ASP C 324 53.06 5.50 -21.19
CA ASP C 324 52.86 6.55 -20.21
C ASP C 324 52.91 5.91 -18.83
N LEU C 325 54.08 5.92 -18.19
CA LEU C 325 54.26 5.20 -16.94
C LEU C 325 53.52 5.80 -15.73
N GLY C 326 53.37 7.11 -15.68
CA GLY C 326 52.64 7.69 -14.57
C GLY C 326 51.16 7.40 -14.75
N ARG C 327 50.76 7.29 -16.00
CA ARG C 327 49.39 6.94 -16.32
C ARG C 327 49.12 5.49 -15.90
N LEU C 328 50.09 4.62 -16.17
CA LEU C 328 50.02 3.20 -15.83
C LEU C 328 50.11 3.00 -14.33
N ASP C 329 51.12 3.61 -13.73
CA ASP C 329 51.29 3.65 -12.29
C ASP C 329 50.00 4.06 -11.57
N ASN C 330 49.22 4.94 -12.17
CA ASN C 330 47.93 5.29 -11.59
C ASN C 330 46.93 4.16 -11.75
N LEU C 331 46.99 3.48 -12.90
CA LEU C 331 46.14 2.33 -13.16
C LEU C 331 46.46 1.20 -12.18
N VAL C 332 47.73 0.89 -12.04
CA VAL C 332 48.14 -0.14 -11.11
C VAL C 332 47.75 0.21 -9.68
N LYS C 333 47.90 1.48 -9.30
CA LYS C 333 47.60 1.90 -7.94
C LYS C 333 46.10 1.77 -7.59
N ALA C 334 45.24 2.12 -8.55
CA ALA C 334 43.79 2.06 -8.38
C ALA C 334 43.23 0.65 -8.48
N ALA C 335 43.86 -0.21 -9.27
CA ALA C 335 43.36 -1.56 -9.47
C ALA C 335 43.58 -2.42 -8.24
N PHE C 336 44.70 -2.21 -7.55
CA PHE C 336 45.06 -3.08 -6.44
C PHE C 336 44.92 -2.45 -5.05
N GLY C 337 45.05 -1.13 -4.97
CA GLY C 337 44.99 -0.45 -3.68
C GLY C 337 46.33 0.14 -3.27
N ARG C 338 47.33 -0.70 -3.06
CA ARG C 338 48.67 -0.19 -2.81
C ARG C 338 49.39 0.08 -4.14
N PRO C 339 50.48 0.85 -4.08
CA PRO C 339 51.23 1.23 -5.28
C PRO C 339 52.43 0.34 -5.57
N ALA C 340 53.04 0.55 -6.73
CA ALA C 340 54.24 -0.16 -7.14
C ALA C 340 55.46 0.26 -6.29
N VAL C 341 56.25 -0.73 -5.88
CA VAL C 341 57.47 -0.47 -5.11
C VAL C 341 58.40 0.51 -5.81
N GLU C 342 59.18 1.25 -5.03
CA GLU C 342 60.07 2.25 -5.59
C GLU C 342 61.07 1.63 -6.56
N GLY C 343 61.28 2.30 -7.68
CA GLY C 343 62.14 1.79 -8.74
C GLY C 343 61.52 0.66 -9.55
N TYR C 344 60.23 0.39 -9.36
CA TYR C 344 59.61 -0.68 -10.12
C TYR C 344 59.56 -0.37 -11.62
N TRP C 345 59.16 0.84 -11.97
CA TRP C 345 58.94 1.17 -13.39
C TRP C 345 60.22 1.47 -14.17
N ASP C 346 61.19 2.11 -13.54
CA ASP C 346 62.42 2.40 -14.28
C ASP C 346 63.36 1.20 -14.38
N ARG C 347 62.90 0.06 -13.82
CA ARG C 347 63.70 -1.15 -13.77
C ARG C 347 63.05 -2.28 -14.54
N LEU C 348 61.73 -2.18 -14.68
CA LEU C 348 60.95 -3.15 -15.43
C LEU C 348 61.53 -3.38 -16.82
N ARG C 349 61.65 -4.64 -17.21
CA ARG C 349 62.27 -4.99 -18.49
C ARG C 349 61.34 -4.89 -19.69
N VAL C 350 60.17 -5.53 -19.63
CA VAL C 350 59.12 -5.42 -20.67
C VAL C 350 59.34 -6.22 -21.93
N ASP C 351 58.65 -7.35 -22.01
CA ASP C 351 58.62 -8.18 -23.21
C ASP C 351 57.53 -7.67 -24.14
N ARG C 352 56.38 -7.38 -23.55
CA ARG C 352 55.22 -6.96 -24.32
C ARG C 352 54.22 -6.24 -23.42
N ALA C 353 53.68 -5.13 -23.91
CA ALA C 353 52.62 -4.44 -23.21
C ALA C 353 51.39 -4.33 -24.07
N PHE C 354 50.24 -4.63 -23.46
CA PHE C 354 48.92 -4.51 -24.10
C PHE C 354 48.08 -3.57 -23.24
N VAL C 355 47.71 -2.44 -23.81
CA VAL C 355 47.11 -1.36 -23.04
C VAL C 355 45.96 -0.79 -23.82
N THR C 356 44.80 -0.79 -23.20
CA THR C 356 43.63 -0.22 -23.81
C THR C 356 43.88 1.28 -23.95
N GLU C 357 43.31 1.89 -24.98
CA GLU C 357 43.60 3.30 -25.32
C GLU C 357 43.45 4.27 -24.14
N SER C 358 42.48 4.02 -23.27
CA SER C 358 42.22 4.90 -22.14
C SER C 358 43.07 4.57 -20.90
N TYR C 359 43.95 3.59 -21.02
CA TYR C 359 44.77 3.21 -19.87
C TYR C 359 43.98 2.71 -18.65
N ARG C 360 42.77 2.20 -18.88
CA ARG C 360 41.96 1.60 -17.81
C ARG C 360 42.03 0.08 -17.73
N ALA C 361 42.93 -0.53 -18.49
CA ALA C 361 43.20 -1.94 -18.41
C ALA C 361 44.48 -2.22 -19.19
N ALA C 362 45.34 -3.06 -18.61
CA ALA C 362 46.64 -3.33 -19.20
C ALA C 362 47.23 -4.66 -18.76
N ALA C 363 47.89 -5.36 -19.70
CA ALA C 363 48.70 -6.55 -19.42
C ALA C 363 50.15 -6.31 -19.84
N ILE C 364 51.07 -6.51 -18.90
CA ILE C 364 52.48 -6.35 -19.17
C ILE C 364 53.22 -7.65 -18.90
N THR C 365 53.96 -8.11 -19.90
CA THR C 365 54.73 -9.30 -19.75
C THR C 365 56.21 -8.95 -19.51
N THR C 366 56.93 -9.89 -18.94
CA THR C 366 58.36 -9.80 -18.77
C THR C 366 58.82 -11.21 -19.05
N ARG C 367 60.08 -11.50 -18.84
CA ARG C 367 60.51 -12.88 -19.12
C ARG C 367 61.18 -13.50 -17.94
N LEU C 368 60.81 -14.73 -17.67
CA LEU C 368 61.27 -15.40 -16.47
C LEU C 368 62.06 -16.60 -16.96
N ASP C 369 63.37 -16.49 -16.88
CA ASP C 369 64.22 -17.59 -17.30
C ASP C 369 63.82 -18.15 -18.66
N GLY C 370 63.38 -17.28 -19.58
CA GLY C 370 63.05 -17.75 -20.92
C GLY C 370 61.56 -17.82 -21.19
N TRP C 371 60.77 -18.07 -20.14
CA TRP C 371 59.31 -18.14 -20.29
C TRP C 371 58.73 -16.74 -20.41
N VAL C 372 57.50 -16.67 -20.93
CA VAL C 372 56.74 -15.43 -20.88
C VAL C 372 55.99 -15.37 -19.54
N TYR C 373 56.14 -14.26 -18.82
CA TYR C 373 55.62 -14.16 -17.47
C TYR C 373 54.76 -12.90 -17.33
N LEU C 374 53.50 -13.06 -16.95
CA LEU C 374 52.58 -11.93 -16.86
C LEU C 374 52.91 -11.18 -15.59
N ASP C 375 53.44 -9.97 -15.72
CA ASP C 375 53.94 -9.31 -14.53
C ASP C 375 52.91 -8.37 -13.94
N LYS C 376 52.06 -7.82 -14.80
CA LYS C 376 50.93 -6.99 -14.39
C LYS C 376 49.69 -7.25 -15.23
N PHE C 377 48.58 -7.46 -14.55
CA PHE C 377 47.31 -7.41 -15.22
C PHE C 377 46.43 -6.54 -14.35
N ALA C 378 46.15 -5.33 -14.82
CA ALA C 378 45.48 -4.36 -14.00
C ALA C 378 44.23 -3.85 -14.71
N VAL C 379 43.08 -4.01 -14.07
CA VAL C 379 41.82 -3.55 -14.65
C VAL C 379 40.93 -2.81 -13.65
N LEU C 380 40.48 -1.62 -14.03
CA LEU C 380 39.60 -0.84 -13.17
C LEU C 380 38.18 -1.42 -13.24
N ASP C 381 37.45 -1.34 -12.13
CA ASP C 381 36.15 -2.00 -12.02
C ASP C 381 35.25 -1.69 -13.21
N ASP C 382 35.28 -0.45 -13.67
CA ASP C 382 34.39 -0.04 -14.74
C ASP C 382 34.77 -0.70 -16.07
N ALA C 383 36.07 -0.77 -16.33
CA ALA C 383 36.60 -1.41 -17.53
C ALA C 383 36.30 -2.91 -17.53
N ARG C 384 36.47 -3.57 -16.38
CA ARG C 384 36.06 -4.97 -16.16
C ARG C 384 34.61 -5.14 -16.65
N GLY C 385 33.74 -4.25 -16.19
CA GLY C 385 32.34 -4.29 -16.58
C GLY C 385 32.07 -3.95 -18.03
N GLU C 386 32.93 -3.14 -18.64
CA GLU C 386 32.79 -2.89 -20.08
C GLU C 386 33.37 -4.04 -20.92
N GLY C 387 34.15 -4.91 -20.28
CA GLY C 387 34.74 -6.05 -20.95
C GLY C 387 36.03 -5.71 -21.66
N LEU C 388 36.78 -4.76 -21.12
CA LEU C 388 38.08 -4.40 -21.66
C LEU C 388 39.17 -5.24 -21.01
N GLY C 389 38.92 -5.69 -19.78
CA GLY C 389 39.84 -6.62 -19.15
C GLY C 389 39.94 -7.87 -20.00
N ARG C 390 38.79 -8.39 -20.41
CA ARG C 390 38.70 -9.53 -21.30
C ARG C 390 39.50 -9.23 -22.56
N THR C 391 39.26 -8.07 -23.13
CA THR C 391 39.88 -7.70 -24.40
C THR C 391 41.42 -7.69 -24.38
N VAL C 392 41.97 -6.95 -23.43
CA VAL C 392 43.40 -6.99 -23.11
C VAL C 392 43.91 -8.43 -22.86
N TRP C 393 43.20 -9.17 -22.01
CA TRP C 393 43.62 -10.53 -21.68
C TRP C 393 43.64 -11.46 -22.89
N ASN C 394 42.66 -11.36 -23.76
CA ASN C 394 42.68 -12.23 -24.93
C ASN C 394 43.81 -11.92 -25.91
N ARG C 395 44.13 -10.64 -26.13
CA ARG C 395 45.16 -10.33 -27.12
C ARG C 395 46.52 -10.69 -26.55
N MSE C 396 46.63 -10.59 -25.24
CA MSE C 396 47.82 -10.99 -24.55
C MSE C 396 48.08 -12.50 -24.67
O MSE C 396 49.16 -12.91 -25.06
CB MSE C 396 47.74 -10.58 -23.08
CG MSE C 396 49.03 -10.80 -22.34
SE MSE C 396 49.11 -12.53 -21.49
CE MSE C 396 47.62 -12.28 -20.24
N VAL C 397 47.10 -13.34 -24.36
CA VAL C 397 47.32 -14.79 -24.47
C VAL C 397 47.49 -15.29 -25.92
N ASP C 398 47.04 -14.51 -26.91
CA ASP C 398 47.27 -14.89 -28.31
C ASP C 398 48.74 -14.74 -28.65
N TYR C 399 49.36 -13.73 -28.04
CA TYR C 399 50.80 -13.54 -28.12
C TYR C 399 51.60 -14.61 -27.37
N ALA C 400 51.19 -14.90 -26.13
CA ALA C 400 51.93 -15.80 -25.25
C ALA C 400 51.19 -17.09 -24.97
N PRO C 401 51.26 -18.04 -25.91
CA PRO C 401 50.56 -19.33 -25.84
C PRO C 401 51.06 -20.15 -24.66
N GLN C 402 52.33 -19.95 -24.30
CA GLN C 402 52.89 -20.46 -23.07
C GLN C 402 53.13 -19.26 -22.18
N LEU C 403 52.57 -19.31 -20.96
CA LEU C 403 52.60 -18.18 -20.06
C LEU C 403 52.60 -18.63 -18.60
N ILE C 404 53.43 -18.00 -17.80
CA ILE C 404 53.48 -18.26 -16.35
C ILE C 404 53.01 -16.97 -15.66
N TRP C 405 52.39 -17.11 -14.50
CA TRP C 405 52.04 -15.95 -13.67
C TRP C 405 51.62 -16.34 -12.26
N ARG C 406 51.60 -15.37 -11.37
CA ARG C 406 51.21 -15.68 -10.01
C ARG C 406 50.16 -14.70 -9.54
N SER C 407 49.70 -14.89 -8.32
CA SER C 407 48.55 -14.13 -7.81
C SER C 407 48.35 -14.47 -6.35
N ARG C 408 47.97 -13.50 -5.55
CA ARG C 408 47.70 -13.80 -4.16
C ARG C 408 46.43 -14.63 -4.02
N THR C 409 46.45 -15.57 -3.08
CA THR C 409 45.33 -16.46 -2.82
C THR C 409 44.03 -15.70 -2.48
N ASN C 410 44.21 -14.48 -1.97
CA ASN C 410 43.11 -13.60 -1.65
C ASN C 410 42.49 -12.97 -2.89
N ASN C 411 43.31 -12.71 -3.90
CA ASN C 411 42.82 -12.06 -5.11
C ASN C 411 41.51 -12.64 -5.65
N PRO C 412 40.43 -11.85 -5.61
CA PRO C 412 39.12 -12.25 -6.13
C PRO C 412 39.18 -12.57 -7.62
N VAL C 413 40.28 -12.22 -8.26
CA VAL C 413 40.45 -12.42 -9.69
C VAL C 413 40.85 -13.88 -9.99
N ASN C 414 41.22 -14.61 -8.93
CA ASN C 414 41.65 -16.01 -9.03
C ASN C 414 40.66 -16.96 -9.69
N GLY C 415 39.38 -16.67 -9.56
CA GLY C 415 38.39 -17.48 -10.22
C GLY C 415 38.59 -17.40 -11.71
N PHE C 416 38.79 -16.19 -12.19
CA PHE C 416 39.01 -15.97 -13.61
C PHE C 416 40.30 -16.65 -14.11
N TYR C 417 41.37 -16.56 -13.31
CA TYR C 417 42.63 -17.13 -13.71
C TYR C 417 42.44 -18.64 -13.78
N PHE C 418 41.72 -19.19 -12.80
CA PHE C 418 41.55 -20.63 -12.83
C PHE C 418 40.81 -21.03 -14.09
N GLU C 419 39.82 -20.25 -14.51
CA GLU C 419 39.13 -20.60 -15.76
C GLU C 419 40.11 -20.55 -16.94
N GLU C 420 41.15 -19.74 -16.81
CA GLU C 420 42.00 -19.42 -17.94
C GLU C 420 43.24 -20.27 -17.96
N CYS C 421 43.53 -20.90 -16.83
CA CYS C 421 44.78 -21.62 -16.68
C CYS C 421 44.79 -23.07 -17.22
N ASP C 422 45.98 -23.58 -17.46
CA ASP C 422 46.14 -24.98 -17.82
C ASP C 422 46.76 -25.76 -16.70
N GLY C 423 47.21 -25.05 -15.67
CA GLY C 423 47.78 -25.68 -14.49
C GLY C 423 47.86 -24.69 -13.35
N ALA C 424 48.00 -25.22 -12.14
CA ALA C 424 48.05 -24.35 -10.97
C ALA C 424 48.67 -25.05 -9.78
N VAL C 425 49.59 -24.37 -9.11
CA VAL C 425 50.15 -24.84 -7.85
C VAL C 425 49.81 -23.82 -6.77
N ARG C 426 49.02 -24.21 -5.78
CA ARG C 426 48.62 -23.29 -4.71
C ARG C 426 49.55 -23.32 -3.51
N ARG C 427 49.77 -22.16 -2.89
CA ARG C 427 50.49 -22.08 -1.63
C ARG C 427 49.72 -21.12 -0.74
N ASP C 428 50.18 -20.96 0.50
CA ASP C 428 49.44 -20.19 1.49
C ASP C 428 49.26 -18.74 1.08
N GLU C 429 50.33 -18.17 0.54
CA GLU C 429 50.35 -16.76 0.19
C GLU C 429 50.12 -16.52 -1.30
N TRP C 430 50.74 -17.35 -2.13
CA TRP C 430 50.71 -17.20 -3.58
C TRP C 430 50.17 -18.45 -4.28
N THR C 431 49.85 -18.28 -5.55
CA THR C 431 49.37 -19.37 -6.39
C THR C 431 49.99 -19.12 -7.75
N VAL C 432 50.77 -20.08 -8.23
CA VAL C 432 51.29 -19.95 -9.58
C VAL C 432 50.34 -20.65 -10.54
N PHE C 433 50.02 -19.97 -11.64
CA PHE C 433 49.20 -20.55 -12.69
C PHE C 433 50.09 -20.66 -13.91
N TRP C 434 49.71 -21.49 -14.86
CA TRP C 434 50.38 -21.47 -16.15
C TRP C 434 49.42 -21.84 -17.24
N ARG C 435 49.74 -21.41 -18.44
CA ARG C 435 48.90 -21.60 -19.59
C ARG C 435 49.79 -22.20 -20.66
N GLY C 436 49.20 -22.88 -21.63
CA GLY C 436 49.99 -23.61 -22.59
C GLY C 436 50.15 -25.02 -22.08
N GLU C 437 49.92 -26.00 -22.93
CA GLU C 437 49.90 -27.37 -22.44
C GLU C 437 51.29 -28.04 -22.37
N MSE C 438 52.14 -27.56 -21.47
CA MSE C 438 53.28 -28.34 -20.97
C MSE C 438 52.93 -29.11 -19.71
O MSE C 438 51.88 -28.88 -19.08
CB MSE C 438 54.54 -27.49 -20.77
CG MSE C 438 54.38 -26.20 -20.00
SE MSE C 438 53.91 -24.65 -21.14
CE MSE C 438 54.73 -23.23 -20.07
N GLY C 439 53.79 -30.05 -19.33
CA GLY C 439 53.51 -30.93 -18.21
C GLY C 439 54.11 -30.43 -16.90
N PRO C 440 53.53 -30.85 -15.76
CA PRO C 440 54.02 -30.51 -14.42
C PRO C 440 55.55 -30.54 -14.21
N VAL C 441 56.28 -31.55 -14.72
CA VAL C 441 57.72 -31.60 -14.42
C VAL C 441 58.51 -30.62 -15.28
N GLU C 442 57.89 -30.13 -16.35
CA GLU C 442 58.55 -29.17 -17.24
C GLU C 442 58.49 -27.69 -16.78
N VAL C 443 57.41 -27.31 -16.09
CA VAL C 443 57.30 -25.99 -15.46
C VAL C 443 57.78 -25.97 -14.01
N ALA C 444 58.06 -27.14 -13.44
CA ALA C 444 58.38 -27.21 -12.02
C ALA C 444 59.43 -26.20 -11.56
N ASP C 445 60.43 -25.95 -12.39
CA ASP C 445 61.53 -25.07 -11.99
C ASP C 445 61.21 -23.59 -12.16
N VAL C 446 60.49 -23.25 -13.23
CA VAL C 446 60.05 -21.87 -13.39
C VAL C 446 58.95 -21.49 -12.39
N VAL C 447 58.18 -22.48 -11.94
CA VAL C 447 57.22 -22.26 -10.86
C VAL C 447 57.96 -21.95 -9.55
N GLU C 448 59.06 -22.64 -9.29
CA GLU C 448 59.85 -22.34 -8.10
C GLU C 448 60.43 -20.94 -8.12
N LYS C 449 60.94 -20.54 -9.28
CA LYS C 449 61.34 -19.15 -9.52
C LYS C 449 60.24 -18.10 -9.32
N ALA C 450 59.05 -18.36 -9.85
CA ALA C 450 57.95 -17.41 -9.74
C ALA C 450 57.52 -17.20 -8.29
N PHE C 451 57.53 -18.28 -7.51
CA PHE C 451 57.24 -18.18 -6.09
C PHE C 451 58.28 -17.30 -5.37
N ALA C 452 59.57 -17.47 -5.71
CA ALA C 452 60.63 -16.75 -5.02
C ALA C 452 60.77 -15.25 -5.36
N LEU C 453 60.07 -14.82 -6.41
CA LEU C 453 60.08 -13.40 -6.81
C LEU C 453 59.70 -12.43 -5.68
N PRO C 454 60.26 -11.22 -5.70
CA PRO C 454 59.95 -10.19 -4.70
C PRO C 454 58.62 -9.49 -4.99
N PRO C 455 57.88 -9.09 -3.94
CA PRO C 455 56.65 -8.34 -4.18
C PRO C 455 56.93 -7.14 -5.09
N THR C 456 56.00 -6.82 -5.98
CA THR C 456 56.15 -5.68 -6.86
C THR C 456 55.24 -4.55 -6.41
N LEU C 457 54.59 -4.75 -5.28
CA LEU C 457 53.71 -3.76 -4.69
C LEU C 457 54.07 -3.61 -3.21
N GLU C 458 53.90 -2.42 -2.64
CA GLU C 458 54.12 -2.26 -1.20
C GLU C 458 52.99 -2.96 -0.45
N ALA C 459 52.92 -2.77 0.87
CA ALA C 459 51.75 -3.18 1.67
C ALA C 459 51.16 -4.55 1.32
N GLN D 30 -8.68 4.80 0.28
CA GLN D 30 -9.90 5.12 -0.46
C GLN D 30 -11.13 4.47 0.15
N THR D 31 -11.00 3.90 1.35
CA THR D 31 -12.15 3.35 2.06
C THR D 31 -13.06 4.45 2.61
N ILE D 32 -13.53 5.30 1.69
CA ILE D 32 -14.43 6.39 2.03
C ILE D 32 -15.87 6.00 1.75
N VAL D 33 -16.45 5.19 2.65
CA VAL D 33 -17.83 4.72 2.50
C VAL D 33 -18.55 4.62 3.85
N GLN D 34 -17.89 4.05 4.85
CA GLN D 34 -18.46 4.01 6.20
C GLN D 34 -18.27 5.37 6.88
N LEU D 35 -17.54 6.26 6.23
CA LEU D 35 -17.29 7.59 6.79
C LEU D 35 -18.42 8.58 6.53
N LEU D 36 -19.25 8.29 5.52
CA LEU D 36 -20.30 9.23 5.14
C LEU D 36 -21.71 8.72 5.46
N SER D 37 -21.80 7.56 6.10
CA SER D 37 -23.09 7.03 6.53
C SER D 37 -23.68 7.83 7.69
N HIS D 38 -23.50 9.15 7.63
CA HIS D 38 -23.94 10.06 8.68
C HIS D 38 -24.80 11.19 8.12
N MSE D 39 -24.47 11.63 6.91
CA MSE D 39 -24.93 12.93 6.40
C MSE D 39 -26.35 12.97 5.80
O MSE D 39 -27.33 12.68 6.50
CB MSE D 39 -23.92 13.50 5.41
CG MSE D 39 -22.48 13.51 5.91
SE MSE D 39 -22.31 13.93 7.81
CE MSE D 39 -23.42 15.53 7.91
N ARG D 40 -26.44 13.36 4.54
CA ARG D 40 -27.72 13.67 3.89
C ARG D 40 -28.02 12.89 2.61
N ASP D 41 -27.39 13.31 1.51
CA ASP D 41 -27.71 12.75 0.20
C ASP D 41 -26.66 11.76 -0.32
N GLY D 42 -25.51 11.74 0.34
CA GLY D 42 -24.40 10.87 -0.06
C GLY D 42 -24.60 9.41 0.27
N LYS D 43 -25.66 9.11 1.02
CA LYS D 43 -26.03 7.73 1.33
C LYS D 43 -26.46 7.02 0.06
N GLU D 44 -26.82 7.81 -0.95
CA GLU D 44 -27.24 7.29 -2.25
C GLU D 44 -26.02 7.15 -3.17
N ILE D 45 -24.95 7.84 -2.80
CA ILE D 45 -23.66 7.65 -3.45
C ILE D 45 -22.89 6.59 -2.68
N ARG D 46 -23.39 6.26 -1.48
CA ARG D 46 -22.81 5.22 -0.64
C ARG D 46 -23.34 3.84 -1.03
N GLU D 47 -24.51 3.85 -1.67
CA GLU D 47 -25.14 2.62 -2.15
C GLU D 47 -24.92 2.42 -3.66
N TYR D 48 -24.05 3.26 -4.21
CA TYR D 48 -23.47 3.00 -5.54
C TYR D 48 -21.94 2.94 -5.48
N LEU D 49 -21.36 3.54 -4.43
CA LEU D 49 -19.94 3.38 -4.14
C LEU D 49 -19.67 2.00 -3.57
N HIS D 50 -20.72 1.40 -3.02
CA HIS D 50 -20.67 0.07 -2.42
C HIS D 50 -21.34 -0.94 -3.34
N ARG D 51 -21.54 -0.54 -4.60
CA ARG D 51 -22.14 -1.40 -5.61
C ARG D 51 -21.44 -1.22 -6.96
N PHE D 60 -18.05 3.73 -16.68
CA PHE D 60 -18.97 4.37 -15.73
C PHE D 60 -19.63 5.65 -16.26
N ALA D 61 -18.83 6.66 -16.60
CA ALA D 61 -19.40 7.94 -17.05
C ALA D 61 -18.88 8.40 -18.41
N VAL D 62 -19.74 8.40 -19.41
CA VAL D 62 -19.29 8.85 -20.71
C VAL D 62 -19.46 10.33 -20.82
N ILE D 63 -18.39 11.04 -21.12
CA ILE D 63 -18.45 12.49 -21.27
C ILE D 63 -18.20 12.91 -22.72
N LYS D 64 -19.18 13.60 -23.28
CA LYS D 64 -18.95 14.27 -24.55
C LYS D 64 -18.54 15.68 -24.22
N VAL D 65 -17.40 16.10 -24.72
CA VAL D 65 -16.98 17.47 -24.53
C VAL D 65 -17.19 18.27 -25.80
N GLY D 66 -18.04 19.30 -25.72
CA GLY D 66 -18.16 20.27 -26.79
C GLY D 66 -16.79 20.93 -26.95
N GLY D 67 -16.10 20.59 -28.05
CA GLY D 67 -14.72 21.03 -28.28
C GLY D 67 -14.48 22.50 -28.05
N ALA D 68 -15.56 23.28 -28.14
CA ALA D 68 -15.51 24.72 -27.87
C ALA D 68 -15.06 25.01 -26.44
N VAL D 69 -14.61 23.99 -25.72
CA VAL D 69 -14.24 24.16 -24.32
C VAL D 69 -12.90 23.53 -23.96
N ILE D 70 -12.29 22.83 -24.91
CA ILE D 70 -10.97 22.28 -24.67
C ILE D 70 -9.95 23.41 -24.63
N GLN D 71 -10.05 24.32 -25.60
CA GLN D 71 -9.19 25.49 -25.64
C GLN D 71 -9.53 26.39 -24.47
N ASP D 72 -10.84 26.55 -24.26
CA ASP D 72 -11.38 27.42 -23.23
C ASP D 72 -10.79 27.18 -21.83
N ASP D 73 -11.22 26.10 -21.18
CA ASP D 73 -10.86 25.90 -19.78
C ASP D 73 -10.32 24.51 -19.48
N LEU D 74 -9.27 24.11 -20.19
CA LEU D 74 -8.62 22.84 -19.92
C LEU D 74 -8.51 22.54 -18.40
N PRO D 75 -7.91 23.46 -17.62
CA PRO D 75 -7.73 23.20 -16.18
C PRO D 75 -9.02 22.88 -15.39
N GLY D 76 -10.12 23.56 -15.70
CA GLY D 76 -11.34 23.39 -14.94
C GLY D 76 -12.09 22.13 -15.33
N LEU D 77 -12.19 21.91 -16.64
CA LEU D 77 -12.71 20.68 -17.19
C LEU D 77 -11.88 19.51 -16.67
N ALA D 78 -10.60 19.76 -16.43
CA ALA D 78 -9.71 18.75 -15.87
C ALA D 78 -9.99 18.48 -14.40
N SER D 79 -10.10 19.55 -13.60
CA SER D 79 -10.49 19.42 -12.20
C SER D 79 -11.77 18.59 -12.02
N ALA D 80 -12.69 18.71 -12.96
CA ALA D 80 -13.95 17.98 -12.92
C ALA D 80 -13.75 16.48 -13.08
N LEU D 81 -13.06 16.10 -14.15
CA LEU D 81 -12.81 14.68 -14.40
C LEU D 81 -11.94 14.04 -13.33
N ALA D 82 -11.14 14.85 -12.64
CA ALA D 82 -10.26 14.27 -11.63
C ALA D 82 -11.08 13.93 -10.39
N PHE D 83 -11.96 14.87 -10.04
CA PHE D 83 -12.87 14.71 -8.91
C PHE D 83 -13.83 13.56 -9.15
N LEU D 84 -14.35 13.51 -10.37
CA LEU D 84 -15.25 12.45 -10.80
C LEU D 84 -14.71 11.07 -10.45
N GLN D 85 -13.38 10.90 -10.53
CA GLN D 85 -12.78 9.60 -10.28
C GLN D 85 -12.75 9.25 -8.79
N THR D 86 -12.41 10.22 -7.95
CA THR D 86 -12.30 9.96 -6.51
C THR D 86 -13.64 9.51 -5.91
N VAL D 87 -14.74 9.97 -6.51
CA VAL D 87 -16.06 9.49 -6.13
C VAL D 87 -16.48 8.27 -6.95
N GLY D 88 -15.48 7.58 -7.51
CA GLY D 88 -15.69 6.25 -8.09
C GLY D 88 -16.35 6.16 -9.46
N LEU D 89 -16.29 7.24 -10.22
CA LEU D 89 -16.71 7.21 -11.61
C LEU D 89 -15.49 7.11 -12.51
N THR D 90 -15.57 6.24 -13.51
CA THR D 90 -14.52 6.15 -14.51
C THR D 90 -14.88 6.94 -15.78
N PRO D 91 -14.43 8.20 -15.86
CA PRO D 91 -14.62 9.04 -17.05
C PRO D 91 -14.12 8.34 -18.33
N VAL D 92 -14.92 8.40 -19.38
CA VAL D 92 -14.53 7.94 -20.70
C VAL D 92 -14.95 9.10 -21.58
N VAL D 93 -13.98 9.92 -21.96
CA VAL D 93 -14.28 11.21 -22.57
C VAL D 93 -14.14 11.19 -24.07
N VAL D 94 -15.07 11.85 -24.74
CA VAL D 94 -15.05 11.94 -26.20
C VAL D 94 -14.99 13.41 -26.59
N HIS D 95 -13.97 13.79 -27.33
CA HIS D 95 -13.83 15.18 -27.69
C HIS D 95 -13.66 15.32 -29.19
N GLY D 96 -14.14 16.45 -29.71
CA GLY D 96 -13.99 16.75 -31.11
C GLY D 96 -13.08 17.94 -31.28
N GLY D 97 -13.29 18.68 -32.36
CA GLY D 97 -12.62 19.95 -32.54
C GLY D 97 -13.55 21.07 -32.08
N GLY D 98 -12.94 22.13 -31.56
CA GLY D 98 -13.69 23.33 -31.21
C GLY D 98 -13.85 24.19 -32.44
N PRO D 99 -14.25 25.44 -32.24
CA PRO D 99 -14.20 26.37 -33.37
C PRO D 99 -12.74 26.50 -33.81
N GLN D 100 -11.84 26.13 -32.89
CA GLN D 100 -10.41 26.21 -33.12
C GLN D 100 -9.99 25.32 -34.30
N LEU D 101 -10.83 24.34 -34.63
CA LEU D 101 -10.55 23.40 -35.73
C LEU D 101 -11.22 23.82 -37.03
N ASP D 102 -12.45 24.31 -36.93
CA ASP D 102 -13.14 24.85 -38.10
C ASP D 102 -12.43 26.12 -38.60
N ALA D 103 -11.83 26.86 -37.69
CA ALA D 103 -11.12 28.09 -38.03
C ALA D 103 -9.71 27.82 -38.57
N ALA D 104 -9.08 26.76 -38.09
CA ALA D 104 -7.80 26.33 -38.62
C ALA D 104 -8.03 25.75 -40.02
N LEU D 105 -9.22 25.21 -40.21
CA LEU D 105 -9.65 24.67 -41.50
C LEU D 105 -10.04 25.79 -42.45
N GLU D 106 -10.93 26.66 -41.97
CA GLU D 106 -11.39 27.84 -42.71
C GLU D 106 -10.41 28.98 -42.55
N ALA D 107 -9.20 28.76 -43.08
CA ALA D 107 -8.09 29.69 -43.01
C ALA D 107 -6.98 29.00 -43.76
N ALA D 108 -7.17 27.70 -43.96
CA ALA D 108 -6.32 26.92 -44.85
C ALA D 108 -7.04 26.80 -46.20
N ASP D 109 -8.14 27.54 -46.33
CA ASP D 109 -8.99 27.57 -47.53
C ASP D 109 -9.66 26.23 -47.80
N ILE D 110 -10.20 25.65 -46.72
CA ILE D 110 -10.80 24.32 -46.76
C ILE D 110 -12.09 24.29 -45.93
N PRO D 111 -13.03 25.23 -46.20
CA PRO D 111 -14.24 25.30 -45.38
C PRO D 111 -15.02 23.99 -45.34
N THR D 112 -15.03 23.30 -44.18
CA THR D 112 -15.68 22.01 -44.07
C THR D 112 -17.20 22.09 -44.15
N GLU D 113 -17.77 23.12 -43.55
CA GLU D 113 -19.22 23.27 -43.53
C GLU D 113 -19.85 22.05 -42.86
N ARG D 114 -21.18 22.02 -42.78
CA ARG D 114 -21.86 20.94 -42.07
C ARG D 114 -22.29 19.80 -42.98
N VAL D 115 -21.88 19.86 -44.24
CA VAL D 115 -22.18 18.82 -45.24
C VAL D 115 -23.67 18.47 -45.38
N ASP D 116 -24.54 19.41 -45.00
CA ASP D 116 -25.99 19.19 -45.10
C ASP D 116 -26.44 17.97 -44.30
N GLY D 117 -25.54 17.45 -43.48
CA GLY D 117 -25.86 16.39 -42.54
C GLY D 117 -25.67 16.92 -41.13
N LEU D 118 -24.65 16.41 -40.43
CA LEU D 118 -24.30 16.96 -39.12
C LEU D 118 -22.90 17.57 -39.13
N ARG D 119 -21.92 16.80 -39.57
CA ARG D 119 -20.55 17.29 -39.62
C ARG D 119 -19.56 16.35 -40.30
N VAL D 120 -18.28 16.72 -40.23
CA VAL D 120 -17.15 15.89 -40.62
C VAL D 120 -17.06 15.53 -42.12
N THR D 121 -16.89 16.56 -42.96
CA THR D 121 -16.73 16.35 -44.39
C THR D 121 -15.45 16.98 -44.94
N ARG D 122 -14.62 16.16 -45.59
CA ARG D 122 -13.43 16.66 -46.28
C ARG D 122 -12.42 15.55 -46.60
N ASP D 123 -11.36 15.92 -47.33
CA ASP D 123 -10.25 15.01 -47.62
C ASP D 123 -8.91 15.71 -47.34
N GLU D 124 -8.74 16.90 -47.90
CA GLU D 124 -7.56 17.73 -47.65
C GLU D 124 -7.35 18.04 -46.17
N ALA D 125 -8.37 17.73 -45.37
CA ALA D 125 -8.45 18.17 -43.99
C ALA D 125 -7.89 17.20 -42.97
N MSE D 126 -7.72 15.94 -43.37
CA MSE D 126 -7.35 14.91 -42.40
C MSE D 126 -6.09 15.24 -41.60
O MSE D 126 -6.08 15.12 -40.38
CB MSE D 126 -7.28 13.50 -43.01
CG MSE D 126 -8.64 12.81 -43.18
SE MSE D 126 -9.97 13.01 -41.73
CE MSE D 126 -8.81 12.92 -40.16
N PRO D 127 -5.01 15.67 -42.28
CA PRO D 127 -3.78 16.04 -41.56
C PRO D 127 -4.03 17.04 -40.42
N ILE D 128 -4.93 17.99 -40.66
CA ILE D 128 -5.20 19.05 -39.72
C ILE D 128 -6.10 18.54 -38.61
N ILE D 129 -7.21 17.93 -39.02
CA ILE D 129 -8.12 17.26 -38.10
C ILE D 129 -7.36 16.29 -37.23
N ARG D 130 -6.48 15.51 -37.86
CA ARG D 130 -5.64 14.56 -37.14
C ARG D 130 -4.84 15.26 -36.04
N ASP D 131 -4.19 16.36 -36.40
CA ASP D 131 -3.24 16.97 -35.48
C ASP D 131 -3.90 17.90 -34.51
N THR D 132 -5.01 18.48 -34.92
CA THR D 132 -5.79 19.32 -34.03
C THR D 132 -6.47 18.47 -32.96
N LEU D 133 -6.91 17.27 -33.34
CA LEU D 133 -7.49 16.39 -32.35
C LEU D 133 -6.41 15.74 -31.50
N THR D 134 -5.31 15.31 -32.13
CA THR D 134 -4.26 14.64 -31.39
C THR D 134 -3.59 15.54 -30.36
N GLN D 135 -3.37 16.80 -30.73
CA GLN D 135 -2.76 17.70 -29.76
C GLN D 135 -3.73 17.97 -28.60
N ALA D 136 -5.00 18.18 -28.93
CA ALA D 136 -6.04 18.44 -27.93
C ALA D 136 -6.18 17.27 -26.95
N ASN D 137 -6.23 16.07 -27.51
CA ASN D 137 -6.24 14.83 -26.74
C ASN D 137 -5.11 14.80 -25.70
N LEU D 138 -3.87 14.99 -26.15
CA LEU D 138 -2.73 14.86 -25.27
C LEU D 138 -2.69 16.00 -24.26
N ALA D 139 -3.32 17.11 -24.62
CA ALA D 139 -3.37 18.28 -23.78
C ALA D 139 -4.20 17.94 -22.56
N LEU D 140 -5.30 17.26 -22.82
CA LEU D 140 -6.21 16.85 -21.78
C LEU D 140 -5.57 15.80 -20.88
N VAL D 141 -5.00 14.75 -21.47
CA VAL D 141 -4.33 13.73 -20.67
C VAL D 141 -3.35 14.36 -19.67
N ASP D 142 -2.65 15.41 -20.09
CA ASP D 142 -1.66 16.04 -19.23
C ASP D 142 -2.36 16.85 -18.14
N ALA D 143 -3.33 17.67 -18.55
CA ALA D 143 -4.09 18.50 -17.61
C ALA D 143 -4.71 17.68 -16.46
N ILE D 144 -5.50 16.66 -16.81
CA ILE D 144 -6.12 15.80 -15.80
C ILE D 144 -5.11 15.32 -14.76
N ARG D 145 -3.94 14.90 -15.23
CA ARG D 145 -2.84 14.51 -14.35
C ARG D 145 -2.37 15.68 -13.51
N ASP D 146 -2.30 16.85 -14.14
CA ASP D 146 -1.83 18.05 -13.49
C ASP D 146 -2.96 18.66 -12.68
N ALA D 147 -3.99 17.86 -12.43
CA ALA D 147 -5.06 18.23 -11.52
C ALA D 147 -5.34 17.05 -10.59
N GLY D 148 -4.40 16.11 -10.54
CA GLY D 148 -4.46 15.00 -9.61
C GLY D 148 -4.95 13.65 -10.11
N GLY D 149 -5.72 13.66 -11.20
CA GLY D 149 -6.32 12.43 -11.72
C GLY D 149 -5.40 11.59 -12.58
N ARG D 150 -5.77 10.33 -12.80
CA ARG D 150 -5.01 9.43 -13.66
C ARG D 150 -5.67 9.35 -15.04
N ALA D 151 -4.86 9.13 -16.07
CA ALA D 151 -5.37 9.23 -17.45
C ALA D 151 -4.64 8.38 -18.47
N ALA D 152 -5.14 8.46 -19.69
CA ALA D 152 -4.71 7.61 -20.79
C ALA D 152 -5.14 8.23 -22.11
N ALA D 153 -4.15 8.50 -22.95
CA ALA D 153 -4.37 9.08 -24.25
C ALA D 153 -4.72 7.99 -25.25
N VAL D 154 -5.93 8.03 -25.77
CA VAL D 154 -6.33 7.08 -26.80
C VAL D 154 -6.74 7.84 -28.06
N PRO D 155 -5.78 8.50 -28.71
CA PRO D 155 -6.11 9.39 -29.83
C PRO D 155 -6.76 8.62 -30.97
N ARG D 156 -6.51 7.32 -31.02
CA ARG D 156 -6.82 6.54 -32.21
C ARG D 156 -6.96 5.05 -31.89
N GLY D 157 -7.82 4.36 -32.62
CA GLY D 157 -7.90 2.92 -32.52
C GLY D 157 -9.12 2.36 -31.85
N VAL D 158 -10.08 3.23 -31.52
CA VAL D 158 -11.35 2.82 -30.93
C VAL D 158 -12.52 2.79 -31.94
N PHE D 159 -12.78 3.91 -32.62
CA PHE D 159 -13.94 3.98 -33.51
C PHE D 159 -13.65 3.46 -34.93
N GLU D 160 -14.58 2.66 -35.45
CA GLU D 160 -14.43 2.12 -36.80
C GLU D 160 -15.39 2.83 -37.77
N ALA D 161 -15.51 2.29 -38.99
CA ALA D 161 -16.41 2.83 -40.03
C ALA D 161 -16.60 1.86 -41.19
N HIS D 177 -19.82 -0.49 -34.29
CA HIS D 177 -18.51 -1.13 -34.31
C HIS D 177 -17.50 -0.38 -33.44
N ILE D 178 -17.24 -0.89 -32.24
CA ILE D 178 -16.28 -0.27 -31.32
C ILE D 178 -15.24 -1.29 -30.85
N HIS D 179 -13.97 -0.89 -30.83
CA HIS D 179 -12.92 -1.67 -30.16
C HIS D 179 -12.68 -1.07 -28.77
N LEU D 180 -13.17 -1.72 -27.72
CA LEU D 180 -13.06 -1.19 -26.36
C LEU D 180 -11.80 -1.63 -25.62
N ASP D 181 -10.97 -2.41 -26.28
CA ASP D 181 -9.74 -2.93 -25.68
C ASP D 181 -8.89 -1.90 -24.94
N LEU D 182 -8.64 -0.75 -25.58
CA LEU D 182 -7.77 0.27 -24.98
C LEU D 182 -8.51 0.93 -23.85
N VAL D 183 -9.82 1.02 -24.01
CA VAL D 183 -10.66 1.60 -22.96
C VAL D 183 -10.62 0.76 -21.70
N GLY D 184 -10.99 -0.51 -21.80
CA GLY D 184 -10.91 -1.41 -20.67
C GLY D 184 -9.51 -1.45 -20.09
N SER D 185 -8.50 -1.40 -20.97
CA SER D 185 -7.11 -1.34 -20.53
C SER D 185 -6.94 -0.18 -19.54
N ALA D 186 -7.47 0.99 -19.88
CA ALA D 186 -7.35 2.15 -19.00
C ALA D 186 -8.24 2.02 -17.75
N ALA D 187 -9.50 1.65 -17.96
CA ALA D 187 -10.42 1.44 -16.85
C ALA D 187 -9.81 0.51 -15.81
N ARG D 188 -9.13 -0.53 -16.28
CA ARG D 188 -8.54 -1.56 -15.43
C ARG D 188 -7.41 -1.04 -14.58
N ALA D 189 -6.84 0.11 -14.95
CA ALA D 189 -5.81 0.75 -14.14
C ALA D 189 -6.32 2.05 -13.54
N GLY D 190 -7.64 2.18 -13.41
CA GLY D 190 -8.24 3.36 -12.81
C GLY D 190 -7.89 4.65 -13.54
N GLN D 191 -7.91 4.58 -14.86
CA GLN D 191 -7.51 5.70 -15.70
C GLN D 191 -8.70 6.26 -16.47
N ALA D 192 -8.76 7.59 -16.56
CA ALA D 192 -9.72 8.20 -17.47
C ALA D 192 -9.27 7.91 -18.90
N ALA D 193 -10.14 7.34 -19.70
CA ALA D 193 -9.82 7.10 -21.09
C ALA D 193 -10.25 8.31 -21.93
N ILE D 194 -9.30 9.18 -22.30
CA ILE D 194 -9.60 10.30 -23.17
C ILE D 194 -9.56 9.86 -24.62
N LEU D 195 -10.71 9.84 -25.28
CA LEU D 195 -10.80 9.35 -26.67
C LEU D 195 -10.99 10.46 -27.68
N ALA D 196 -10.14 10.51 -28.70
CA ALA D 196 -10.30 11.50 -29.76
C ALA D 196 -11.30 10.97 -30.77
N CYS D 197 -11.98 11.89 -31.44
CA CYS D 197 -13.00 11.54 -32.43
C CYS D 197 -12.40 11.21 -33.79
N LEU D 198 -11.33 10.43 -33.79
CA LEU D 198 -10.69 9.98 -35.02
C LEU D 198 -11.01 8.52 -35.22
N GLY D 199 -11.43 8.16 -36.43
CA GLY D 199 -11.87 6.80 -36.69
C GLY D 199 -11.19 6.23 -37.89
N GLU D 200 -11.31 4.92 -38.08
CA GLU D 200 -10.71 4.31 -39.24
C GLU D 200 -11.62 3.25 -39.83
N THR D 201 -11.40 2.99 -41.12
CA THR D 201 -12.07 1.91 -41.80
C THR D 201 -11.40 0.59 -41.40
N PRO D 202 -11.93 -0.54 -41.88
CA PRO D 202 -11.34 -1.86 -41.61
C PRO D 202 -9.88 -1.96 -42.06
N ASP D 203 -9.58 -1.41 -43.24
CA ASP D 203 -8.23 -1.49 -43.79
C ASP D 203 -7.25 -0.52 -43.12
N GLY D 204 -7.77 0.49 -42.44
CA GLY D 204 -6.93 1.40 -41.67
C GLY D 204 -6.90 2.86 -42.09
N THR D 205 -7.65 3.19 -43.14
CA THR D 205 -7.71 4.58 -43.60
C THR D 205 -8.38 5.49 -42.57
N LEU D 206 -7.83 6.70 -42.40
CA LEU D 206 -8.36 7.68 -41.48
C LEU D 206 -9.64 8.32 -42.01
N VAL D 207 -10.70 8.24 -41.22
CA VAL D 207 -11.93 8.95 -41.51
C VAL D 207 -12.38 9.75 -40.28
N ASN D 208 -12.98 10.91 -40.51
CA ASN D 208 -13.51 11.67 -39.39
C ASN D 208 -14.91 11.18 -39.15
N ILE D 209 -15.22 10.93 -37.89
CA ILE D 209 -16.53 10.42 -37.52
C ILE D 209 -17.35 11.44 -36.70
N ASN D 210 -18.66 11.23 -36.67
CA ASN D 210 -19.57 12.12 -35.96
C ASN D 210 -19.63 11.83 -34.45
N ALA D 211 -19.33 12.84 -33.65
CA ALA D 211 -19.29 12.69 -32.19
C ALA D 211 -20.54 12.01 -31.65
N ASP D 212 -21.70 12.35 -32.22
CA ASP D 212 -22.99 11.81 -31.79
C ASP D 212 -23.09 10.31 -31.97
N VAL D 213 -22.56 9.84 -33.10
CA VAL D 213 -22.59 8.42 -33.45
C VAL D 213 -21.56 7.65 -32.65
N ALA D 214 -20.43 8.29 -32.40
CA ALA D 214 -19.41 7.70 -31.56
C ALA D 214 -19.89 7.60 -30.13
N VAL D 215 -20.57 8.64 -29.66
CA VAL D 215 -21.12 8.64 -28.31
C VAL D 215 -22.17 7.54 -28.09
N ARG D 216 -23.08 7.41 -29.05
CA ARG D 216 -24.08 6.35 -29.08
C ARG D 216 -23.44 4.98 -28.96
N ALA D 217 -22.53 4.67 -29.88
CA ALA D 217 -21.88 3.36 -29.91
C ALA D 217 -21.14 3.07 -28.61
N LEU D 218 -20.45 4.07 -28.10
CA LEU D 218 -19.72 3.96 -26.86
C LEU D 218 -20.67 3.71 -25.67
N VAL D 219 -21.80 4.41 -25.65
CA VAL D 219 -22.77 4.24 -24.57
C VAL D 219 -23.47 2.88 -24.67
N HIS D 220 -23.81 2.46 -25.89
CA HIS D 220 -24.34 1.11 -26.08
C HIS D 220 -23.40 0.02 -25.50
N ALA D 221 -22.14 0.03 -25.94
CA ALA D 221 -21.18 -1.01 -25.52
C ALA D 221 -20.80 -0.99 -24.03
N LEU D 222 -20.77 0.18 -23.41
CA LEU D 222 -20.31 0.31 -22.03
C LEU D 222 -21.44 0.27 -20.99
N GLN D 223 -22.66 0.63 -21.42
CA GLN D 223 -23.80 0.70 -20.51
C GLN D 223 -23.53 1.62 -19.31
N PRO D 224 -23.05 2.83 -19.60
CA PRO D 224 -22.61 3.68 -18.50
C PRO D 224 -23.73 4.00 -17.53
N TYR D 225 -23.35 4.20 -16.28
CA TYR D 225 -24.24 4.70 -15.25
C TYR D 225 -24.73 6.12 -15.60
N LYS D 226 -23.78 6.99 -15.92
CA LYS D 226 -24.03 8.39 -16.23
C LYS D 226 -23.48 8.74 -17.62
N VAL D 227 -24.24 9.52 -18.38
CA VAL D 227 -23.78 10.10 -19.62
C VAL D 227 -23.82 11.60 -19.40
N VAL D 228 -22.79 12.31 -19.83
CA VAL D 228 -22.72 13.75 -19.57
C VAL D 228 -22.34 14.48 -20.83
N PHE D 229 -23.15 15.46 -21.22
CA PHE D 229 -22.78 16.35 -22.31
C PHE D 229 -22.33 17.63 -21.68
N LEU D 230 -21.04 17.94 -21.82
CA LEU D 230 -20.53 19.25 -21.39
C LEU D 230 -20.61 20.24 -22.56
N THR D 231 -21.41 21.29 -22.38
CA THR D 231 -21.55 22.37 -23.35
C THR D 231 -21.27 23.71 -22.68
N GLY D 232 -21.09 24.75 -23.50
CA GLY D 232 -20.90 26.09 -22.98
C GLY D 232 -22.21 26.67 -22.45
N THR D 233 -23.31 26.26 -23.08
CA THR D 233 -24.63 26.69 -22.66
C THR D 233 -25.30 25.60 -21.78
N GLY D 234 -24.85 25.51 -20.54
CA GLY D 234 -25.12 24.37 -19.68
C GLY D 234 -26.54 24.15 -19.19
N GLY D 235 -27.39 23.64 -20.08
CA GLY D 235 -28.75 23.27 -19.71
C GLY D 235 -29.76 23.54 -20.81
N LEU D 236 -30.82 22.75 -20.85
CA LEU D 236 -31.92 23.03 -21.76
C LEU D 236 -32.81 24.15 -21.20
N LEU D 237 -33.48 24.88 -22.09
CA LEU D 237 -34.32 25.99 -21.66
C LEU D 237 -35.82 25.65 -21.72
N ASP D 238 -36.57 26.15 -20.74
CA ASP D 238 -38.02 25.91 -20.70
C ASP D 238 -38.79 26.90 -21.58
N GLU D 239 -40.06 27.12 -21.26
CA GLU D 239 -40.93 27.99 -22.03
C GLU D 239 -40.50 29.47 -21.90
N ASP D 240 -40.36 29.92 -20.65
CA ASP D 240 -39.86 31.26 -20.35
C ASP D 240 -38.44 31.48 -20.87
N GLY D 241 -37.72 30.39 -21.11
CA GLY D 241 -36.31 30.47 -21.44
C GLY D 241 -35.46 30.41 -20.19
N ASP D 242 -35.96 29.70 -19.18
CA ASP D 242 -35.20 29.46 -17.96
C ASP D 242 -34.51 28.11 -18.04
N ILE D 243 -33.79 27.75 -16.97
CA ILE D 243 -33.04 26.49 -16.97
C ILE D 243 -33.92 25.33 -16.51
N LEU D 244 -34.29 24.47 -17.46
CA LEU D 244 -35.15 23.33 -17.22
C LEU D 244 -34.40 22.21 -16.50
N SER D 245 -34.60 22.10 -15.19
CA SER D 245 -33.77 21.23 -14.37
C SER D 245 -33.93 19.73 -14.60
N SER D 246 -35.16 19.23 -14.65
CA SER D 246 -35.41 17.78 -14.64
C SER D 246 -36.42 17.29 -15.70
N ILE D 247 -35.95 16.42 -16.59
CA ILE D 247 -36.81 15.83 -17.60
C ILE D 247 -37.04 14.35 -17.30
N ASN D 248 -38.30 13.92 -17.28
CA ASN D 248 -38.64 12.53 -16.98
C ASN D 248 -39.20 11.82 -18.21
N LEU D 249 -38.58 12.04 -19.37
CA LEU D 249 -38.94 11.37 -20.62
C LEU D 249 -40.27 10.64 -20.61
N ALA D 250 -40.28 9.41 -20.09
CA ALA D 250 -41.47 8.58 -20.11
C ALA D 250 -42.56 9.01 -19.13
N THR D 251 -42.55 10.27 -18.70
CA THR D 251 -43.69 10.93 -18.04
C THR D 251 -43.75 12.39 -18.44
N ASP D 252 -43.19 12.70 -19.61
CA ASP D 252 -43.26 14.04 -20.16
C ASP D 252 -42.47 14.17 -21.47
N PHE D 253 -42.41 13.07 -22.21
CA PHE D 253 -41.77 13.06 -23.52
C PHE D 253 -42.85 13.31 -24.57
N GLY D 254 -44.06 12.83 -24.28
CA GLY D 254 -45.21 12.99 -25.14
C GLY D 254 -45.67 14.44 -25.23
N ASP D 255 -45.70 15.11 -24.08
CA ASP D 255 -46.01 16.53 -24.05
C ASP D 255 -44.95 17.30 -24.82
N LEU D 256 -43.70 17.05 -24.47
CA LEU D 256 -42.55 17.80 -24.99
C LEU D 256 -42.41 17.80 -26.52
N MSE D 257 -42.75 16.69 -27.16
CA MSE D 257 -42.63 16.58 -28.60
C MSE D 257 -43.72 17.41 -29.29
O MSE D 257 -43.44 18.20 -30.19
CB MSE D 257 -42.65 15.12 -29.05
CG MSE D 257 -41.35 14.37 -28.72
SE MSE D 257 -39.83 14.96 -29.80
CE MSE D 257 -38.36 14.46 -28.63
N GLN D 258 -44.96 17.23 -28.85
CA GLN D 258 -46.07 18.05 -29.33
C GLN D 258 -45.89 19.56 -29.04
N ALA D 259 -45.33 19.88 -27.88
CA ALA D 259 -45.10 21.26 -27.44
C ALA D 259 -44.64 22.23 -28.55
N ASP D 260 -45.27 23.40 -28.58
CA ASP D 260 -45.00 24.43 -29.59
C ASP D 260 -43.59 25.00 -29.52
N TRP D 261 -43.21 25.43 -28.32
CA TRP D 261 -41.94 26.12 -28.09
C TRP D 261 -40.73 25.22 -28.35
N VAL D 262 -40.95 23.91 -28.43
CA VAL D 262 -39.87 22.95 -28.66
C VAL D 262 -39.44 22.92 -30.13
N ASN D 263 -38.48 23.77 -30.50
CA ASN D 263 -37.99 23.83 -31.87
C ASN D 263 -37.42 22.50 -32.33
N GLY D 264 -37.19 22.38 -33.64
CA GLY D 264 -36.70 21.14 -34.21
C GLY D 264 -35.32 20.71 -33.73
N GLY D 265 -34.54 21.66 -33.22
CA GLY D 265 -33.20 21.40 -32.74
C GLY D 265 -33.18 20.61 -31.44
N MSE D 266 -34.00 21.05 -30.49
CA MSE D 266 -34.21 20.31 -29.25
C MSE D 266 -35.14 19.13 -29.50
O MSE D 266 -35.04 18.09 -28.85
CB MSE D 266 -34.82 21.22 -28.19
CG MSE D 266 -33.83 21.85 -27.23
SE MSE D 266 -34.80 22.79 -25.81
CE MSE D 266 -36.34 21.60 -25.70
N ARG D 267 -36.06 19.31 -30.46
CA ARG D 267 -37.06 18.29 -30.79
C ARG D 267 -36.42 16.94 -31.11
N LEU D 268 -35.27 16.98 -31.77
CA LEU D 268 -34.57 15.75 -32.12
C LEU D 268 -33.32 15.59 -31.26
N LYS D 269 -32.94 16.65 -30.56
CA LYS D 269 -31.88 16.54 -29.56
C LYS D 269 -32.36 15.64 -28.45
N LEU D 270 -33.65 15.70 -28.17
CA LEU D 270 -34.27 14.89 -27.12
C LEU D 270 -34.61 13.49 -27.59
N GLU D 271 -34.98 13.36 -28.87
CA GLU D 271 -35.33 12.09 -29.45
C GLU D 271 -34.10 11.19 -29.45
N GLU D 272 -32.92 11.81 -29.43
CA GLU D 272 -31.65 11.11 -29.39
C GLU D 272 -31.32 10.69 -27.97
N ILE D 273 -31.34 11.65 -27.07
CA ILE D 273 -31.10 11.39 -25.66
C ILE D 273 -31.99 10.26 -25.19
N LYS D 274 -33.17 10.13 -25.78
CA LYS D 274 -34.09 9.05 -25.44
C LYS D 274 -33.50 7.72 -25.90
N ARG D 275 -33.06 7.66 -27.14
CA ARG D 275 -32.43 6.46 -27.67
C ARG D 275 -31.28 6.02 -26.78
N LEU D 276 -30.49 6.98 -26.32
CA LEU D 276 -29.45 6.65 -25.36
C LEU D 276 -30.07 6.06 -24.08
N LEU D 277 -30.98 6.79 -23.45
CA LEU D 277 -31.50 6.37 -22.14
C LEU D 277 -32.29 5.09 -22.23
N ASP D 278 -32.85 4.85 -23.41
CA ASP D 278 -33.65 3.65 -23.67
C ASP D 278 -32.74 2.44 -23.73
N ASP D 279 -31.50 2.67 -24.16
CA ASP D 279 -30.54 1.61 -24.36
C ASP D 279 -29.75 1.33 -23.08
N LEU D 280 -30.23 1.87 -21.97
CA LEU D 280 -29.52 1.73 -20.71
C LEU D 280 -30.48 1.26 -19.63
N PRO D 281 -29.93 0.81 -18.48
CA PRO D 281 -30.77 0.56 -17.32
C PRO D 281 -31.51 1.84 -16.87
N LEU D 282 -32.50 1.67 -16.00
CA LEU D 282 -33.29 2.80 -15.50
C LEU D 282 -32.50 3.66 -14.53
N SER D 283 -31.46 3.07 -13.95
CA SER D 283 -30.58 3.74 -13.01
C SER D 283 -29.71 4.82 -13.68
N SER D 284 -29.66 4.78 -15.00
CA SER D 284 -28.80 5.71 -15.75
C SER D 284 -29.46 7.05 -15.91
N SER D 285 -28.66 8.05 -16.25
CA SER D 285 -29.16 9.40 -16.41
C SER D 285 -28.25 10.18 -17.34
N VAL D 286 -28.80 11.20 -18.00
CA VAL D 286 -28.01 12.04 -18.88
C VAL D 286 -27.98 13.46 -18.36
N SER D 287 -26.83 13.87 -17.85
CA SER D 287 -26.66 15.22 -17.33
C SER D 287 -26.20 16.16 -18.45
N ILE D 288 -26.57 17.44 -18.38
CA ILE D 288 -26.22 18.38 -19.46
C ILE D 288 -25.53 19.70 -19.04
N THR D 289 -25.04 19.79 -17.81
CA THR D 289 -24.38 21.02 -17.34
C THR D 289 -23.18 21.51 -18.16
N ARG D 290 -22.23 22.10 -17.44
CA ARG D 290 -20.97 22.56 -17.99
C ARG D 290 -19.87 22.44 -16.93
N PRO D 291 -18.60 22.42 -17.37
CA PRO D 291 -17.45 22.00 -16.55
C PRO D 291 -17.50 22.46 -15.09
N SER D 292 -17.87 23.73 -14.90
CA SER D 292 -17.85 24.35 -13.58
C SER D 292 -19.16 24.16 -12.84
N GLU D 293 -19.79 23.01 -13.04
CA GLU D 293 -21.04 22.69 -12.37
C GLU D 293 -21.14 21.18 -12.19
N LEU D 294 -20.24 20.45 -12.84
CA LEU D 294 -20.30 19.00 -12.86
C LEU D 294 -20.52 18.38 -11.49
N ALA D 295 -19.69 18.74 -10.52
CA ALA D 295 -19.78 18.20 -9.18
C ALA D 295 -21.23 18.21 -8.67
N ARG D 296 -21.84 19.40 -8.66
CA ARG D 296 -23.16 19.59 -8.07
C ARG D 296 -24.32 18.96 -8.84
N GLU D 297 -24.07 18.52 -10.07
CA GLU D 297 -25.14 18.03 -10.93
C GLU D 297 -25.15 16.50 -11.06
N LEU D 298 -24.17 15.84 -10.47
CA LEU D 298 -24.04 14.40 -10.66
C LEU D 298 -24.80 13.55 -9.64
N PHE D 299 -24.95 14.07 -8.41
CA PHE D 299 -25.75 13.37 -7.42
C PHE D 299 -26.46 14.32 -6.45
N THR D 300 -25.89 15.51 -6.26
CA THR D 300 -26.35 16.38 -5.17
C THR D 300 -27.49 17.35 -5.52
N HIS D 301 -28.03 17.98 -4.48
CA HIS D 301 -29.19 18.87 -4.60
C HIS D 301 -28.77 20.29 -4.95
N ALA D 302 -28.78 20.60 -6.24
CA ALA D 302 -28.46 21.94 -6.72
C ALA D 302 -28.43 21.92 -8.23
N GLY D 303 -27.40 21.30 -8.77
CA GLY D 303 -27.23 21.13 -10.21
C GLY D 303 -28.05 22.08 -11.06
N SER D 304 -27.44 23.22 -11.42
CA SER D 304 -28.10 24.17 -12.30
C SER D 304 -27.92 23.75 -13.76
N GLY D 305 -27.92 22.44 -13.98
CA GLY D 305 -28.00 21.88 -15.32
C GLY D 305 -29.19 20.93 -15.45
N THR D 306 -29.46 20.50 -16.67
CA THR D 306 -30.56 19.57 -16.92
C THR D 306 -30.21 18.11 -16.58
N LEU D 307 -31.21 17.36 -16.11
CA LEU D 307 -31.04 15.97 -15.69
C LEU D 307 -32.14 15.11 -16.27
N ILE D 308 -31.93 14.57 -17.46
CA ILE D 308 -32.90 13.70 -18.12
C ILE D 308 -32.80 12.24 -17.61
N ARG D 309 -33.95 11.64 -17.32
CA ARG D 309 -34.05 10.19 -17.05
C ARG D 309 -35.01 9.54 -18.03
N ARG D 310 -35.09 8.22 -18.01
CA ARG D 310 -36.08 7.54 -18.82
C ARG D 310 -37.42 7.48 -18.09
N GLY D 311 -37.38 7.43 -16.76
CA GLY D 311 -38.60 7.31 -15.97
C GLY D 311 -39.42 6.09 -16.35
N GLU D 312 -40.45 5.78 -15.56
CA GLU D 312 -41.29 4.64 -15.88
C GLU D 312 -42.77 4.99 -15.91
N ARG D 313 -43.54 4.13 -16.57
CA ARG D 313 -44.98 4.28 -16.62
C ARG D 313 -45.53 4.42 -15.21
N MSE D 314 -46.59 5.21 -15.11
CA MSE D 314 -47.14 5.57 -13.83
C MSE D 314 -48.58 5.08 -13.82
O MSE D 314 -49.33 5.34 -14.75
CB MSE D 314 -47.10 7.10 -13.68
CG MSE D 314 -47.86 7.64 -12.49
SE MSE D 314 -46.99 7.30 -10.78
CE MSE D 314 -46.02 8.99 -10.65
N VAL D 315 -48.95 4.33 -12.80
CA VAL D 315 -50.36 3.99 -12.65
C VAL D 315 -51.03 5.00 -11.76
N ALA D 316 -52.05 5.68 -12.31
CA ALA D 316 -52.96 6.47 -11.49
C ALA D 316 -54.35 5.92 -11.72
N THR D 317 -54.88 5.20 -10.72
CA THR D 317 -56.24 4.68 -10.83
C THR D 317 -57.08 4.89 -9.58
N ASP D 318 -58.38 4.64 -9.73
CA ASP D 318 -59.30 4.73 -8.62
C ASP D 318 -59.92 3.38 -8.37
N ASP D 319 -59.39 2.34 -9.02
CA ASP D 319 -59.93 0.99 -8.89
C ASP D 319 -59.00 0.02 -8.15
N LYS D 320 -59.30 -0.21 -6.88
CA LYS D 320 -58.49 -1.07 -6.03
C LYS D 320 -58.21 -2.45 -6.64
N SER D 321 -59.14 -2.97 -7.44
CA SER D 321 -58.98 -4.31 -7.97
C SER D 321 -57.94 -4.37 -9.11
N SER D 322 -57.58 -3.20 -9.62
CA SER D 322 -56.59 -3.11 -10.69
C SER D 322 -55.17 -3.15 -10.13
N LEU D 323 -55.05 -3.12 -8.80
CA LEU D 323 -53.75 -3.07 -8.14
C LEU D 323 -53.31 -4.40 -7.54
N ASP D 324 -52.04 -4.74 -7.70
CA ASP D 324 -51.46 -5.86 -7.01
C ASP D 324 -51.24 -5.49 -5.54
N LEU D 325 -52.11 -6.00 -4.68
CA LEU D 325 -52.11 -5.62 -3.26
C LEU D 325 -51.01 -6.28 -2.45
N GLY D 326 -50.54 -7.41 -2.94
CA GLY D 326 -49.42 -8.07 -2.30
C GLY D 326 -48.11 -7.37 -2.60
N ARG D 327 -47.98 -6.84 -3.82
CA ARG D 327 -46.79 -6.08 -4.17
C ARG D 327 -46.75 -4.78 -3.34
N LEU D 328 -47.90 -4.12 -3.24
CA LEU D 328 -48.04 -2.96 -2.37
C LEU D 328 -47.74 -3.30 -0.90
N ASP D 329 -48.28 -4.42 -0.43
CA ASP D 329 -48.03 -4.86 0.95
C ASP D 329 -46.53 -5.06 1.24
N ASN D 330 -45.81 -5.68 0.30
CA ASN D 330 -44.36 -5.80 0.45
C ASN D 330 -43.63 -4.47 0.35
N LEU D 331 -44.22 -3.54 -0.38
CA LEU D 331 -43.62 -2.24 -0.56
C LEU D 331 -43.67 -1.46 0.75
N VAL D 332 -44.80 -1.57 1.44
CA VAL D 332 -45.00 -0.90 2.71
C VAL D 332 -44.16 -1.52 3.83
N LYS D 333 -44.11 -2.83 3.88
CA LYS D 333 -43.32 -3.51 4.90
C LYS D 333 -41.84 -3.21 4.67
N ALA D 334 -41.42 -3.19 3.40
CA ALA D 334 -40.03 -2.83 3.11
C ALA D 334 -39.73 -1.35 3.35
N ALA D 335 -40.64 -0.47 2.96
CA ALA D 335 -40.41 0.98 3.12
C ALA D 335 -40.42 1.46 4.58
N PHE D 336 -41.39 1.03 5.37
CA PHE D 336 -41.44 1.34 6.78
C PHE D 336 -40.83 0.22 7.59
N GLY D 337 -40.85 0.38 8.90
CA GLY D 337 -40.25 -0.64 9.75
C GLY D 337 -40.99 -1.96 9.57
N ARG D 338 -42.33 -1.87 9.73
CA ARG D 338 -43.19 -3.02 9.95
C ARG D 338 -44.28 -3.16 8.89
N PRO D 339 -45.14 -4.19 9.01
CA PRO D 339 -46.20 -4.40 8.01
C PRO D 339 -47.51 -3.68 8.32
N ALA D 340 -48.41 -3.71 7.34
CA ALA D 340 -49.76 -3.16 7.50
C ALA D 340 -50.48 -3.99 8.56
N VAL D 341 -51.49 -3.41 9.22
CA VAL D 341 -52.28 -4.20 10.18
C VAL D 341 -53.16 -5.21 9.43
N GLU D 342 -53.64 -6.23 10.13
CA GLU D 342 -54.49 -7.21 9.48
C GLU D 342 -55.74 -6.51 8.95
N GLY D 343 -56.06 -6.75 7.69
CA GLY D 343 -57.28 -6.23 7.12
C GLY D 343 -57.14 -4.83 6.56
N TYR D 344 -55.91 -4.31 6.58
CA TYR D 344 -55.71 -2.94 6.10
C TYR D 344 -56.07 -2.78 4.62
N TRP D 345 -55.53 -3.64 3.76
CA TRP D 345 -55.85 -3.61 2.34
C TRP D 345 -57.29 -3.98 2.06
N ASP D 346 -57.80 -4.93 2.84
CA ASP D 346 -59.19 -5.33 2.73
C ASP D 346 -60.16 -4.17 2.97
N ARG D 347 -59.88 -3.35 3.99
CA ARG D 347 -60.79 -2.27 4.37
C ARG D 347 -60.54 -1.02 3.57
N LEU D 348 -59.44 -0.98 2.80
CA LEU D 348 -59.03 0.27 2.14
C LEU D 348 -60.07 0.79 1.15
N ARG D 349 -60.45 2.05 1.31
CA ARG D 349 -61.28 2.71 0.34
C ARG D 349 -60.52 3.77 -0.49
N VAL D 350 -60.03 3.33 -1.66
CA VAL D 350 -59.23 4.15 -2.53
C VAL D 350 -59.95 5.36 -3.12
N ASP D 351 -59.37 6.55 -2.92
CA ASP D 351 -59.70 7.75 -3.67
C ASP D 351 -58.88 7.77 -4.96
N ARG D 352 -57.57 7.99 -4.85
CA ARG D 352 -56.63 7.82 -5.98
C ARG D 352 -55.43 7.00 -5.52
N ALA D 353 -54.98 6.07 -6.36
CA ALA D 353 -53.72 5.39 -6.11
C ALA D 353 -52.70 5.75 -7.19
N PHE D 354 -51.54 6.26 -6.75
CA PHE D 354 -50.47 6.58 -7.69
C PHE D 354 -49.33 5.62 -7.46
N VAL D 355 -49.04 4.80 -8.45
CA VAL D 355 -48.14 3.66 -8.29
C VAL D 355 -47.31 3.47 -9.55
N THR D 356 -46.01 3.62 -9.42
CA THR D 356 -45.14 3.52 -10.57
C THR D 356 -44.98 2.04 -11.00
N GLU D 357 -44.82 1.82 -12.30
CA GLU D 357 -44.80 0.46 -12.86
C GLU D 357 -44.14 -0.61 -11.99
N SER D 358 -42.98 -0.30 -11.43
CA SER D 358 -42.19 -1.26 -10.67
C SER D 358 -42.61 -1.49 -9.20
N TYR D 359 -43.70 -0.84 -8.78
CA TYR D 359 -44.19 -0.96 -7.39
C TYR D 359 -43.08 -0.74 -6.36
N ARG D 360 -42.17 0.19 -6.66
CA ARG D 360 -41.13 0.57 -5.71
C ARG D 360 -41.42 1.92 -5.07
N ALA D 361 -42.54 2.50 -5.49
CA ALA D 361 -42.96 3.81 -5.03
C ALA D 361 -44.45 3.97 -5.26
N ALA D 362 -45.16 4.40 -4.24
CA ALA D 362 -46.60 4.59 -4.36
C ALA D 362 -47.16 5.58 -3.34
N ALA D 363 -48.23 6.25 -3.75
CA ALA D 363 -48.99 7.12 -2.87
C ALA D 363 -50.47 6.78 -3.00
N ILE D 364 -51.06 6.37 -1.90
CA ILE D 364 -52.46 6.02 -1.92
C ILE D 364 -53.24 7.04 -1.15
N THR D 365 -54.20 7.61 -1.84
CA THR D 365 -55.00 8.69 -1.33
C THR D 365 -56.39 8.16 -0.89
N THR D 366 -56.88 8.65 0.23
CA THR D 366 -58.24 8.36 0.61
C THR D 366 -59.02 9.63 0.92
N ARG D 367 -60.23 9.48 1.38
CA ARG D 367 -61.12 10.62 1.51
C ARG D 367 -61.48 10.76 2.98
N LEU D 368 -61.30 11.95 3.55
CA LEU D 368 -61.55 12.15 4.98
C LEU D 368 -62.46 13.35 5.19
N ASP D 369 -63.74 13.05 5.41
CA ASP D 369 -64.78 14.05 5.51
C ASP D 369 -64.78 14.87 4.23
N GLY D 370 -64.40 14.25 3.12
CA GLY D 370 -64.47 14.87 1.81
C GLY D 370 -63.15 15.49 1.39
N TRP D 371 -62.32 15.73 2.41
CA TRP D 371 -60.99 16.23 2.19
C TRP D 371 -60.14 15.09 1.67
N VAL D 372 -59.32 15.34 0.65
CA VAL D 372 -58.33 14.36 0.26
C VAL D 372 -57.32 14.14 1.37
N TYR D 373 -57.07 12.88 1.68
CA TYR D 373 -56.21 12.47 2.77
C TYR D 373 -55.19 11.47 2.22
N LEU D 374 -53.92 11.63 2.58
CA LEU D 374 -52.88 10.73 2.07
C LEU D 374 -52.72 9.61 3.07
N ASP D 375 -53.05 8.40 2.66
CA ASP D 375 -53.10 7.29 3.60
C ASP D 375 -51.81 6.51 3.67
N LYS D 376 -51.04 6.58 2.58
CA LYS D 376 -49.88 5.75 2.38
C LYS D 376 -48.92 6.37 1.36
N PHE D 377 -47.67 6.58 1.78
CA PHE D 377 -46.62 7.03 0.88
C PHE D 377 -45.36 6.23 1.16
N ALA D 378 -44.99 5.39 0.20
CA ALA D 378 -43.96 4.38 0.42
C ALA D 378 -42.98 4.35 -0.74
N VAL D 379 -41.71 4.53 -0.45
CA VAL D 379 -40.65 4.50 -1.46
C VAL D 379 -39.51 3.57 -1.04
N LEU D 380 -39.13 2.61 -1.89
CA LEU D 380 -37.98 1.75 -1.55
C LEU D 380 -36.71 2.59 -1.61
N ASP D 381 -35.72 2.24 -0.79
CA ASP D 381 -34.45 2.98 -0.78
C ASP D 381 -33.84 3.23 -2.18
N ASP D 382 -33.68 2.20 -2.97
CA ASP D 382 -32.95 2.37 -4.23
C ASP D 382 -33.84 2.84 -5.38
N ALA D 383 -34.93 3.51 -5.04
CA ALA D 383 -35.83 4.05 -6.04
C ALA D 383 -35.98 5.54 -5.79
N ARG D 384 -35.65 5.94 -4.57
CA ARG D 384 -35.41 7.34 -4.23
C ARG D 384 -34.10 7.70 -4.94
N GLY D 385 -33.34 6.68 -5.30
CA GLY D 385 -32.10 6.87 -6.02
C GLY D 385 -32.35 7.30 -7.46
N GLU D 386 -33.48 6.90 -8.00
CA GLU D 386 -33.81 7.16 -9.39
C GLU D 386 -35.00 8.10 -9.51
N GLY D 387 -35.20 8.92 -8.47
CA GLY D 387 -36.30 9.90 -8.43
C GLY D 387 -37.75 9.42 -8.34
N LEU D 388 -37.99 8.12 -8.25
CA LEU D 388 -39.36 7.59 -8.25
C LEU D 388 -40.25 8.14 -7.12
N GLY D 389 -39.68 8.30 -5.92
CA GLY D 389 -40.43 8.85 -4.80
C GLY D 389 -40.98 10.21 -5.19
N ARG D 390 -40.15 11.00 -5.85
CA ARG D 390 -40.55 12.33 -6.25
C ARG D 390 -41.58 12.35 -7.37
N THR D 391 -41.40 11.49 -8.36
CA THR D 391 -42.33 11.42 -9.49
C THR D 391 -43.73 11.07 -8.97
N VAL D 392 -43.79 10.16 -7.99
CA VAL D 392 -45.06 9.76 -7.41
C VAL D 392 -45.69 10.88 -6.58
N TRP D 393 -44.93 11.46 -5.65
CA TRP D 393 -45.42 12.57 -4.84
C TRP D 393 -45.92 13.73 -5.69
N ASN D 394 -45.17 14.07 -6.73
CA ASN D 394 -45.51 15.22 -7.56
C ASN D 394 -46.83 15.01 -8.26
N ARG D 395 -46.98 13.83 -8.84
CA ARG D 395 -48.18 13.49 -9.59
C ARG D 395 -49.40 13.48 -8.67
N MSE D 396 -49.17 13.02 -7.45
CA MSE D 396 -50.21 12.96 -6.43
C MSE D 396 -50.68 14.37 -6.06
O MSE D 396 -51.87 14.62 -6.00
CB MSE D 396 -49.71 12.18 -5.22
CG MSE D 396 -50.71 11.97 -4.09
SE MSE D 396 -50.70 13.36 -2.74
CE MSE D 396 -48.79 13.33 -2.23
N VAL D 397 -49.75 15.29 -5.82
CA VAL D 397 -50.14 16.64 -5.39
C VAL D 397 -50.72 17.51 -6.51
N ASP D 398 -50.39 17.18 -7.76
CA ASP D 398 -51.02 17.80 -8.91
C ASP D 398 -52.51 17.47 -8.88
N TYR D 399 -52.80 16.26 -8.41
CA TYR D 399 -54.16 15.78 -8.24
C TYR D 399 -54.85 16.44 -7.04
N ALA D 400 -54.09 16.71 -5.99
CA ALA D 400 -54.67 17.13 -4.71
C ALA D 400 -54.01 18.37 -4.11
N PRO D 401 -54.34 19.54 -4.66
CA PRO D 401 -53.80 20.82 -4.15
C PRO D 401 -54.11 21.03 -2.67
N GLN D 402 -55.19 20.41 -2.20
CA GLN D 402 -55.53 20.49 -0.80
C GLN D 402 -55.35 19.07 -0.34
N LEU D 403 -54.62 18.90 0.75
CA LEU D 403 -54.19 17.57 1.14
C LEU D 403 -53.93 17.55 2.63
N ILE D 404 -54.34 16.47 3.28
CA ILE D 404 -54.05 16.27 4.70
C ILE D 404 -53.26 14.98 4.86
N TRP D 405 -52.40 14.91 5.88
CA TRP D 405 -51.70 13.66 6.19
C TRP D 405 -51.10 13.70 7.57
N ARG D 406 -50.47 12.60 7.96
CA ARG D 406 -49.85 12.56 9.27
C ARG D 406 -48.64 11.65 9.28
N SER D 407 -47.82 11.81 10.30
CA SER D 407 -46.59 11.06 10.35
C SER D 407 -46.20 10.93 11.79
N ARG D 408 -45.51 9.85 12.12
CA ARG D 408 -45.07 9.68 13.49
C ARG D 408 -43.97 10.69 13.65
N THR D 409 -43.91 11.32 14.80
CA THR D 409 -42.99 12.43 14.95
C THR D 409 -41.52 12.06 14.70
N ASN D 410 -41.15 10.80 14.94
CA ASN D 410 -39.76 10.36 14.76
C ASN D 410 -39.48 9.71 13.40
N ASN D 411 -40.46 9.76 12.51
CA ASN D 411 -40.29 9.34 11.13
C ASN D 411 -39.27 10.26 10.43
N PRO D 412 -38.31 9.67 9.70
CA PRO D 412 -37.24 10.41 9.03
C PRO D 412 -37.66 11.18 7.78
N VAL D 413 -38.81 10.85 7.20
CA VAL D 413 -39.39 11.60 6.10
C VAL D 413 -39.96 12.97 6.52
N ASN D 414 -40.06 13.21 7.82
CA ASN D 414 -40.69 14.43 8.28
C ASN D 414 -40.07 15.73 7.71
N GLY D 415 -38.75 15.80 7.62
CA GLY D 415 -38.14 16.98 7.08
C GLY D 415 -38.77 17.29 5.75
N PHE D 416 -38.89 16.26 4.91
CA PHE D 416 -39.50 16.40 3.59
C PHE D 416 -40.94 16.88 3.68
N TYR D 417 -41.70 16.33 4.62
CA TYR D 417 -43.10 16.77 4.83
C TYR D 417 -43.16 18.22 5.25
N PHE D 418 -42.27 18.60 6.16
CA PHE D 418 -42.25 19.97 6.60
C PHE D 418 -41.93 20.86 5.42
N GLU D 419 -41.03 20.39 4.58
CA GLU D 419 -40.59 21.14 3.42
C GLU D 419 -41.75 21.39 2.49
N GLU D 420 -42.64 20.41 2.49
CA GLU D 420 -43.69 20.28 1.50
C GLU D 420 -45.03 20.82 2.00
N CYS D 421 -45.21 20.92 3.31
CA CYS D 421 -46.49 21.31 3.87
C CYS D 421 -46.75 22.82 3.83
N ASP D 422 -48.01 23.22 4.00
CA ASP D 422 -48.33 24.62 4.18
C ASP D 422 -48.70 24.90 5.61
N GLY D 423 -48.81 23.85 6.41
CA GLY D 423 -49.13 24.01 7.81
C GLY D 423 -48.96 22.67 8.50
N ALA D 424 -48.88 22.68 9.82
CA ALA D 424 -48.65 21.47 10.59
C ALA D 424 -48.97 21.68 12.07
N VAL D 425 -49.65 20.70 12.65
CA VAL D 425 -49.87 20.68 14.08
C VAL D 425 -49.11 19.50 14.63
N ARG D 426 -48.24 19.76 15.58
CA ARG D 426 -47.40 18.71 16.16
C ARG D 426 -47.97 18.22 17.50
N ARG D 427 -47.90 16.90 17.72
CA ARG D 427 -48.22 16.33 19.01
C ARG D 427 -47.18 15.26 19.33
N ASP D 428 -47.25 14.68 20.52
CA ASP D 428 -46.14 13.87 21.03
C ASP D 428 -45.77 12.69 20.12
N GLU D 429 -46.78 11.98 19.63
CA GLU D 429 -46.53 10.82 18.79
C GLU D 429 -46.71 11.12 17.31
N TRP D 430 -47.59 12.07 17.03
CA TRP D 430 -48.03 12.32 15.67
C TRP D 430 -48.07 13.80 15.33
N THR D 431 -47.74 14.07 14.06
CA THR D 431 -47.88 15.39 13.47
C THR D 431 -48.83 15.30 12.28
N VAL D 432 -49.82 16.17 12.22
CA VAL D 432 -50.67 16.29 11.04
C VAL D 432 -50.21 17.47 10.15
N PHE D 433 -50.03 17.21 8.85
CA PHE D 433 -49.62 18.24 7.91
C PHE D 433 -50.74 18.56 6.91
N TRP D 434 -50.85 19.82 6.46
CA TRP D 434 -51.64 20.07 5.27
C TRP D 434 -50.95 20.90 4.18
N ARG D 435 -51.47 20.79 2.95
CA ARG D 435 -51.20 21.76 1.88
C ARG D 435 -52.54 22.28 1.36
N GLY D 436 -52.48 23.42 0.70
CA GLY D 436 -53.67 24.09 0.21
C GLY D 436 -54.12 25.08 1.25
N GLU D 437 -54.96 26.05 0.85
CA GLU D 437 -55.40 27.08 1.78
C GLU D 437 -56.66 26.66 2.51
N MSE D 438 -56.70 26.88 3.81
CA MSE D 438 -57.98 26.80 4.50
C MSE D 438 -58.10 27.44 5.88
O MSE D 438 -57.12 27.73 6.55
CB MSE D 438 -58.50 25.37 4.53
CG MSE D 438 -57.59 24.39 5.20
SE MSE D 438 -58.09 22.63 4.56
CE MSE D 438 -57.41 22.87 2.73
N GLY D 439 -59.36 27.67 6.28
CA GLY D 439 -59.68 28.36 7.51
C GLY D 439 -59.34 27.65 8.80
N PRO D 440 -58.93 28.42 9.83
CA PRO D 440 -58.57 27.92 11.15
C PRO D 440 -59.62 26.93 11.64
N VAL D 441 -60.85 27.24 11.28
CA VAL D 441 -62.01 26.50 11.70
C VAL D 441 -61.97 25.12 11.07
N GLU D 442 -62.07 25.10 9.75
CA GLU D 442 -61.95 23.86 9.01
C GLU D 442 -60.78 23.04 9.55
N VAL D 443 -59.55 23.52 9.32
CA VAL D 443 -58.37 22.69 9.60
C VAL D 443 -58.40 22.12 11.01
N ALA D 444 -58.77 22.95 11.97
CA ALA D 444 -58.87 22.49 13.35
C ALA D 444 -59.60 21.15 13.39
N ASP D 445 -60.76 21.10 12.75
CA ASP D 445 -61.64 19.94 12.81
C ASP D 445 -61.07 18.72 12.11
N VAL D 446 -60.61 18.91 10.87
CA VAL D 446 -60.02 17.84 10.09
C VAL D 446 -58.70 17.31 10.70
N VAL D 447 -57.89 18.21 11.25
CA VAL D 447 -56.70 17.83 12.01
C VAL D 447 -57.03 16.96 13.24
N GLU D 448 -58.22 17.17 13.81
CA GLU D 448 -58.65 16.44 14.99
C GLU D 448 -59.00 15.01 14.63
N LYS D 449 -59.67 14.85 13.48
CA LYS D 449 -60.03 13.55 12.94
C LYS D 449 -58.80 12.77 12.51
N ALA D 450 -57.80 13.48 12.01
CA ALA D 450 -56.60 12.82 11.49
C ALA D 450 -55.84 12.19 12.63
N PHE D 451 -55.82 12.90 13.75
CA PHE D 451 -55.13 12.42 14.93
C PHE D 451 -55.89 11.24 15.52
N ALA D 452 -57.17 11.13 15.20
CA ALA D 452 -57.99 10.07 15.81
C ALA D 452 -58.03 8.83 14.94
N LEU D 453 -57.50 8.92 13.75
CA LEU D 453 -57.42 7.74 12.91
C LEU D 453 -56.56 6.63 13.55
N PRO D 454 -57.12 5.40 13.60
CA PRO D 454 -56.45 4.23 14.18
C PRO D 454 -55.28 3.84 13.29
N PRO D 455 -54.16 3.43 13.92
CA PRO D 455 -52.90 3.05 13.24
C PRO D 455 -53.12 2.10 12.09
N THR D 456 -52.36 2.26 11.01
CA THR D 456 -52.46 1.34 9.88
C THR D 456 -51.28 0.38 9.78
N LEU D 457 -50.26 0.59 10.61
CA LEU D 457 -49.13 -0.35 10.73
C LEU D 457 -48.98 -0.79 12.17
N GLU D 458 -48.35 -1.94 12.38
CA GLU D 458 -48.17 -2.45 13.73
C GLU D 458 -46.88 -1.90 14.33
N ALA D 459 -46.49 -2.46 15.48
CA ALA D 459 -45.11 -2.37 16.00
C ALA D 459 -44.62 -0.94 16.35
N PRO D 460 -43.33 -0.83 16.75
CA PRO D 460 -42.72 0.48 16.99
C PRO D 460 -43.01 1.47 15.86
C1 MLI E . 41.70 -26.70 -20.92
C2 MLI E . 42.54 -26.26 -22.09
C3 MLI E . 40.90 -25.70 -20.13
O6 MLI E . 42.01 -25.92 -23.19
O7 MLI E . 43.78 -26.42 -22.03
O8 MLI E . 41.48 -24.94 -19.31
O9 MLI E . 39.63 -25.71 -20.20
C1 EDO F . 33.24 -36.38 -7.68
O1 EDO F . 32.73 -37.57 -8.27
C2 EDO F . 34.76 -36.36 -7.78
O2 EDO F . 35.20 -35.07 -8.25
S SO4 G . 8.65 -10.36 -34.42
O1 SO4 G . 7.60 -9.53 -35.02
O2 SO4 G . 8.98 -11.46 -35.32
O3 SO4 G . 9.86 -9.54 -34.21
O4 SO4 G . 8.22 -10.92 -33.15
N1A COA H . -43.33 27.04 -7.27
C2A COA H . -43.09 26.13 -6.20
N3A COA H . -43.96 26.16 -5.02
C4A COA H . -45.01 27.09 -4.96
C5A COA H . -45.26 28.01 -6.04
C6A COA H . -44.41 27.98 -7.19
N6A COA H . -44.67 28.93 -8.28
N7A COA H . -46.43 28.86 -5.68
C8A COA H . -46.87 28.46 -4.42
N9A COA H . -45.99 27.34 -3.96
C1B COA H . -46.08 26.63 -2.69
C2B COA H . -44.90 26.80 -1.64
O2B COA H . -43.84 25.91 -1.68
C3B COA H . -45.61 27.20 -0.32
O3B COA H . -45.38 26.54 0.89
P3B COA H . -43.97 26.40 1.59
O7A COA H . -44.06 25.25 2.63
O8A COA H . -42.81 26.10 0.58
O9A COA H . -43.67 27.66 2.33
C4B COA H . -47.09 27.36 -0.75
O4B COA H . -47.27 26.42 -1.86
C5B COA H . -47.75 28.76 -0.81
O5B COA H . -49.13 28.83 -0.81
P1A COA H . -49.98 28.66 0.53
O1A COA H . -49.08 27.98 1.63
O2A COA H . -51.19 27.79 0.24
O3A COA H . -50.48 30.07 1.05
P2A COA H . -51.61 30.24 2.15
O4A COA H . -52.09 31.72 2.17
O5A COA H . -52.76 29.37 1.79
O6A COA H . -51.06 29.84 3.61
CBP COA H . -52.37 28.32 5.18
CCP COA H . -51.93 29.73 4.72
CDP COA H . -51.26 27.71 5.99
CEP COA H . -52.62 27.42 3.97
CAP COA H . -53.69 28.33 6.04
OAP COA H . -53.90 27.06 6.61
C9P COA H . -54.01 29.47 7.00
O9P COA H . -54.03 29.31 8.23
N8P COA H . -54.70 30.66 6.41
C7P COA H . -55.96 31.15 6.88
C6P COA H . -56.82 31.90 5.90
C5P COA H . -57.10 33.30 6.39
O5P COA H . -57.52 34.13 5.62
N4P COA H . -56.69 33.69 7.74
C3P COA H . -56.97 35.02 8.33
C2P COA H . -57.67 35.06 9.65
S1P COA H . -59.20 34.23 9.80
C1 MLI I . -48.82 4.37 10.03
C2 MLI I . -48.12 4.20 11.34
C3 MLI I . -49.91 5.39 9.91
O6 MLI I . -46.94 4.60 11.48
O7 MLI I . -48.71 3.57 12.27
O8 MLI I . -51.07 5.08 10.28
O9 MLI I . -49.68 6.53 9.40
C1 EDO J . -48.35 9.47 5.40
O1 EDO J . -47.70 8.84 6.51
C2 EDO J . -47.80 8.88 4.11
O2 EDO J . -47.56 7.47 4.28
#